data_2GWS
#
_entry.id   2GWS
#
_cell.length_a   192.374
_cell.length_b   98.268
_cell.length_c   104.960
_cell.angle_alpha   90.00
_cell.angle_beta   90.00
_cell.angle_gamma   90.00
#
_symmetry.space_group_name_H-M   'P 21 21 2'
#
loop_
_entity.id
_entity.type
_entity.pdbx_description
1 polymer "5'-D(*CP*GP*GP*CP*AP*GP*CP*GP*CP*AP*C)-3'"
2 polymer "5'-D(*GP*TP*GP*CP*GP*G)-3'"
3 polymer "5'-D(P*GP*CP*CP*G)-3'"
4 polymer 'DNA polymerase lambda'
5 non-polymer 'SODIUM ION'
6 non-polymer 'CACODYLATE ION'
7 non-polymer 'MAGNESIUM ION'
8 non-polymer 1,2-ETHANEDIOL
9 non-polymer 'CHLORIDE ION'
10 water water
#
loop_
_entity_poly.entity_id
_entity_poly.type
_entity_poly.pdbx_seq_one_letter_code
_entity_poly.pdbx_strand_id
1 'polydeoxyribonucleotide' (DC)(DG)(DG)(DC)(DA)(DG)(DC)(DG)(DC)(DA)(DC) T,F,J,N
2 'polydeoxyribonucleotide' (DG)(DT)(DG)(DC)(DG)(DG) P,G,K,R
3 'polydeoxyribonucleotide' (DG)(DC)(DC)(DG) D,H,L,Q
4 'polypeptide(L)'
;MAQPSSQKATNHNLHITEKLEVLAKAYSVQGDKWRALGYAKAINALKSFHKPVTSYQEACSIPGIGKRMAEKIIEILESG
HLRKLDHISESVPVLELFSNIWGAGTKTAQMWYQQGFRSLEDIRSQASLTTQQAIGLKHYSDFLERMPREEATEIEQTVQ
KAAQAFNSGLLCVACGSYRRGKATCGDVDVLITHPDGRSHRGIFSRLLDSLRQEGFLTDDLVSQEENGQQQKYLGVCRLP
GPGRRHRRLDIIVVPYSEFACALLYFTGSAHFNRSMRALAKTKGMSLSEHALSTAVVRNTHGCKVGPGRVLPTPTEKDVF
RLLGLPYREPAERDW
;
A,E,I,M
#
# COMPACT_ATOMS: atom_id res chain seq x y z
N ALA M 9 35.85 -24.66 10.30
CA ALA M 9 35.97 -24.48 11.78
C ALA M 9 34.67 -24.85 12.49
N THR M 10 34.64 -26.03 13.10
CA THR M 10 33.46 -26.51 13.82
C THR M 10 32.86 -25.47 14.76
N ASN M 11 31.53 -25.48 14.85
CA ASN M 11 30.80 -24.56 15.72
C ASN M 11 30.68 -25.19 17.10
N HIS M 12 31.25 -24.55 18.10
CA HIS M 12 31.18 -25.10 19.45
C HIS M 12 30.00 -24.52 20.21
N ASN M 13 29.14 -23.82 19.49
CA ASN M 13 27.96 -23.20 20.09
C ASN M 13 26.73 -23.37 19.18
N LEU M 14 26.55 -24.58 18.67
CA LEU M 14 25.46 -24.88 17.77
C LEU M 14 24.08 -24.75 18.39
N HIS M 15 23.89 -25.34 19.57
CA HIS M 15 22.60 -25.26 20.23
C HIS M 15 22.22 -23.80 20.49
N ILE M 16 23.22 -22.93 20.47
CA ILE M 16 23.01 -21.50 20.69
C ILE M 16 22.71 -20.81 19.36
N THR M 17 23.66 -20.87 18.44
CA THR M 17 23.47 -20.27 17.13
C THR M 17 22.16 -20.70 16.48
N GLU M 18 21.80 -21.97 16.66
CA GLU M 18 20.56 -22.48 16.09
C GLU M 18 19.40 -21.66 16.58
N LYS M 19 19.24 -21.60 17.90
CA LYS M 19 18.15 -20.83 18.46
C LYS M 19 18.26 -19.38 18.01
N LEU M 20 19.47 -18.82 18.01
CA LEU M 20 19.65 -17.44 17.60
C LEU M 20 19.24 -17.21 16.15
N GLU M 21 19.46 -18.20 15.29
CA GLU M 21 19.08 -18.06 13.89
C GLU M 21 17.57 -18.00 13.73
N VAL M 22 16.84 -18.74 14.55
CA VAL M 22 15.38 -18.74 14.48
C VAL M 22 14.83 -17.36 14.80
N LEU M 23 15.34 -16.75 15.87
CA LEU M 23 14.88 -15.43 16.26
C LEU M 23 15.24 -14.40 15.18
N ALA M 24 16.43 -14.54 14.60
CA ALA M 24 16.89 -13.62 13.57
C ALA M 24 15.91 -13.59 12.39
N LYS M 25 15.75 -14.75 11.75
CA LYS M 25 14.86 -14.91 10.61
C LYS M 25 13.51 -14.26 10.91
N ALA M 26 13.02 -14.46 12.14
CA ALA M 26 11.75 -13.90 12.55
C ALA M 26 11.72 -12.37 12.44
N TYR M 27 12.76 -11.71 12.95
CA TYR M 27 12.80 -10.26 12.86
C TYR M 27 12.85 -9.89 11.40
N SER M 28 13.71 -10.56 10.67
CA SER M 28 13.87 -10.30 9.25
C SER M 28 12.57 -10.30 8.46
N VAL M 29 11.80 -11.37 8.54
CA VAL M 29 10.55 -11.43 7.78
C VAL M 29 9.50 -10.47 8.29
N GLN M 30 9.77 -9.82 9.41
CA GLN M 30 8.79 -8.87 9.94
C GLN M 30 9.25 -7.44 9.75
N GLY M 31 10.29 -7.25 8.94
CA GLY M 31 10.76 -5.91 8.66
C GLY M 31 11.93 -5.33 9.45
N ASP M 32 12.18 -5.84 10.65
CA ASP M 32 13.27 -5.35 11.48
C ASP M 32 14.61 -5.73 10.83
N LYS M 33 14.89 -5.12 9.68
CA LYS M 33 16.11 -5.40 8.94
C LYS M 33 17.42 -5.18 9.70
N TRP M 34 17.53 -4.04 10.38
CA TRP M 34 18.74 -3.72 11.13
C TRP M 34 18.97 -4.66 12.31
N ARG M 35 17.91 -4.92 13.07
CA ARG M 35 18.03 -5.82 14.19
C ARG M 35 18.44 -7.19 13.65
N ALA M 36 17.84 -7.63 12.55
CA ALA M 36 18.19 -8.93 11.98
C ALA M 36 19.66 -8.93 11.58
N LEU M 37 20.13 -7.79 11.08
CA LEU M 37 21.53 -7.67 10.67
C LEU M 37 22.44 -7.83 11.88
N GLY M 38 22.10 -7.14 12.96
CA GLY M 38 22.88 -7.21 14.19
C GLY M 38 23.01 -8.66 14.64
N TYR M 39 21.90 -9.39 14.63
CA TYR M 39 21.90 -10.78 15.01
C TYR M 39 22.83 -11.60 14.12
N ALA M 40 22.73 -11.39 12.81
CA ALA M 40 23.56 -12.12 11.87
C ALA M 40 25.05 -11.95 12.16
N LYS M 41 25.48 -10.73 12.44
CA LYS M 41 26.88 -10.52 12.74
C LYS M 41 27.31 -11.28 14.00
N ALA M 42 26.47 -11.26 15.02
CA ALA M 42 26.81 -11.97 16.27
C ALA M 42 26.76 -13.47 16.03
N ILE M 43 25.79 -13.90 15.24
CA ILE M 43 25.65 -15.33 14.98
C ILE M 43 26.90 -15.86 14.28
N ASN M 44 27.53 -15.04 13.45
CA ASN M 44 28.72 -15.49 12.76
C ASN M 44 29.88 -15.62 13.75
N ALA M 45 30.04 -14.59 14.58
CA ALA M 45 31.10 -14.56 15.57
C ALA M 45 31.02 -15.83 16.41
N LEU M 46 29.81 -16.17 16.83
CA LEU M 46 29.59 -17.36 17.63
C LEU M 46 29.96 -18.65 16.89
N LYS M 47 29.38 -18.85 15.71
CA LYS M 47 29.67 -20.04 14.93
C LYS M 47 31.16 -20.34 14.91
N SER M 48 31.97 -19.30 14.75
CA SER M 48 33.42 -19.47 14.66
C SER M 48 34.24 -19.16 15.92
N PHE M 49 33.70 -19.46 17.09
CA PHE M 49 34.46 -19.15 18.28
C PHE M 49 35.39 -20.29 18.64
N HIS M 50 36.56 -19.94 19.16
CA HIS M 50 37.52 -20.97 19.47
C HIS M 50 37.18 -21.84 20.66
N LYS M 51 35.91 -21.81 21.07
CA LYS M 51 35.43 -22.64 22.18
C LYS M 51 33.99 -22.32 22.50
N PRO M 52 33.32 -23.19 23.26
CA PRO M 52 31.93 -22.91 23.63
C PRO M 52 31.92 -21.76 24.64
N VAL M 53 31.16 -20.71 24.37
CA VAL M 53 31.10 -19.57 25.28
C VAL M 53 30.57 -20.06 26.62
N THR M 54 31.29 -19.77 27.69
CA THR M 54 30.88 -20.21 29.01
C THR M 54 30.52 -19.11 30.00
N SER M 55 30.76 -17.85 29.64
CA SER M 55 30.44 -16.75 30.55
C SER M 55 29.94 -15.51 29.83
N TYR M 56 29.15 -14.72 30.54
CA TYR M 56 28.60 -13.48 29.99
C TYR M 56 29.76 -12.52 29.69
N GLN M 57 30.80 -12.59 30.51
CA GLN M 57 31.96 -11.74 30.34
C GLN M 57 32.70 -12.13 29.07
N GLU M 58 32.84 -13.43 28.82
CA GLU M 58 33.52 -13.88 27.64
C GLU M 58 32.76 -13.41 26.42
N ALA M 59 31.45 -13.68 26.41
CA ALA M 59 30.59 -13.28 25.30
C ALA M 59 30.78 -11.79 24.95
N CYS M 60 30.76 -10.93 25.97
CA CYS M 60 30.93 -9.50 25.74
C CYS M 60 32.27 -9.10 25.15
N SER M 61 33.27 -9.96 25.27
CA SER M 61 34.60 -9.62 24.77
C SER M 61 34.65 -9.76 23.25
N ILE M 62 33.72 -10.55 22.71
CA ILE M 62 33.69 -10.76 21.28
C ILE M 62 33.01 -9.60 20.55
N PRO M 63 33.74 -8.91 19.66
CA PRO M 63 33.16 -7.79 18.92
C PRO M 63 31.92 -8.29 18.20
N GLY M 64 30.84 -7.52 18.24
CA GLY M 64 29.63 -7.93 17.58
C GLY M 64 28.63 -8.48 18.57
N ILE M 65 29.07 -8.62 19.82
CA ILE M 65 28.19 -9.10 20.88
C ILE M 65 28.16 -8.11 22.03
N GLY M 66 27.00 -7.52 22.27
CA GLY M 66 26.84 -6.57 23.34
C GLY M 66 26.10 -7.21 24.49
N LYS M 67 25.70 -6.39 25.46
CA LYS M 67 24.99 -6.89 26.63
C LYS M 67 23.74 -7.68 26.27
N ARG M 68 22.91 -7.11 25.41
CA ARG M 68 21.69 -7.77 25.02
C ARG M 68 21.94 -9.14 24.42
N MET M 69 22.86 -9.23 23.47
CA MET M 69 23.13 -10.51 22.84
C MET M 69 23.70 -11.51 23.86
N ALA M 70 24.63 -11.05 24.69
CA ALA M 70 25.20 -11.92 25.71
C ALA M 70 24.08 -12.48 26.60
N GLU M 71 23.13 -11.64 26.98
CA GLU M 71 22.01 -12.09 27.82
C GLU M 71 21.41 -13.37 27.26
N LYS M 72 21.01 -13.31 25.99
CA LYS M 72 20.38 -14.44 25.32
C LYS M 72 21.31 -15.64 25.18
N ILE M 73 22.57 -15.38 24.83
CA ILE M 73 23.55 -16.44 24.68
C ILE M 73 23.66 -17.23 25.98
N ILE M 74 23.85 -16.52 27.09
CA ILE M 74 23.98 -17.17 28.38
C ILE M 74 22.67 -17.83 28.84
N GLU M 75 21.53 -17.30 28.41
CA GLU M 75 20.26 -17.89 28.81
C GLU M 75 20.13 -19.28 28.18
N ILE M 76 20.52 -19.37 26.92
CA ILE M 76 20.44 -20.63 26.20
C ILE M 76 21.45 -21.61 26.78
N LEU M 77 22.68 -21.13 26.98
CA LEU M 77 23.75 -21.95 27.54
C LEU M 77 23.34 -22.60 28.86
N GLU M 78 22.75 -21.81 29.76
CA GLU M 78 22.34 -22.31 31.07
C GLU M 78 20.98 -23.00 31.16
N SER M 79 19.97 -22.46 30.48
CA SER M 79 18.63 -23.01 30.53
C SER M 79 18.30 -23.91 29.36
N GLY M 80 19.01 -23.74 28.25
CA GLY M 80 18.75 -24.57 27.08
C GLY M 80 17.60 -24.06 26.24
N HIS M 81 16.94 -23.01 26.72
CA HIS M 81 15.82 -22.43 25.99
C HIS M 81 15.92 -20.92 25.88
N LEU M 82 15.15 -20.38 24.95
CA LEU M 82 15.10 -18.94 24.71
C LEU M 82 13.64 -18.54 24.79
N ARG M 83 13.26 -18.01 25.95
CA ARG M 83 11.89 -17.59 26.21
C ARG M 83 11.28 -16.73 25.11
N LYS M 84 12.08 -15.87 24.48
CA LYS M 84 11.56 -15.00 23.43
C LYS M 84 10.93 -15.76 22.26
N LEU M 85 11.53 -16.88 21.86
CA LEU M 85 10.99 -17.67 20.77
C LEU M 85 9.53 -18.04 21.04
N ASP M 86 9.19 -18.17 22.32
CA ASP M 86 7.83 -18.51 22.73
C ASP M 86 6.84 -17.38 22.52
N HIS M 87 7.33 -16.24 22.04
CA HIS M 87 6.45 -15.10 21.82
C HIS M 87 6.52 -14.61 20.39
N ILE M 88 7.10 -15.43 19.53
CA ILE M 88 7.24 -15.12 18.12
C ILE M 88 5.87 -15.29 17.46
N SER M 89 5.44 -14.26 16.73
CA SER M 89 4.14 -14.29 16.08
C SER M 89 3.87 -15.58 15.31
N GLU M 90 2.61 -15.99 15.32
CA GLU M 90 2.16 -17.19 14.64
C GLU M 90 2.29 -17.01 13.13
N SER M 91 2.38 -15.76 12.71
CA SER M 91 2.49 -15.42 11.31
C SER M 91 3.84 -15.76 10.67
N VAL M 92 4.91 -15.61 11.44
CA VAL M 92 6.24 -15.88 10.91
C VAL M 92 6.35 -16.99 9.85
N PRO M 93 5.94 -18.23 10.16
CA PRO M 93 6.06 -19.28 9.13
C PRO M 93 5.43 -18.91 7.78
N VAL M 94 4.27 -18.27 7.81
CA VAL M 94 3.58 -17.88 6.57
C VAL M 94 4.26 -16.67 5.93
N LEU M 95 4.69 -15.70 6.74
CA LEU M 95 5.38 -14.54 6.19
C LEU M 95 6.66 -14.98 5.47
N GLU M 96 7.30 -16.03 5.98
CA GLU M 96 8.51 -16.54 5.36
C GLU M 96 8.15 -17.25 4.07
N LEU M 97 7.03 -17.96 4.09
CA LEU M 97 6.58 -18.69 2.91
C LEU M 97 6.33 -17.71 1.77
N PHE M 98 5.64 -16.62 2.07
CA PHE M 98 5.32 -15.62 1.06
C PHE M 98 6.55 -14.84 0.60
N SER M 99 7.47 -14.54 1.51
CA SER M 99 8.65 -13.80 1.11
C SER M 99 9.65 -14.65 0.33
N ASN M 100 9.44 -15.98 0.29
CA ASN M 100 10.32 -16.85 -0.47
C ASN M 100 10.06 -16.64 -1.95
N ILE M 101 9.03 -15.86 -2.27
CA ILE M 101 8.70 -15.55 -3.66
C ILE M 101 9.57 -14.38 -4.13
N TRP M 102 10.30 -14.57 -5.23
CA TRP M 102 11.15 -13.52 -5.76
C TRP M 102 10.29 -12.31 -6.07
N GLY M 103 10.62 -11.17 -5.48
CA GLY M 103 9.84 -9.97 -5.74
C GLY M 103 8.91 -9.57 -4.62
N ALA M 104 8.73 -10.45 -3.64
CA ALA M 104 7.87 -10.16 -2.51
C ALA M 104 8.69 -10.12 -1.23
N GLY M 105 8.71 -8.96 -0.59
CA GLY M 105 9.43 -8.82 0.67
C GLY M 105 8.47 -8.81 1.84
N THR M 106 8.90 -8.24 2.96
CA THR M 106 8.08 -8.21 4.16
C THR M 106 6.78 -7.44 4.01
N LYS M 107 6.80 -6.28 3.34
CA LYS M 107 5.57 -5.52 3.19
C LYS M 107 4.52 -6.29 2.42
N THR M 108 4.91 -6.86 1.30
CA THR M 108 3.98 -7.63 0.48
C THR M 108 3.48 -8.84 1.25
N ALA M 109 4.38 -9.50 1.99
CA ALA M 109 4.02 -10.67 2.76
C ALA M 109 2.98 -10.27 3.81
N GLN M 110 3.25 -9.18 4.52
CA GLN M 110 2.31 -8.72 5.52
C GLN M 110 0.95 -8.41 4.91
N MET M 111 0.93 -7.73 3.78
CA MET M 111 -0.33 -7.38 3.13
C MET M 111 -1.14 -8.64 2.82
N TRP M 112 -0.49 -9.63 2.25
CA TRP M 112 -1.18 -10.86 1.92
C TRP M 112 -1.72 -11.56 3.16
N TYR M 113 -0.91 -11.59 4.21
CA TYR M 113 -1.34 -12.24 5.43
C TYR M 113 -2.57 -11.54 5.98
N GLN M 114 -2.54 -10.22 6.03
CA GLN M 114 -3.68 -9.45 6.54
C GLN M 114 -4.93 -9.64 5.68
N GLN M 115 -4.77 -10.13 4.45
CA GLN M 115 -5.92 -10.34 3.59
C GLN M 115 -6.45 -11.76 3.80
N GLY M 116 -5.91 -12.44 4.80
CA GLY M 116 -6.33 -13.80 5.11
C GLY M 116 -5.63 -14.93 4.38
N PHE M 117 -4.69 -14.61 3.50
CA PHE M 117 -3.97 -15.65 2.74
C PHE M 117 -3.01 -16.46 3.62
N ARG M 118 -2.95 -17.76 3.37
CA ARG M 118 -2.07 -18.61 4.17
C ARG M 118 -1.19 -19.58 3.37
N SER M 119 -1.62 -19.96 2.17
CA SER M 119 -0.83 -20.91 1.38
C SER M 119 -0.38 -20.30 0.06
N LEU M 120 0.61 -20.95 -0.56
CA LEU M 120 1.10 -20.47 -1.85
C LEU M 120 -0.05 -20.56 -2.82
N GLU M 121 -0.99 -21.46 -2.52
CA GLU M 121 -2.17 -21.68 -3.34
C GLU M 121 -3.16 -20.51 -3.23
N ASP M 122 -3.26 -19.93 -2.03
CA ASP M 122 -4.14 -18.79 -1.81
C ASP M 122 -3.60 -17.64 -2.65
N ILE M 123 -2.28 -17.52 -2.67
CA ILE M 123 -1.60 -16.46 -3.41
C ILE M 123 -1.92 -16.61 -4.89
N ARG M 124 -1.64 -17.79 -5.43
CA ARG M 124 -1.87 -18.07 -6.85
C ARG M 124 -3.30 -17.80 -7.25
N SER M 125 -4.23 -18.10 -6.35
CA SER M 125 -5.65 -17.95 -6.61
C SER M 125 -6.33 -16.62 -6.38
N GLN M 126 -5.98 -15.93 -5.30
CA GLN M 126 -6.67 -14.69 -4.99
C GLN M 126 -5.82 -13.46 -4.76
N ALA M 127 -4.52 -13.58 -4.86
CA ALA M 127 -3.67 -12.43 -4.60
C ALA M 127 -3.30 -11.63 -5.84
N SER M 128 -3.13 -10.32 -5.66
CA SER M 128 -2.72 -9.45 -6.76
C SER M 128 -1.19 -9.63 -6.83
N LEU M 129 -0.68 -9.88 -8.03
CA LEU M 129 0.75 -10.11 -8.24
C LEU M 129 1.39 -9.17 -9.23
N THR M 130 2.67 -8.86 -9.01
CA THR M 130 3.38 -7.99 -9.95
C THR M 130 3.92 -8.94 -11.01
N THR M 131 4.44 -8.39 -12.10
CA THR M 131 4.99 -9.23 -13.15
C THR M 131 6.10 -10.08 -12.55
N GLN M 132 7.01 -9.45 -11.81
CA GLN M 132 8.12 -10.17 -11.19
C GLN M 132 7.63 -11.27 -10.25
N GLN M 133 6.73 -10.91 -9.33
CA GLN M 133 6.18 -11.85 -8.36
C GLN M 133 5.50 -13.04 -9.04
N ALA M 134 4.76 -12.78 -10.11
CA ALA M 134 4.07 -13.88 -10.80
C ALA M 134 5.11 -14.86 -11.31
N ILE M 135 6.19 -14.33 -11.88
CA ILE M 135 7.26 -15.18 -12.39
C ILE M 135 7.92 -15.87 -11.20
N GLY M 136 8.06 -15.14 -10.10
CA GLY M 136 8.66 -15.71 -8.92
C GLY M 136 7.83 -16.87 -8.39
N LEU M 137 6.51 -16.73 -8.50
CA LEU M 137 5.59 -17.75 -8.01
C LEU M 137 5.57 -19.04 -8.82
N LYS M 138 5.53 -18.95 -10.14
CA LYS M 138 5.49 -20.17 -10.92
C LYS M 138 6.83 -20.91 -10.92
N HIS M 139 7.86 -20.25 -10.40
CA HIS M 139 9.18 -20.86 -10.33
C HIS M 139 9.60 -20.98 -8.88
N TYR M 140 8.61 -20.96 -8.00
CA TYR M 140 8.85 -21.05 -6.58
C TYR M 140 9.81 -22.18 -6.23
N SER M 141 9.40 -23.42 -6.51
CA SER M 141 10.25 -24.56 -6.21
C SER M 141 11.63 -24.46 -6.82
N ASP M 142 11.70 -24.26 -8.13
CA ASP M 142 13.00 -24.16 -8.80
C ASP M 142 13.92 -23.12 -8.15
N PHE M 143 13.40 -21.93 -7.91
CA PHE M 143 14.18 -20.84 -7.34
C PHE M 143 14.58 -21.07 -5.89
N LEU M 144 13.88 -21.95 -5.21
CA LEU M 144 14.18 -22.18 -3.80
C LEU M 144 15.34 -23.15 -3.65
N GLU M 145 15.58 -23.94 -4.68
CA GLU M 145 16.66 -24.91 -4.64
C GLU M 145 17.99 -24.35 -5.15
N ARG M 146 19.07 -24.71 -4.48
CA ARG M 146 20.39 -24.28 -4.91
C ARG M 146 20.83 -25.33 -5.91
N MET M 147 21.42 -24.89 -7.01
CA MET M 147 21.88 -25.78 -8.06
C MET M 147 23.33 -26.20 -7.81
N PRO M 148 23.75 -27.34 -8.39
CA PRO M 148 25.13 -27.81 -8.22
C PRO M 148 26.00 -26.82 -8.99
N ARG M 149 27.22 -26.55 -8.52
CA ARG M 149 28.05 -25.60 -9.25
C ARG M 149 28.29 -26.03 -10.71
N GLU M 150 28.27 -27.34 -10.95
CA GLU M 150 28.47 -27.85 -12.31
C GLU M 150 27.42 -27.26 -13.26
N GLU M 151 26.20 -27.12 -12.77
CA GLU M 151 25.13 -26.54 -13.59
C GLU M 151 25.44 -25.05 -13.76
N ALA M 152 25.88 -24.40 -12.69
CA ALA M 152 26.20 -22.99 -12.80
C ALA M 152 27.24 -22.83 -13.92
N THR M 153 28.23 -23.73 -13.92
CA THR M 153 29.28 -23.71 -14.92
C THR M 153 28.71 -23.83 -16.34
N GLU M 154 27.74 -24.73 -16.55
CA GLU M 154 27.15 -24.87 -17.87
C GLU M 154 26.41 -23.59 -18.25
N ILE M 155 25.75 -22.98 -17.27
CA ILE M 155 25.01 -21.74 -17.53
C ILE M 155 25.99 -20.63 -17.90
N GLU M 156 27.12 -20.57 -17.21
CA GLU M 156 28.13 -19.57 -17.51
C GLU M 156 28.62 -19.82 -18.95
N GLN M 157 28.91 -21.08 -19.27
CA GLN M 157 29.40 -21.42 -20.60
C GLN M 157 28.44 -21.02 -21.72
N THR M 158 27.15 -21.23 -21.48
CA THR M 158 26.14 -20.89 -22.46
C THR M 158 26.19 -19.41 -22.78
N VAL M 159 26.28 -18.59 -21.75
CA VAL M 159 26.32 -17.14 -21.94
C VAL M 159 27.61 -16.70 -22.64
N GLN M 160 28.74 -17.26 -22.22
CA GLN M 160 30.04 -16.90 -22.78
C GLN M 160 30.12 -17.26 -24.26
N LYS M 161 29.61 -18.43 -24.62
CA LYS M 161 29.63 -18.84 -26.01
C LYS M 161 28.82 -17.87 -26.86
N ALA M 162 27.58 -17.60 -26.47
CA ALA M 162 26.76 -16.69 -27.24
C ALA M 162 27.37 -15.29 -27.28
N ALA M 163 28.13 -14.93 -26.26
CA ALA M 163 28.77 -13.63 -26.21
C ALA M 163 30.01 -13.56 -27.12
N GLN M 164 30.86 -14.59 -27.09
CA GLN M 164 32.06 -14.57 -27.91
C GLN M 164 31.74 -14.65 -29.41
N ALA M 165 30.52 -15.05 -29.74
CA ALA M 165 30.13 -15.10 -31.15
C ALA M 165 30.10 -13.67 -31.70
N PHE M 166 29.86 -12.69 -30.84
CA PHE M 166 29.84 -11.30 -31.28
C PHE M 166 31.26 -10.71 -31.23
N ASN M 167 32.04 -11.11 -30.22
CA ASN M 167 33.41 -10.63 -30.12
C ASN M 167 34.24 -11.62 -29.27
N SER M 168 35.16 -12.30 -29.94
CA SER M 168 35.99 -13.31 -29.30
C SER M 168 36.87 -12.82 -28.17
N GLY M 169 37.15 -11.53 -28.14
CA GLY M 169 37.99 -10.98 -27.09
C GLY M 169 37.26 -10.64 -25.80
N LEU M 170 35.96 -10.88 -25.74
CA LEU M 170 35.20 -10.57 -24.53
C LEU M 170 35.61 -11.49 -23.38
N LEU M 171 35.57 -10.93 -22.17
CA LEU M 171 35.91 -11.67 -20.97
C LEU M 171 34.63 -11.91 -20.15
N CYS M 172 34.35 -13.17 -19.83
CA CYS M 172 33.14 -13.53 -19.07
C CYS M 172 33.51 -14.29 -17.80
N VAL M 173 32.90 -13.95 -16.68
CA VAL M 173 33.20 -14.63 -15.41
C VAL M 173 31.95 -14.75 -14.57
N ALA M 174 31.78 -15.91 -13.95
CA ALA M 174 30.64 -16.12 -13.09
C ALA M 174 31.10 -15.71 -11.70
N CYS M 175 30.31 -14.87 -11.05
CA CYS M 175 30.68 -14.40 -9.72
C CYS M 175 29.87 -15.08 -8.62
N GLY M 176 29.36 -14.30 -7.67
CA GLY M 176 28.56 -14.83 -6.59
C GLY M 176 29.16 -15.97 -5.79
N SER M 177 28.31 -16.79 -5.19
CA SER M 177 28.79 -17.90 -4.39
C SER M 177 29.58 -18.85 -5.28
N TYR M 178 29.23 -18.91 -6.55
CA TYR M 178 29.94 -19.78 -7.46
C TYR M 178 31.43 -19.43 -7.50
N ARG M 179 31.76 -18.14 -7.59
CA ARG M 179 33.16 -17.75 -7.65
C ARG M 179 33.79 -17.93 -6.27
N ARG M 180 32.97 -17.94 -5.24
CA ARG M 180 33.53 -18.12 -3.90
C ARG M 180 33.77 -19.62 -3.65
N GLY M 181 33.55 -20.43 -4.68
CA GLY M 181 33.79 -21.86 -4.60
C GLY M 181 32.78 -22.76 -3.92
N LYS M 182 31.57 -22.27 -3.69
CA LYS M 182 30.55 -23.08 -3.05
C LYS M 182 30.12 -24.25 -3.91
N ALA M 183 29.78 -25.37 -3.26
CA ALA M 183 29.37 -26.56 -3.98
C ALA M 183 28.06 -26.35 -4.71
N THR M 184 27.19 -25.53 -4.11
CA THR M 184 25.90 -25.24 -4.71
C THR M 184 25.72 -23.73 -4.80
N CYS M 185 24.86 -23.29 -5.70
CA CYS M 185 24.60 -21.87 -5.91
C CYS M 185 23.12 -21.56 -6.06
N GLY M 186 22.70 -20.44 -5.49
CA GLY M 186 21.30 -20.04 -5.58
C GLY M 186 20.95 -19.39 -6.92
N ASP M 187 21.97 -18.84 -7.57
CA ASP M 187 21.78 -18.19 -8.87
C ASP M 187 23.12 -18.09 -9.58
N VAL M 188 23.15 -17.37 -10.70
CA VAL M 188 24.38 -17.22 -11.45
C VAL M 188 24.51 -15.80 -11.98
N ASP M 189 25.64 -15.17 -11.69
CA ASP M 189 25.91 -13.81 -12.12
C ASP M 189 27.08 -13.79 -13.08
N VAL M 190 26.79 -13.60 -14.36
CA VAL M 190 27.85 -13.58 -15.36
C VAL M 190 28.28 -12.14 -15.65
N LEU M 191 29.49 -11.80 -15.24
CA LEU M 191 30.07 -10.47 -15.46
C LEU M 191 30.84 -10.49 -16.76
N ILE M 192 30.53 -9.55 -17.65
CA ILE M 192 31.19 -9.47 -18.96
C ILE M 192 31.86 -8.11 -19.22
N THR M 193 33.05 -8.14 -19.83
CA THR M 193 33.78 -6.93 -20.17
C THR M 193 34.73 -7.19 -21.34
N HIS M 194 35.48 -6.18 -21.76
CA HIS M 194 36.45 -6.37 -22.83
C HIS M 194 37.71 -5.58 -22.50
N PRO M 195 38.86 -6.25 -22.55
CA PRO M 195 40.17 -5.65 -22.26
C PRO M 195 40.51 -4.36 -22.99
N ASP M 196 39.98 -4.18 -24.21
CA ASP M 196 40.28 -2.98 -24.98
C ASP M 196 39.56 -1.73 -24.45
N GLY M 197 38.80 -1.91 -23.37
CA GLY M 197 38.10 -0.79 -22.76
C GLY M 197 36.91 -0.22 -23.51
N ARG M 198 36.56 -0.76 -24.67
CA ARG M 198 35.43 -0.21 -25.42
C ARG M 198 34.54 -1.18 -26.16
N SER M 199 35.08 -2.32 -26.57
CA SER M 199 34.26 -3.25 -27.33
C SER M 199 33.18 -4.03 -26.58
N HIS M 200 32.92 -3.65 -25.33
CA HIS M 200 31.88 -4.30 -24.55
C HIS M 200 30.57 -3.61 -24.92
N ARG M 201 30.68 -2.46 -25.58
CA ARG M 201 29.51 -1.71 -25.99
C ARG M 201 28.78 -2.33 -27.16
N GLY M 202 27.45 -2.28 -27.10
CA GLY M 202 26.67 -2.87 -28.17
C GLY M 202 26.77 -4.38 -28.16
N ILE M 203 26.79 -4.95 -26.97
CA ILE M 203 26.89 -6.39 -26.81
C ILE M 203 25.68 -6.88 -26.01
N PHE M 204 25.35 -6.15 -24.95
CA PHE M 204 24.26 -6.49 -24.05
C PHE M 204 22.97 -6.92 -24.73
N SER M 205 22.36 -6.00 -25.48
CA SER M 205 21.10 -6.27 -26.17
C SER M 205 21.10 -7.45 -27.11
N ARG M 206 22.04 -7.48 -28.06
CA ARG M 206 22.06 -8.58 -28.99
C ARG M 206 22.43 -9.90 -28.32
N LEU M 207 23.07 -9.82 -27.16
CA LEU M 207 23.41 -11.04 -26.44
C LEU M 207 22.11 -11.61 -25.88
N LEU M 208 21.24 -10.73 -25.37
CA LEU M 208 19.95 -11.17 -24.85
C LEU M 208 19.08 -11.67 -26.02
N ASP M 209 19.12 -10.98 -27.17
CA ASP M 209 18.32 -11.43 -28.30
C ASP M 209 18.73 -12.87 -28.63
N SER M 210 20.04 -13.05 -28.86
CA SER M 210 20.58 -14.34 -29.19
C SER M 210 20.13 -15.44 -28.23
N LEU M 211 20.32 -15.21 -26.94
CA LEU M 211 19.94 -16.17 -25.93
C LEU M 211 18.43 -16.44 -25.91
N ARG M 212 17.62 -15.44 -26.24
CA ARG M 212 16.18 -15.68 -26.28
C ARG M 212 15.87 -16.52 -27.50
N GLN M 213 16.44 -16.15 -28.62
CA GLN M 213 16.21 -16.88 -29.86
C GLN M 213 16.67 -18.33 -29.76
N GLU M 214 17.56 -18.65 -28.85
CA GLU M 214 17.96 -20.05 -28.73
C GLU M 214 17.22 -20.73 -27.58
N GLY M 215 16.18 -20.06 -27.09
CA GLY M 215 15.35 -20.62 -26.02
C GLY M 215 15.96 -20.75 -24.64
N PHE M 216 17.10 -20.12 -24.40
CA PHE M 216 17.77 -20.21 -23.10
C PHE M 216 17.11 -19.35 -22.01
N LEU M 217 16.75 -18.12 -22.36
CA LEU M 217 16.09 -17.24 -21.39
C LEU M 217 14.59 -17.51 -21.48
N THR M 218 14.00 -17.91 -20.37
CA THR M 218 12.58 -18.25 -20.34
C THR M 218 11.69 -17.13 -19.82
N ASP M 219 12.25 -16.28 -18.98
CA ASP M 219 11.53 -15.15 -18.38
C ASP M 219 12.46 -14.01 -17.98
N ASP M 220 11.95 -12.79 -18.06
CA ASP M 220 12.70 -11.60 -17.69
C ASP M 220 12.14 -11.00 -16.40
N LEU M 221 13.01 -10.72 -15.44
CA LEU M 221 12.61 -10.09 -14.18
C LEU M 221 12.80 -8.58 -14.37
N VAL M 222 13.94 -8.20 -14.95
CA VAL M 222 14.24 -6.80 -15.31
C VAL M 222 15.02 -6.95 -16.61
N SER M 223 14.40 -6.60 -17.73
CA SER M 223 15.05 -6.76 -19.02
C SER M 223 16.32 -5.93 -19.15
N GLN M 224 16.30 -4.73 -18.61
CA GLN M 224 17.48 -3.88 -18.65
C GLN M 224 17.53 -2.89 -17.50
N GLU M 225 18.71 -2.77 -16.92
CA GLU M 225 18.94 -1.85 -15.82
C GLU M 225 20.23 -1.10 -16.15
N GLU M 226 20.15 0.23 -16.21
CA GLU M 226 21.31 1.05 -16.52
C GLU M 226 21.85 1.74 -15.28
N ASN M 227 23.03 1.33 -14.84
CA ASN M 227 23.65 1.93 -13.64
C ASN M 227 25.00 2.50 -14.10
N GLY M 228 25.01 3.75 -14.51
CA GLY M 228 26.24 4.36 -15.00
C GLY M 228 26.53 3.69 -16.33
N GLN M 229 27.73 3.15 -16.50
CA GLN M 229 28.07 2.48 -17.75
C GLN M 229 27.88 0.96 -17.64
N GLN M 230 27.22 0.52 -16.57
CA GLN M 230 26.95 -0.89 -16.36
C GLN M 230 25.54 -1.25 -16.83
N GLN M 231 25.44 -2.33 -17.58
CA GLN M 231 24.15 -2.78 -18.07
C GLN M 231 23.88 -4.10 -17.37
N LYS M 232 22.80 -4.18 -16.62
CA LYS M 232 22.47 -5.42 -15.90
C LYS M 232 21.14 -6.01 -16.31
N TYR M 233 21.12 -7.33 -16.45
CA TYR M 233 19.91 -8.07 -16.81
C TYR M 233 19.58 -9.06 -15.69
N LEU M 234 18.34 -9.04 -15.22
CA LEU M 234 17.90 -9.98 -14.19
C LEU M 234 16.85 -10.86 -14.85
N GLY M 235 17.15 -12.15 -14.98
CA GLY M 235 16.20 -13.04 -15.63
C GLY M 235 16.16 -14.48 -15.18
N VAL M 236 15.62 -15.32 -16.05
CA VAL M 236 15.47 -16.75 -15.77
C VAL M 236 15.91 -17.57 -16.96
N CYS M 237 16.74 -18.57 -16.72
CA CYS M 237 17.19 -19.43 -17.82
C CYS M 237 16.89 -20.90 -17.50
N ARG M 238 17.07 -21.75 -18.51
CA ARG M 238 16.90 -23.20 -18.37
C ARG M 238 17.74 -23.86 -19.44
N LEU M 239 18.75 -24.63 -19.05
CA LEU M 239 19.59 -25.30 -20.02
C LEU M 239 18.76 -26.22 -20.93
N PRO M 240 19.28 -26.56 -22.12
CA PRO M 240 18.54 -27.45 -23.01
C PRO M 240 18.50 -28.82 -22.36
N GLY M 241 17.58 -29.68 -22.79
CA GLY M 241 17.51 -31.02 -22.22
C GLY M 241 16.33 -31.24 -21.31
N PRO M 242 15.91 -32.50 -21.12
CA PRO M 242 14.77 -32.78 -20.27
C PRO M 242 15.22 -32.88 -18.83
N GLY M 243 14.35 -32.48 -17.89
CA GLY M 243 14.73 -32.56 -16.49
C GLY M 243 15.47 -31.36 -15.96
N ARG M 244 15.71 -30.38 -16.81
CA ARG M 244 16.41 -29.17 -16.37
C ARG M 244 15.42 -28.25 -15.64
N ARG M 245 15.86 -27.59 -14.58
CA ARG M 245 14.99 -26.68 -13.85
C ARG M 245 15.26 -25.24 -14.30
N HIS M 246 14.34 -24.33 -13.98
CA HIS M 246 14.57 -22.94 -14.33
C HIS M 246 15.49 -22.36 -13.27
N ARG M 247 16.39 -21.45 -13.66
CA ARG M 247 17.32 -20.87 -12.72
C ARG M 247 17.47 -19.36 -12.85
N ARG M 248 17.81 -18.72 -11.73
CA ARG M 248 18.02 -17.28 -11.69
C ARG M 248 19.33 -16.93 -12.38
N LEU M 249 19.25 -16.09 -13.41
CA LEU M 249 20.45 -15.69 -14.14
C LEU M 249 20.56 -14.17 -14.27
N ASP M 250 21.71 -13.63 -13.90
CA ASP M 250 21.95 -12.20 -14.01
C ASP M 250 23.11 -11.98 -14.98
N ILE M 251 22.97 -10.98 -15.85
CA ILE M 251 24.04 -10.69 -16.78
C ILE M 251 24.42 -9.22 -16.64
N ILE M 252 25.70 -8.98 -16.43
CA ILE M 252 26.20 -7.63 -16.22
C ILE M 252 27.35 -7.34 -17.16
N VAL M 253 27.22 -6.27 -17.93
CA VAL M 253 28.26 -5.86 -18.87
C VAL M 253 28.85 -4.56 -18.36
N VAL M 254 30.16 -4.54 -18.13
CA VAL M 254 30.79 -3.33 -17.63
C VAL M 254 32.03 -2.90 -18.42
N PRO M 255 32.37 -1.61 -18.35
CA PRO M 255 33.55 -1.14 -19.08
C PRO M 255 34.75 -1.70 -18.31
N TYR M 256 35.82 -2.02 -19.03
CA TYR M 256 37.00 -2.60 -18.40
C TYR M 256 37.57 -1.85 -17.22
N SER M 257 37.47 -0.52 -17.20
CA SER M 257 38.04 0.24 -16.09
C SER M 257 37.31 0.00 -14.78
N GLU M 258 36.11 -0.59 -14.84
CA GLU M 258 35.36 -0.85 -13.63
C GLU M 258 35.30 -2.36 -13.35
N PHE M 259 35.98 -3.12 -14.18
CA PHE M 259 35.96 -4.57 -14.04
C PHE M 259 36.34 -5.10 -12.65
N ALA M 260 37.49 -4.67 -12.14
CA ALA M 260 37.94 -5.13 -10.83
C ALA M 260 36.89 -4.87 -9.74
N CYS M 261 36.42 -3.64 -9.65
CA CYS M 261 35.41 -3.30 -8.63
C CYS M 261 34.08 -4.03 -8.88
N ALA M 262 33.75 -4.26 -10.15
CA ALA M 262 32.50 -4.96 -10.45
C ALA M 262 32.69 -6.41 -10.01
N LEU M 263 33.86 -6.94 -10.31
CA LEU M 263 34.19 -8.31 -9.94
C LEU M 263 34.10 -8.48 -8.43
N LEU M 264 34.71 -7.55 -7.72
CA LEU M 264 34.71 -7.58 -6.27
C LEU M 264 33.29 -7.55 -5.71
N TYR M 265 32.51 -6.57 -6.17
CA TYR M 265 31.13 -6.38 -5.71
C TYR M 265 30.21 -7.56 -5.97
N PHE M 266 30.19 -8.05 -7.19
CA PHE M 266 29.29 -9.15 -7.52
C PHE M 266 29.76 -10.51 -7.00
N THR M 267 30.99 -10.59 -6.52
CA THR M 267 31.48 -11.84 -5.95
C THR M 267 31.03 -11.91 -4.49
N GLY M 268 30.91 -10.75 -3.85
CA GLY M 268 30.45 -10.72 -2.47
C GLY M 268 31.39 -11.44 -1.51
N SER M 269 30.85 -12.01 -0.43
CA SER M 269 29.41 -11.99 -0.13
C SER M 269 28.92 -10.60 0.27
N ALA M 270 27.63 -10.50 0.54
CA ALA M 270 27.06 -9.23 0.94
C ALA M 270 27.75 -8.72 2.20
N HIS M 271 28.05 -9.61 3.15
CA HIS M 271 28.73 -9.22 4.38
C HIS M 271 30.16 -8.73 4.07
N PHE M 272 30.82 -9.36 3.11
CA PHE M 272 32.17 -8.95 2.74
C PHE M 272 32.12 -7.54 2.18
N ASN M 273 31.20 -7.30 1.25
CA ASN M 273 31.07 -5.98 0.65
C ASN M 273 30.79 -4.93 1.71
N ARG M 274 29.97 -5.27 2.67
CA ARG M 274 29.62 -4.32 3.71
C ARG M 274 30.84 -4.00 4.57
N SER M 275 31.66 -5.01 4.86
CA SER M 275 32.83 -4.77 5.69
C SER M 275 33.87 -3.94 4.94
N MET M 276 33.93 -4.10 3.62
CA MET M 276 34.87 -3.34 2.80
C MET M 276 34.44 -1.86 2.66
N ARG M 277 33.14 -1.60 2.62
CA ARG M 277 32.70 -0.21 2.53
C ARG M 277 33.05 0.45 3.86
N ALA M 278 32.83 -0.27 4.96
CA ALA M 278 33.11 0.28 6.28
C ALA M 278 34.58 0.61 6.43
N LEU M 279 35.44 -0.25 5.89
CA LEU M 279 36.86 -0.02 5.98
C LEU M 279 37.25 1.17 5.10
N ALA M 280 36.75 1.19 3.89
CA ALA M 280 37.06 2.27 2.96
C ALA M 280 36.75 3.59 3.63
N LYS M 281 35.62 3.62 4.31
CA LYS M 281 35.17 4.82 5.00
C LYS M 281 36.21 5.31 6.00
N THR M 282 36.70 4.43 6.85
CA THR M 282 37.69 4.82 7.84
C THR M 282 38.94 5.40 7.19
N LYS M 283 39.18 5.07 5.93
CA LYS M 283 40.35 5.57 5.23
C LYS M 283 40.00 6.79 4.37
N GLY M 284 38.75 7.25 4.49
CA GLY M 284 38.34 8.41 3.72
C GLY M 284 38.11 8.09 2.25
N MET M 285 37.61 6.88 1.98
CA MET M 285 37.34 6.43 0.63
C MET M 285 35.96 5.79 0.58
N SER M 286 35.49 5.49 -0.62
CA SER M 286 34.20 4.85 -0.77
C SER M 286 34.36 3.73 -1.79
N LEU M 287 33.58 2.68 -1.61
CA LEU M 287 33.67 1.53 -2.51
C LEU M 287 32.31 1.17 -3.07
N SER M 288 32.22 1.02 -4.38
CA SER M 288 30.97 0.65 -5.04
C SER M 288 31.32 -0.34 -6.15
N GLU M 289 30.31 -0.80 -6.88
CA GLU M 289 30.56 -1.75 -7.96
C GLU M 289 31.20 -1.02 -9.13
N HIS M 290 31.32 0.29 -9.01
CA HIS M 290 31.91 1.08 -10.08
C HIS M 290 33.40 1.35 -9.81
N ALA M 291 33.72 1.72 -8.58
CA ALA M 291 35.11 2.05 -8.28
C ALA M 291 35.42 2.29 -6.82
N LEU M 292 36.70 2.53 -6.57
CA LEU M 292 37.17 2.87 -5.24
C LEU M 292 37.48 4.34 -5.45
N SER M 293 36.84 5.20 -4.66
CA SER M 293 37.08 6.63 -4.81
C SER M 293 37.39 7.33 -3.50
N THR M 294 37.93 8.55 -3.59
CA THR M 294 38.23 9.35 -2.41
C THR M 294 36.84 9.79 -1.97
N ALA M 295 36.65 10.04 -0.69
CA ALA M 295 35.35 10.46 -0.18
C ALA M 295 34.79 11.68 -0.91
N VAL M 296 33.47 11.78 -0.99
CA VAL M 296 32.83 12.90 -1.66
C VAL M 296 33.09 14.22 -0.94
N VAL M 297 32.91 15.33 -1.66
CA VAL M 297 33.10 16.65 -1.10
C VAL M 297 31.75 17.19 -0.63
N ARG M 298 31.68 17.63 0.63
CA ARG M 298 30.42 18.15 1.16
C ARG M 298 30.53 19.51 1.87
N ASN M 299 29.48 20.32 1.72
CA ASN M 299 29.43 21.65 2.32
C ASN M 299 29.31 21.63 3.84
N THR M 300 29.29 22.83 4.44
CA THR M 300 29.18 22.98 5.88
C THR M 300 27.99 22.20 6.44
N HIS M 301 26.91 22.14 5.67
CA HIS M 301 25.72 21.42 6.10
C HIS M 301 26.00 19.92 6.09
N GLY M 302 27.16 19.55 5.55
CA GLY M 302 27.56 18.15 5.48
C GLY M 302 26.82 17.40 4.39
N CYS M 303 26.78 17.97 3.20
CA CYS M 303 26.07 17.33 2.09
C CYS M 303 26.82 17.34 0.78
N LYS M 304 26.78 16.19 0.09
CA LYS M 304 27.47 16.02 -1.18
C LYS M 304 27.31 17.23 -2.09
N VAL M 305 28.45 17.81 -2.45
CA VAL M 305 28.47 18.98 -3.33
C VAL M 305 29.37 18.69 -4.52
N GLY M 306 30.16 17.62 -4.41
CA GLY M 306 31.07 17.24 -5.48
C GLY M 306 31.56 15.81 -5.30
N PRO M 307 31.51 14.99 -6.37
CA PRO M 307 31.95 13.60 -6.32
C PRO M 307 33.43 13.44 -5.97
N GLY M 308 33.80 12.27 -5.50
CA GLY M 308 35.18 12.02 -5.16
C GLY M 308 35.95 11.72 -6.43
N ARG M 309 37.25 11.54 -6.31
N ARG M 309 37.26 11.57 -6.32
CA ARG M 309 38.05 11.22 -7.47
CA ARG M 309 38.01 11.25 -7.52
C ARG M 309 38.18 9.71 -7.51
C ARG M 309 38.17 9.74 -7.52
N VAL M 310 38.01 9.12 -8.68
CA VAL M 310 38.16 7.67 -8.83
C VAL M 310 39.63 7.23 -8.78
N LEU M 311 39.94 6.26 -7.93
CA LEU M 311 41.30 5.75 -7.83
C LEU M 311 41.37 4.49 -8.68
N PRO M 312 42.04 4.58 -9.84
CA PRO M 312 42.17 3.45 -10.75
C PRO M 312 42.59 2.14 -10.09
N THR M 313 41.95 1.06 -10.50
CA THR M 313 42.20 -0.28 -9.98
C THR M 313 42.00 -1.29 -11.10
N PRO M 314 43.09 -1.68 -11.80
CA PRO M 314 43.03 -2.65 -12.90
C PRO M 314 42.60 -4.05 -12.47
N THR M 315 42.91 -4.43 -11.24
CA THR M 315 42.56 -5.75 -10.73
C THR M 315 42.11 -5.69 -9.29
N GLU M 316 41.49 -6.76 -8.82
CA GLU M 316 41.01 -6.80 -7.44
C GLU M 316 42.09 -6.49 -6.41
N LYS M 317 43.27 -7.09 -6.56
CA LYS M 317 44.35 -6.86 -5.60
C LYS M 317 44.70 -5.37 -5.52
N ASP M 318 44.51 -4.64 -6.62
CA ASP M 318 44.80 -3.21 -6.60
C ASP M 318 43.84 -2.55 -5.63
N VAL M 319 42.64 -3.11 -5.51
CA VAL M 319 41.68 -2.53 -4.59
C VAL M 319 42.13 -2.79 -3.16
N PHE M 320 42.52 -4.03 -2.86
CA PHE M 320 42.98 -4.34 -1.51
C PHE M 320 44.21 -3.50 -1.16
N ARG M 321 45.15 -3.40 -2.10
CA ARG M 321 46.36 -2.63 -1.87
C ARG M 321 46.07 -1.19 -1.46
N LEU M 322 45.25 -0.49 -2.24
CA LEU M 322 44.91 0.89 -1.94
C LEU M 322 44.15 1.03 -0.62
N LEU M 323 43.50 -0.04 -0.16
CA LEU M 323 42.80 0.00 1.12
C LEU M 323 43.77 -0.44 2.22
N GLY M 324 44.99 -0.74 1.79
CA GLY M 324 46.00 -1.17 2.75
C GLY M 324 45.61 -2.50 3.38
N LEU M 325 45.10 -3.40 2.55
CA LEU M 325 44.68 -4.71 3.02
C LEU M 325 45.38 -5.84 2.29
N PRO M 326 45.56 -6.98 2.98
CA PRO M 326 46.21 -8.12 2.33
C PRO M 326 45.12 -8.73 1.45
N TYR M 327 45.50 -9.16 0.26
CA TYR M 327 44.53 -9.74 -0.64
C TYR M 327 43.85 -10.98 -0.05
N ARG M 328 42.54 -11.10 -0.26
CA ARG M 328 41.80 -12.25 0.23
C ARG M 328 41.18 -12.97 -0.95
N GLU M 329 41.46 -14.27 -1.04
CA GLU M 329 40.92 -15.09 -2.11
C GLU M 329 39.41 -15.12 -2.04
N PRO M 330 38.74 -15.23 -3.21
CA PRO M 330 37.28 -15.27 -3.26
C PRO M 330 36.72 -16.26 -2.25
N ALA M 331 37.36 -17.43 -2.18
CA ALA M 331 36.95 -18.50 -1.28
C ALA M 331 36.90 -18.07 0.18
N GLU M 332 37.65 -17.03 0.51
N GLU M 332 37.67 -17.03 0.51
CA GLU M 332 37.67 -16.57 1.87
CA GLU M 332 37.73 -16.53 1.88
C GLU M 332 36.85 -15.31 2.08
C GLU M 332 36.84 -15.29 2.09
N ARG M 333 35.85 -15.07 1.22
CA ARG M 333 35.01 -13.89 1.34
C ARG M 333 33.57 -14.09 1.82
N ASP M 334 33.33 -15.10 2.64
CA ASP M 334 31.96 -15.31 3.12
C ASP M 334 31.62 -14.20 4.13
N TRP M 335 32.65 -13.71 4.81
CA TRP M 335 32.53 -12.66 5.81
C TRP M 335 33.70 -11.72 5.74
N THR N 10 -25.49 -26.13 40.17
CA THR N 10 -24.04 -26.51 40.09
C THR N 10 -23.47 -26.13 38.73
N ASN N 11 -22.15 -26.12 38.65
CA ASN N 11 -21.45 -25.81 37.40
C ASN N 11 -20.85 -27.09 36.84
N HIS N 12 -21.46 -27.60 35.79
CA HIS N 12 -20.99 -28.85 35.17
C HIS N 12 -19.93 -28.57 34.09
N ASN N 13 -19.43 -27.34 34.07
CA ASN N 13 -18.42 -26.94 33.09
C ASN N 13 -17.22 -26.29 33.79
N LEU N 14 -16.97 -26.68 35.02
CA LEU N 14 -15.85 -26.14 35.79
C LEU N 14 -14.55 -26.31 35.01
N HIS N 15 -14.35 -27.49 34.42
CA HIS N 15 -13.15 -27.79 33.67
C HIS N 15 -12.91 -26.79 32.53
N ILE N 16 -13.99 -26.12 32.11
CA ILE N 16 -13.90 -25.14 31.04
C ILE N 16 -13.70 -23.72 31.57
N THR N 17 -14.64 -23.28 32.40
CA THR N 17 -14.62 -21.94 32.97
C THR N 17 -13.32 -21.54 33.65
N GLU N 18 -12.63 -22.51 34.25
CA GLU N 18 -11.35 -22.24 34.92
C GLU N 18 -10.42 -21.46 34.00
N LYS N 19 -10.17 -22.05 32.84
CA LYS N 19 -9.30 -21.46 31.83
C LYS N 19 -9.77 -20.08 31.36
N LEU N 20 -11.02 -20.00 30.94
CA LEU N 20 -11.57 -18.73 30.47
C LEU N 20 -11.32 -17.60 31.47
N GLU N 21 -11.61 -17.87 32.73
CA GLU N 21 -11.42 -16.88 33.79
C GLU N 21 -9.99 -16.34 33.83
N VAL N 22 -9.01 -17.20 33.61
CA VAL N 22 -7.62 -16.78 33.62
C VAL N 22 -7.35 -15.81 32.47
N LEU N 23 -7.83 -16.16 31.28
CA LEU N 23 -7.64 -15.32 30.11
C LEU N 23 -8.46 -14.04 30.22
N ALA N 24 -9.59 -14.11 30.92
CA ALA N 24 -10.44 -12.94 31.11
C ALA N 24 -9.73 -11.96 32.04
N LYS N 25 -9.09 -12.49 33.07
CA LYS N 25 -8.37 -11.66 34.03
C LYS N 25 -7.18 -11.01 33.32
N ALA N 26 -6.56 -11.76 32.40
CA ALA N 26 -5.42 -11.26 31.64
C ALA N 26 -5.82 -10.03 30.83
N TYR N 27 -6.90 -10.16 30.07
CA TYR N 27 -7.40 -9.05 29.25
C TYR N 27 -7.76 -7.89 30.15
N SER N 28 -8.40 -8.19 31.27
CA SER N 28 -8.80 -7.16 32.22
C SER N 28 -7.61 -6.31 32.68
N VAL N 29 -6.58 -6.97 33.21
CA VAL N 29 -5.39 -6.25 33.69
C VAL N 29 -4.62 -5.51 32.60
N GLN N 30 -4.89 -5.82 31.34
CA GLN N 30 -4.22 -5.16 30.21
C GLN N 30 -5.05 -4.01 29.65
N GLY N 31 -6.24 -3.80 30.22
CA GLY N 31 -7.08 -2.71 29.78
C GLY N 31 -8.20 -2.99 28.78
N ASP N 32 -8.32 -4.24 28.33
CA ASP N 32 -9.37 -4.58 27.37
C ASP N 32 -10.70 -4.86 28.09
N LYS N 33 -11.21 -3.83 28.76
CA LYS N 33 -12.45 -3.88 29.55
C LYS N 33 -13.63 -4.62 28.91
N TRP N 34 -13.89 -4.34 27.63
CA TRP N 34 -15.01 -4.95 26.93
C TRP N 34 -14.82 -6.42 26.53
N ARG N 35 -13.66 -6.76 25.98
CA ARG N 35 -13.41 -8.14 25.62
C ARG N 35 -13.51 -8.95 26.92
N ALA N 36 -13.07 -8.33 28.01
CA ALA N 36 -13.10 -8.97 29.33
C ALA N 36 -14.54 -9.19 29.79
N LEU N 37 -15.40 -8.19 29.57
CA LEU N 37 -16.79 -8.32 29.95
C LEU N 37 -17.39 -9.45 29.11
N GLY N 38 -16.98 -9.52 27.85
CA GLY N 38 -17.46 -10.57 26.97
C GLY N 38 -17.15 -11.96 27.50
N TYR N 39 -15.90 -12.19 27.86
CA TYR N 39 -15.49 -13.48 28.42
C TYR N 39 -16.26 -13.74 29.71
N ALA N 40 -16.30 -12.74 30.58
CA ALA N 40 -16.99 -12.86 31.86
C ALA N 40 -18.44 -13.32 31.70
N LYS N 41 -19.15 -12.73 30.75
CA LYS N 41 -20.54 -13.10 30.51
C LYS N 41 -20.67 -14.51 29.95
N ALA N 42 -19.69 -14.92 29.16
CA ALA N 42 -19.71 -16.25 28.57
C ALA N 42 -19.45 -17.29 29.66
N ILE N 43 -18.73 -16.87 30.69
CA ILE N 43 -18.41 -17.78 31.79
C ILE N 43 -19.65 -18.01 32.66
N ASN N 44 -20.43 -16.95 32.88
CA ASN N 44 -21.65 -17.08 33.68
C ASN N 44 -22.64 -17.96 32.92
N ALA N 45 -22.81 -17.67 31.64
CA ALA N 45 -23.73 -18.45 30.81
C ALA N 45 -23.34 -19.91 30.81
N LEU N 46 -22.04 -20.17 30.96
CA LEU N 46 -21.52 -21.54 30.99
C LEU N 46 -21.90 -22.19 32.32
N LYS N 47 -21.72 -21.45 33.40
CA LYS N 47 -22.04 -21.94 34.74
C LYS N 47 -23.54 -22.15 34.90
N SER N 48 -24.31 -21.29 34.24
CA SER N 48 -25.77 -21.37 34.32
C SER N 48 -26.37 -22.49 33.47
N PHE N 49 -25.53 -23.15 32.67
CA PHE N 49 -26.00 -24.23 31.79
C PHE N 49 -26.39 -25.45 32.62
N HIS N 50 -27.26 -26.29 32.06
CA HIS N 50 -27.74 -27.48 32.76
C HIS N 50 -26.83 -28.70 32.71
N LYS N 51 -26.11 -28.88 31.61
CA LYS N 51 -25.22 -30.03 31.44
C LYS N 51 -23.84 -29.64 30.93
N PRO N 52 -22.91 -30.61 30.86
CA PRO N 52 -21.57 -30.29 30.37
C PRO N 52 -21.63 -29.92 28.89
N VAL N 53 -20.73 -29.03 28.46
CA VAL N 53 -20.67 -28.63 27.06
C VAL N 53 -19.83 -29.68 26.34
N THR N 54 -20.47 -30.44 25.45
CA THR N 54 -19.78 -31.52 24.74
C THR N 54 -19.42 -31.28 23.27
N SER N 55 -19.89 -30.19 22.67
CA SER N 55 -19.57 -29.93 21.26
C SER N 55 -19.65 -28.46 20.85
N TYR N 56 -19.09 -28.17 19.68
CA TYR N 56 -19.07 -26.82 19.12
C TYR N 56 -20.48 -26.28 18.86
N GLN N 57 -21.33 -27.09 18.22
CA GLN N 57 -22.70 -26.68 17.92
C GLN N 57 -23.50 -26.45 19.20
N GLU N 58 -23.26 -27.26 20.22
CA GLU N 58 -23.97 -27.12 21.49
C GLU N 58 -23.56 -25.79 22.15
N ALA N 59 -22.27 -25.48 22.07
CA ALA N 59 -21.76 -24.24 22.65
C ALA N 59 -22.41 -23.05 21.94
N CYS N 60 -22.49 -23.13 20.62
CA CYS N 60 -23.08 -22.07 19.81
C CYS N 60 -24.57 -21.87 20.05
N SER N 61 -25.22 -22.82 20.72
CA SER N 61 -26.66 -22.71 20.98
C SER N 61 -26.86 -21.99 22.31
N ILE N 62 -25.79 -21.81 23.05
CA ILE N 62 -25.85 -21.14 24.35
C ILE N 62 -25.77 -19.62 24.20
N PRO N 63 -26.80 -18.90 24.66
CA PRO N 63 -26.79 -17.45 24.56
C PRO N 63 -25.57 -16.88 25.30
N GLY N 64 -24.87 -15.95 24.65
CA GLY N 64 -23.69 -15.36 25.26
C GLY N 64 -22.41 -16.07 24.85
N ILE N 65 -22.54 -16.99 23.89
CA ILE N 65 -21.40 -17.74 23.40
C ILE N 65 -21.42 -17.79 21.88
N GLY N 66 -20.63 -16.92 21.25
CA GLY N 66 -20.55 -16.89 19.80
C GLY N 66 -19.60 -17.95 19.28
N LYS N 67 -19.22 -17.84 18.00
CA LYS N 67 -18.30 -18.80 17.40
C LYS N 67 -16.93 -18.81 18.08
N ARG N 68 -16.37 -17.62 18.29
CA ARG N 68 -15.06 -17.48 18.91
C ARG N 68 -14.94 -18.16 20.27
N MET N 69 -15.92 -17.94 21.13
CA MET N 69 -15.90 -18.53 22.46
C MET N 69 -16.08 -20.04 22.33
N ALA N 70 -16.89 -20.44 21.35
CA ALA N 70 -17.15 -21.84 21.09
C ALA N 70 -15.86 -22.54 20.70
N GLU N 71 -15.04 -21.86 19.90
CA GLU N 71 -13.77 -22.43 19.47
C GLU N 71 -12.82 -22.63 20.65
N LYS N 72 -12.94 -21.80 21.69
CA LYS N 72 -12.10 -21.93 22.87
C LYS N 72 -12.51 -23.19 23.63
N ILE N 73 -13.81 -23.33 23.86
CA ILE N 73 -14.35 -24.48 24.56
C ILE N 73 -13.95 -25.80 23.90
N ILE N 74 -13.97 -25.83 22.57
CA ILE N 74 -13.60 -27.03 21.82
C ILE N 74 -12.12 -27.38 21.94
N GLU N 75 -11.28 -26.35 21.89
CA GLU N 75 -9.84 -26.57 21.99
C GLU N 75 -9.54 -27.12 23.38
N ILE N 76 -10.32 -26.69 24.37
CA ILE N 76 -10.16 -27.14 25.74
C ILE N 76 -10.52 -28.63 25.87
N LEU N 77 -11.70 -28.99 25.37
CA LEU N 77 -12.16 -30.37 25.43
C LEU N 77 -11.36 -31.32 24.53
N GLU N 78 -10.84 -30.79 23.42
CA GLU N 78 -10.08 -31.60 22.48
C GLU N 78 -8.58 -31.67 22.78
N SER N 79 -7.99 -30.52 23.13
CA SER N 79 -6.56 -30.46 23.44
C SER N 79 -6.26 -30.52 24.94
N GLY N 80 -7.19 -30.05 25.75
CA GLY N 80 -6.99 -30.07 27.19
C GLY N 80 -6.63 -28.70 27.74
N HIS N 81 -6.70 -27.67 26.90
CA HIS N 81 -6.39 -26.31 27.31
C HIS N 81 -6.35 -25.33 26.14
N LEU N 82 -6.09 -24.06 26.45
CA LEU N 82 -6.03 -23.01 25.44
C LEU N 82 -4.57 -22.66 25.15
N ARG N 83 -4.25 -22.53 23.87
CA ARG N 83 -2.89 -22.19 23.48
C ARG N 83 -2.62 -20.72 23.74
N LYS N 84 -3.69 -19.95 23.91
CA LYS N 84 -3.58 -18.52 24.17
C LYS N 84 -3.14 -18.26 25.61
N LEU N 85 -3.37 -19.25 26.48
CA LEU N 85 -3.01 -19.15 27.88
C LEU N 85 -1.51 -19.37 28.13
N ASP N 86 -0.90 -20.21 27.32
CA ASP N 86 0.53 -20.50 27.46
C ASP N 86 1.37 -19.49 26.69
N HIS N 87 0.70 -18.49 26.10
CA HIS N 87 1.38 -17.46 25.33
C HIS N 87 1.03 -16.05 25.80
N ILE N 88 0.42 -15.94 26.97
CA ILE N 88 0.06 -14.62 27.52
C ILE N 88 1.34 -13.88 27.90
N SER N 89 1.33 -12.56 27.73
CA SER N 89 2.49 -11.74 28.06
C SER N 89 2.97 -11.95 29.48
N GLU N 90 4.28 -11.81 29.68
CA GLU N 90 4.87 -12.00 31.00
C GLU N 90 4.56 -10.84 31.94
N SER N 91 4.18 -9.71 31.37
CA SER N 91 3.86 -8.52 32.17
C SER N 91 2.60 -8.67 33.01
N VAL N 92 1.64 -9.43 32.50
CA VAL N 92 0.36 -9.65 33.18
C VAL N 92 0.47 -9.87 34.69
N PRO N 93 1.34 -10.79 35.13
CA PRO N 93 1.46 -11.01 36.58
C PRO N 93 1.81 -9.71 37.31
N VAL N 94 2.71 -8.92 36.73
CA VAL N 94 3.13 -7.66 37.32
C VAL N 94 2.02 -6.61 37.20
N LEU N 95 1.32 -6.62 36.06
CA LEU N 95 0.23 -5.67 35.85
C LEU N 95 -0.84 -5.90 36.92
N GLU N 96 -1.11 -7.16 37.23
CA GLU N 96 -2.11 -7.51 38.24
C GLU N 96 -1.66 -7.05 39.62
N LEU N 97 -0.40 -7.34 39.93
CA LEU N 97 0.18 -6.94 41.21
C LEU N 97 -0.03 -5.45 41.43
N PHE N 98 0.31 -4.66 40.42
CA PHE N 98 0.18 -3.21 40.49
C PHE N 98 -1.27 -2.73 40.61
N SER N 99 -2.19 -3.38 39.91
CA SER N 99 -3.60 -2.97 39.95
C SER N 99 -4.35 -3.46 41.19
N ASN N 100 -3.69 -4.26 42.02
CA ASN N 100 -4.33 -4.73 43.25
C ASN N 100 -4.25 -3.61 44.28
N ILE N 101 -3.50 -2.57 43.92
CA ILE N 101 -3.32 -1.40 44.77
C ILE N 101 -4.52 -0.47 44.57
N TRP N 102 -5.30 -0.28 45.63
CA TRP N 102 -6.48 0.57 45.55
C TRP N 102 -6.11 1.95 45.01
N GLY N 103 -6.74 2.32 43.90
CA GLY N 103 -6.48 3.62 43.29
C GLY N 103 -5.64 3.52 42.04
N ALA N 104 -5.10 2.32 41.80
CA ALA N 104 -4.26 2.10 40.63
C ALA N 104 -4.96 1.15 39.66
N GLY N 105 -5.39 1.69 38.52
CA GLY N 105 -6.06 0.87 37.52
C GLY N 105 -5.10 0.35 36.46
N THR N 106 -5.66 -0.09 35.33
CA THR N 106 -4.85 -0.63 34.25
C THR N 106 -3.85 0.37 33.65
N LYS N 107 -4.32 1.71 33.68
CA LYS N 107 -3.41 2.57 32.91
C LYS N 107 -2.11 2.85 33.67
N THR N 108 -2.39 2.93 35.06
CA THR N 108 -1.30 3.18 36.00
C THR N 108 -0.36 1.98 36.10
N ALA N 109 -0.92 0.78 35.92
CA ALA N 109 -0.12 -0.44 35.97
C ALA N 109 0.83 -0.45 34.78
N GLN N 110 0.29 -0.15 33.61
CA GLN N 110 1.07 -0.11 32.38
C GLN N 110 2.14 0.98 32.49
N MET N 111 1.80 2.07 33.17
CA MET N 111 2.75 3.16 33.33
C MET N 111 3.94 2.72 34.16
N TRP N 112 3.67 2.13 35.32
CA TRP N 112 4.74 1.69 36.20
C TRP N 112 5.59 0.56 35.60
N TYR N 113 4.95 -0.34 34.87
CA TYR N 113 5.69 -1.44 34.25
C TYR N 113 6.63 -0.89 33.20
N GLN N 114 6.14 0.03 32.38
CA GLN N 114 6.94 0.64 31.34
C GLN N 114 8.10 1.42 31.97
N GLN N 115 7.94 1.79 33.23
CA GLN N 115 8.97 2.54 33.93
C GLN N 115 10.01 1.61 34.55
N GLY N 116 9.96 0.33 34.20
CA GLY N 116 10.92 -0.63 34.72
C GLY N 116 10.61 -1.21 36.09
N PHE N 117 9.55 -0.73 36.73
CA PHE N 117 9.16 -1.21 38.05
C PHE N 117 8.63 -2.64 37.92
N ARG N 118 9.00 -3.50 38.86
CA ARG N 118 8.57 -4.90 38.81
C ARG N 118 7.99 -5.46 40.10
N SER N 119 8.37 -4.91 41.25
CA SER N 119 7.86 -5.38 42.53
C SER N 119 7.15 -4.27 43.29
N LEU N 120 6.49 -4.62 44.39
CA LEU N 120 5.80 -3.63 45.19
C LEU N 120 6.85 -2.72 45.83
N GLU N 121 8.01 -3.30 46.13
CA GLU N 121 9.12 -2.56 46.72
C GLU N 121 9.64 -1.50 45.76
N ASP N 122 9.51 -1.77 44.46
CA ASP N 122 9.95 -0.83 43.43
C ASP N 122 8.98 0.35 43.37
N ILE N 123 7.69 0.05 43.35
CA ILE N 123 6.66 1.08 43.30
C ILE N 123 6.81 1.93 44.56
N ARG N 124 6.94 1.24 45.70
CA ARG N 124 7.09 1.87 47.02
C ARG N 124 8.36 2.70 47.07
N SER N 125 9.30 2.38 46.19
CA SER N 125 10.59 3.07 46.14
C SER N 125 10.68 4.32 45.28
N GLN N 126 10.57 4.14 43.95
CA GLN N 126 10.69 5.25 43.03
C GLN N 126 9.47 5.56 42.16
N ALA N 127 8.31 5.03 42.54
CA ALA N 127 7.09 5.26 41.76
C ALA N 127 6.23 6.39 42.33
N SER N 128 5.72 7.26 41.46
CA SER N 128 4.88 8.36 41.89
C SER N 128 3.53 7.79 42.36
N LEU N 129 3.04 8.25 43.50
CA LEU N 129 1.79 7.74 44.05
C LEU N 129 0.77 8.82 44.40
N THR N 130 -0.48 8.59 44.03
CA THR N 130 -1.54 9.54 44.35
C THR N 130 -1.88 9.28 45.81
N THR N 131 -2.53 10.24 46.46
CA THR N 131 -2.90 10.08 47.86
C THR N 131 -3.59 8.75 48.10
N GLN N 132 -4.62 8.45 47.30
CA GLN N 132 -5.36 7.21 47.45
C GLN N 132 -4.44 6.00 47.29
N GLN N 133 -3.60 6.05 46.27
CA GLN N 133 -2.68 4.95 46.00
C GLN N 133 -1.70 4.70 47.15
N ALA N 134 -1.10 5.78 47.68
CA ALA N 134 -0.17 5.64 48.79
C ALA N 134 -0.85 4.89 49.93
N ILE N 135 -2.13 5.17 50.15
CA ILE N 135 -2.91 4.51 51.19
C ILE N 135 -3.12 3.05 50.80
N GLY N 136 -3.41 2.83 49.52
CA GLY N 136 -3.64 1.48 49.04
C GLY N 136 -2.38 0.65 49.21
N LEU N 137 -1.23 1.26 48.94
CA LEU N 137 0.04 0.57 49.06
C LEU N 137 0.35 0.30 50.53
N LYS N 138 -0.01 1.24 51.40
CA LYS N 138 0.22 1.08 52.83
C LYS N 138 -0.56 -0.09 53.42
N HIS N 139 -1.73 -0.36 52.86
CA HIS N 139 -2.57 -1.47 53.32
C HIS N 139 -2.71 -2.58 52.27
N TYR N 140 -1.73 -2.68 51.37
CA TYR N 140 -1.78 -3.69 50.32
C TYR N 140 -2.16 -5.06 50.85
N SER N 141 -1.39 -5.54 51.83
CA SER N 141 -1.64 -6.85 52.44
C SER N 141 -3.03 -6.97 53.05
N ASP N 142 -3.42 -5.98 53.85
CA ASP N 142 -4.74 -6.01 54.48
C ASP N 142 -5.89 -6.03 53.46
N PHE N 143 -5.78 -5.18 52.44
CA PHE N 143 -6.83 -5.08 51.44
C PHE N 143 -6.94 -6.22 50.44
N LEU N 144 -6.13 -7.26 50.58
CA LEU N 144 -6.22 -8.38 49.65
C LEU N 144 -6.92 -9.56 50.29
N GLU N 145 -7.18 -9.47 51.59
CA GLU N 145 -7.83 -10.55 52.29
C GLU N 145 -9.30 -10.28 52.59
N ARG N 146 -10.15 -11.22 52.20
CA ARG N 146 -11.59 -11.13 52.44
C ARG N 146 -11.76 -11.30 53.95
N MET N 147 -12.55 -10.45 54.57
CA MET N 147 -12.76 -10.53 56.02
C MET N 147 -13.86 -11.52 56.37
N PRO N 148 -13.77 -12.15 57.55
CA PRO N 148 -14.82 -13.10 57.94
C PRO N 148 -16.14 -12.36 58.00
N ARG N 149 -17.24 -13.05 57.73
CA ARG N 149 -18.55 -12.44 57.77
C ARG N 149 -18.82 -11.83 59.15
N GLU N 150 -18.25 -12.45 60.17
CA GLU N 150 -18.42 -11.98 61.54
C GLU N 150 -17.75 -10.63 61.77
N GLU N 151 -16.57 -10.44 61.18
CA GLU N 151 -15.85 -9.18 61.34
C GLU N 151 -16.66 -8.04 60.75
N ALA N 152 -17.25 -8.30 59.58
CA ALA N 152 -18.06 -7.30 58.90
C ALA N 152 -19.19 -6.84 59.82
N THR N 153 -19.86 -7.80 60.46
CA THR N 153 -20.96 -7.51 61.37
C THR N 153 -20.53 -6.49 62.43
N GLU N 154 -19.35 -6.71 63.01
CA GLU N 154 -18.83 -5.82 64.04
C GLU N 154 -18.68 -4.40 63.47
N ILE N 155 -18.14 -4.32 62.26
CA ILE N 155 -17.94 -3.05 61.59
C ILE N 155 -19.29 -2.36 61.35
N GLU N 156 -20.20 -3.09 60.73
CA GLU N 156 -21.54 -2.57 60.45
C GLU N 156 -22.20 -2.03 61.73
N GLN N 157 -22.07 -2.77 62.83
CA GLN N 157 -22.66 -2.35 64.10
C GLN N 157 -22.03 -1.06 64.61
N THR N 158 -20.70 -1.02 64.61
CA THR N 158 -19.96 0.16 65.06
C THR N 158 -20.54 1.43 64.45
N VAL N 159 -20.74 1.39 63.14
CA VAL N 159 -21.29 2.52 62.39
C VAL N 159 -22.75 2.81 62.79
N GLN N 160 -23.54 1.74 62.94
CA GLN N 160 -24.94 1.90 63.31
C GLN N 160 -25.09 2.48 64.72
N LYS N 161 -24.32 1.96 65.67
CA LYS N 161 -24.38 2.46 67.04
C LYS N 161 -24.02 3.95 67.06
N ALA N 162 -22.90 4.28 66.45
CA ALA N 162 -22.41 5.65 66.37
C ALA N 162 -23.41 6.60 65.72
N ALA N 163 -24.19 6.08 64.77
CA ALA N 163 -25.19 6.87 64.05
C ALA N 163 -26.52 6.95 64.79
N GLN N 164 -26.94 5.83 65.36
CA GLN N 164 -28.21 5.78 66.10
C GLN N 164 -28.13 6.66 67.34
N ALA N 165 -26.92 7.15 67.63
CA ALA N 165 -26.70 8.03 68.77
C ALA N 165 -27.34 9.38 68.47
N PHE N 166 -27.22 9.82 67.22
CA PHE N 166 -27.78 11.09 66.77
C PHE N 166 -29.26 10.99 66.45
N ASN N 167 -29.71 9.78 66.12
CA ASN N 167 -31.10 9.55 65.79
C ASN N 167 -31.34 8.04 65.71
N SER N 168 -32.07 7.53 66.69
CA SER N 168 -32.38 6.11 66.76
C SER N 168 -33.26 5.65 65.60
N GLY N 169 -34.05 6.56 65.04
CA GLY N 169 -34.92 6.22 63.94
C GLY N 169 -34.22 5.80 62.66
N LEU N 170 -32.92 6.07 62.57
CA LEU N 170 -32.14 5.72 61.40
C LEU N 170 -32.03 4.21 61.18
N LEU N 171 -32.02 3.80 59.92
CA LEU N 171 -31.88 2.39 59.55
C LEU N 171 -30.50 2.20 58.92
N CYS N 172 -29.82 1.13 59.33
CA CYS N 172 -28.48 0.85 58.82
C CYS N 172 -28.37 -0.56 58.27
N VAL N 173 -28.03 -0.66 56.99
CA VAL N 173 -27.93 -1.94 56.32
C VAL N 173 -26.59 -2.15 55.62
N ALA N 174 -25.88 -3.20 56.00
CA ALA N 174 -24.60 -3.51 55.36
C ALA N 174 -24.99 -4.25 54.08
N CYS N 175 -24.62 -3.69 52.93
CA CYS N 175 -24.97 -4.30 51.65
C CYS N 175 -23.86 -5.16 51.05
N GLY N 176 -23.65 -5.02 49.74
CA GLY N 176 -22.61 -5.77 49.07
C GLY N 176 -22.65 -7.28 49.29
N SER N 177 -21.51 -7.92 49.03
CA SER N 177 -21.38 -9.36 49.17
C SER N 177 -21.91 -9.84 50.53
N TYR N 178 -21.75 -8.99 51.55
CA TYR N 178 -22.23 -9.34 52.88
C TYR N 178 -23.73 -9.63 52.80
N ARG N 179 -24.48 -8.70 52.22
CA ARG N 179 -25.93 -8.86 52.09
C ARG N 179 -26.28 -10.06 51.21
N ARG N 180 -25.43 -10.36 50.24
CA ARG N 180 -25.68 -11.50 49.36
C ARG N 180 -25.38 -12.80 50.12
N GLY N 181 -25.06 -12.65 51.40
CA GLY N 181 -24.79 -13.79 52.27
C GLY N 181 -23.53 -14.59 52.00
N LYS N 182 -22.39 -13.92 51.82
CA LYS N 182 -21.15 -14.63 51.57
C LYS N 182 -20.41 -14.92 52.87
N ALA N 183 -19.55 -15.94 52.83
CA ALA N 183 -18.77 -16.36 54.00
C ALA N 183 -17.75 -15.28 54.34
N THR N 184 -17.19 -14.66 53.30
CA THR N 184 -16.20 -13.60 53.48
C THR N 184 -16.58 -12.37 52.65
N CYS N 185 -15.95 -11.24 52.97
CA CYS N 185 -16.23 -9.99 52.26
C CYS N 185 -14.93 -9.21 52.02
N GLY N 186 -14.87 -8.52 50.89
CA GLY N 186 -13.68 -7.75 50.56
C GLY N 186 -13.78 -6.34 51.11
N ASP N 187 -14.92 -6.01 51.69
CA ASP N 187 -15.15 -4.67 52.25
C ASP N 187 -16.56 -4.62 52.82
N VAL N 188 -16.89 -3.52 53.50
CA VAL N 188 -18.22 -3.36 54.09
C VAL N 188 -18.90 -2.06 53.70
N ASP N 189 -20.08 -2.18 53.08
CA ASP N 189 -20.86 -1.03 52.65
C ASP N 189 -22.04 -0.83 53.60
N VAL N 190 -22.07 0.31 54.27
CA VAL N 190 -23.16 0.61 55.20
C VAL N 190 -24.13 1.65 54.65
N LEU N 191 -25.30 1.19 54.22
CA LEU N 191 -26.32 2.07 53.67
C LEU N 191 -27.18 2.57 54.84
N ILE N 192 -27.34 3.88 54.93
CA ILE N 192 -28.12 4.48 56.02
C ILE N 192 -29.18 5.46 55.52
N THR N 193 -30.32 5.49 56.20
CA THR N 193 -31.42 6.38 55.84
C THR N 193 -32.42 6.50 56.99
N HIS N 194 -33.41 7.37 56.82
CA HIS N 194 -34.45 7.55 57.84
C HIS N 194 -35.82 7.46 57.16
N PRO N 195 -36.76 6.75 57.79
CA PRO N 195 -38.13 6.55 57.29
C PRO N 195 -39.00 7.78 56.99
N ASP N 196 -38.88 8.86 57.75
CA ASP N 196 -39.71 10.02 57.47
C ASP N 196 -39.29 10.78 56.21
N GLY N 197 -38.19 10.35 55.61
CA GLY N 197 -37.71 10.96 54.38
C GLY N 197 -36.87 12.23 54.47
N ARG N 198 -36.61 12.72 55.67
CA ARG N 198 -35.79 13.95 55.81
C ARG N 198 -34.83 14.01 56.98
N SER N 199 -35.06 13.18 58.00
CA SER N 199 -34.20 13.18 59.18
C SER N 199 -32.79 12.62 58.97
N HIS N 200 -32.51 12.11 57.78
CA HIS N 200 -31.20 11.55 57.46
C HIS N 200 -30.20 12.69 57.25
N ARG N 201 -30.72 13.84 56.82
CA ARG N 201 -29.91 15.03 56.58
C ARG N 201 -29.21 15.46 57.86
N GLY N 202 -28.03 16.05 57.71
CA GLY N 202 -27.27 16.51 58.87
C GLY N 202 -26.76 15.39 59.77
N ILE N 203 -26.46 14.24 59.17
CA ILE N 203 -25.97 13.09 59.93
C ILE N 203 -24.60 12.62 59.44
N PHE N 204 -24.46 12.53 58.12
CA PHE N 204 -23.23 12.10 57.47
C PHE N 204 -21.96 12.61 58.15
N SER N 205 -21.79 13.93 58.18
CA SER N 205 -20.62 14.56 58.78
C SER N 205 -20.52 14.32 60.28
N ARG N 206 -21.60 14.59 61.00
CA ARG N 206 -21.62 14.38 62.44
C ARG N 206 -21.16 12.95 62.75
N LEU N 207 -21.53 12.02 61.87
CA LEU N 207 -21.18 10.61 62.03
C LEU N 207 -19.71 10.32 61.77
N LEU N 208 -19.18 10.85 60.68
CA LEU N 208 -17.78 10.62 60.34
C LEU N 208 -16.83 11.09 61.43
N ASP N 209 -17.14 12.22 62.06
CA ASP N 209 -16.30 12.75 63.13
C ASP N 209 -16.41 11.89 64.39
N SER N 210 -17.52 11.18 64.54
CA SER N 210 -17.72 10.33 65.70
C SER N 210 -16.92 9.04 65.53
N LEU N 211 -16.75 8.62 64.27
CA LEU N 211 -16.00 7.41 63.98
C LEU N 211 -14.51 7.67 64.10
N ARG N 212 -14.12 8.93 64.00
CA ARG N 212 -12.71 9.30 64.12
C ARG N 212 -12.36 9.48 65.59
N GLN N 213 -13.20 10.22 66.31
CA GLN N 213 -12.97 10.45 67.73
C GLN N 213 -12.75 9.11 68.40
N GLU N 214 -13.36 8.06 67.84
CA GLU N 214 -13.23 6.71 68.38
C GLU N 214 -12.01 5.96 67.85
N GLY N 215 -11.27 6.59 66.95
CA GLY N 215 -10.09 5.96 66.38
C GLY N 215 -10.43 4.79 65.48
N PHE N 216 -11.67 4.76 65.01
CA PHE N 216 -12.15 3.69 64.14
C PHE N 216 -11.69 3.87 62.69
N LEU N 217 -11.76 5.10 62.18
CA LEU N 217 -11.35 5.38 60.81
C LEU N 217 -9.86 5.71 60.76
N THR N 218 -9.09 4.89 60.05
CA THR N 218 -7.66 5.08 59.95
C THR N 218 -7.20 5.91 58.75
N ASP N 219 -7.95 5.82 57.66
CA ASP N 219 -7.60 6.58 56.45
C ASP N 219 -8.84 6.93 55.63
N ASP N 220 -8.76 8.05 54.93
CA ASP N 220 -9.84 8.51 54.07
C ASP N 220 -9.40 8.40 52.61
N LEU N 221 -10.21 7.72 51.79
CA LEU N 221 -9.89 7.58 50.37
C LEU N 221 -10.67 8.68 49.65
N VAL N 222 -11.89 8.92 50.11
CA VAL N 222 -12.78 9.96 49.58
C VAL N 222 -13.62 10.45 50.75
N SER N 223 -13.09 11.41 51.50
CA SER N 223 -13.78 11.96 52.67
C SER N 223 -15.28 12.23 52.43
N GLN N 224 -15.62 12.72 51.23
CA GLN N 224 -17.02 12.96 50.90
C GLN N 224 -17.31 13.05 49.42
N GLU N 225 -18.34 12.31 49.00
CA GLU N 225 -18.78 12.30 47.62
C GLU N 225 -20.26 12.58 47.59
N GLU N 226 -20.64 13.71 47.00
CA GLU N 226 -22.06 14.04 46.91
C GLU N 226 -22.61 13.76 45.53
N ASN N 227 -23.41 12.70 45.46
CA ASN N 227 -24.05 12.26 44.24
C ASN N 227 -25.55 12.52 44.44
N GLY N 228 -26.04 13.64 43.89
CA GLY N 228 -27.43 13.98 44.09
C GLY N 228 -27.64 14.12 45.58
N GLN N 229 -28.75 13.58 46.10
CA GLN N 229 -29.02 13.66 47.53
C GLN N 229 -28.30 12.59 48.35
N GLN N 230 -27.50 11.77 47.66
CA GLN N 230 -26.74 10.72 48.33
C GLN N 230 -25.33 11.19 48.71
N GLN N 231 -24.94 10.93 49.95
CA GLN N 231 -23.63 11.29 50.46
C GLN N 231 -22.87 10.01 50.72
N LYS N 232 -21.71 9.85 50.11
CA LYS N 232 -20.94 8.63 50.31
C LYS N 232 -19.53 8.87 50.83
N TYR N 233 -19.08 7.98 51.70
CA TYR N 233 -17.75 8.05 52.29
C TYR N 233 -16.96 6.79 51.94
N LEU N 234 -15.75 6.96 51.43
CA LEU N 234 -14.89 5.85 51.08
C LEU N 234 -13.65 5.96 51.95
N GLY N 235 -13.40 4.97 52.78
CA GLY N 235 -12.23 5.02 53.65
C GLY N 235 -11.73 3.71 54.23
N VAL N 236 -10.90 3.82 55.27
CA VAL N 236 -10.32 2.65 55.92
C VAL N 236 -10.59 2.63 57.42
N CYS N 237 -11.02 1.49 57.95
CA CYS N 237 -11.30 1.38 59.37
C CYS N 237 -10.53 0.22 60.01
N ARG N 238 -10.52 0.19 61.34
CA ARG N 238 -9.83 -0.86 62.09
C ARG N 238 -10.48 -1.09 63.46
N LEU N 239 -11.07 -2.27 63.63
CA LEU N 239 -11.72 -2.63 64.90
C LEU N 239 -10.70 -2.70 66.02
N PRO N 240 -11.07 -2.23 67.22
CA PRO N 240 -10.10 -2.28 68.31
C PRO N 240 -9.77 -3.76 68.56
N GLY N 241 -8.68 -4.00 69.26
CA GLY N 241 -8.30 -5.37 69.54
C GLY N 241 -7.03 -5.78 68.85
N PRO N 242 -6.19 -6.58 69.53
CA PRO N 242 -4.92 -7.02 68.95
C PRO N 242 -5.13 -7.97 67.78
N GLY N 243 -4.43 -7.71 66.67
CA GLY N 243 -4.53 -8.57 65.51
C GLY N 243 -5.50 -8.13 64.42
N ARG N 244 -6.34 -7.15 64.74
CA ARG N 244 -7.32 -6.65 63.77
C ARG N 244 -6.62 -6.03 62.58
N ARG N 245 -7.03 -6.41 61.38
CA ARG N 245 -6.43 -5.86 60.17
C ARG N 245 -7.27 -4.67 59.73
N HIS N 246 -6.75 -3.90 58.78
CA HIS N 246 -7.46 -2.74 58.24
C HIS N 246 -8.41 -3.18 57.15
N ARG N 247 -9.59 -2.57 57.10
CA ARG N 247 -10.59 -2.95 56.11
C ARG N 247 -11.15 -1.80 55.31
N ARG N 248 -11.71 -2.13 54.15
CA ARG N 248 -12.34 -1.15 53.26
C ARG N 248 -13.75 -0.89 53.78
N LEU N 249 -14.00 0.34 54.22
CA LEU N 249 -15.31 0.69 54.74
C LEU N 249 -15.97 1.77 53.89
N ASP N 250 -17.21 1.50 53.49
CA ASP N 250 -17.99 2.44 52.70
C ASP N 250 -19.21 2.85 53.51
N ILE N 251 -19.47 4.14 53.60
CA ILE N 251 -20.63 4.63 54.32
C ILE N 251 -21.47 5.49 53.39
N ILE N 252 -22.71 5.07 53.19
CA ILE N 252 -23.62 5.77 52.29
C ILE N 252 -24.91 6.19 52.99
N VAL N 253 -25.18 7.50 53.00
CA VAL N 253 -26.40 8.01 53.60
C VAL N 253 -27.31 8.51 52.48
N VAL N 254 -28.53 7.98 52.40
CA VAL N 254 -29.46 8.36 51.35
C VAL N 254 -30.85 8.71 51.85
N PRO N 255 -31.62 9.45 51.05
CA PRO N 255 -32.98 9.82 51.47
C PRO N 255 -33.84 8.55 51.34
N TYR N 256 -34.85 8.43 52.20
CA TYR N 256 -35.71 7.26 52.20
C TYR N 256 -36.31 6.90 50.85
N SER N 257 -36.72 7.90 50.08
CA SER N 257 -37.33 7.67 48.77
C SER N 257 -36.42 6.96 47.77
N GLU N 258 -35.11 6.95 48.04
CA GLU N 258 -34.18 6.28 47.14
C GLU N 258 -33.59 5.02 47.78
N PHE N 259 -34.02 4.74 48.99
CA PHE N 259 -33.53 3.59 49.73
C PHE N 259 -33.61 2.26 48.99
N ALA N 260 -34.78 1.96 48.44
CA ALA N 260 -34.98 0.72 47.70
C ALA N 260 -33.96 0.57 46.57
N CYS N 261 -33.80 1.61 45.76
CA CYS N 261 -32.85 1.58 44.65
C CYS N 261 -31.38 1.59 45.11
N ALA N 262 -31.13 2.17 46.29
CA ALA N 262 -29.77 2.20 46.81
C ALA N 262 -29.39 0.81 47.32
N LEU N 263 -30.33 0.16 48.00
CA LEU N 263 -30.11 -1.18 48.52
C LEU N 263 -29.81 -2.13 47.37
N LEU N 264 -30.62 -2.05 46.32
CA LEU N 264 -30.46 -2.91 45.16
C LEU N 264 -29.08 -2.70 44.53
N TYR N 265 -28.79 -1.44 44.19
CA TYR N 265 -27.53 -1.07 43.57
C TYR N 265 -26.30 -1.48 44.38
N PHE N 266 -26.24 -1.03 45.62
CA PHE N 266 -25.09 -1.34 46.45
C PHE N 266 -24.95 -2.78 46.91
N THR N 267 -26.02 -3.56 46.74
CA THR N 267 -25.98 -4.96 47.11
C THR N 267 -25.29 -5.72 45.97
N GLY N 268 -25.58 -5.35 44.73
CA GLY N 268 -24.97 -5.99 43.58
C GLY N 268 -25.52 -7.39 43.30
N SER N 269 -24.74 -8.24 42.64
CA SER N 269 -23.39 -7.91 42.17
C SER N 269 -23.38 -7.00 40.94
N ALA N 270 -22.17 -6.70 40.46
CA ALA N 270 -21.99 -5.85 39.29
C ALA N 270 -22.64 -6.48 38.06
N HIS N 271 -22.67 -7.80 38.03
CA HIS N 271 -23.29 -8.51 36.92
C HIS N 271 -24.81 -8.37 37.06
N PHE N 272 -25.30 -8.55 38.28
CA PHE N 272 -26.72 -8.45 38.51
C PHE N 272 -27.24 -7.04 38.17
N ASN N 273 -26.56 -6.00 38.64
CA ASN N 273 -26.97 -4.62 38.36
C ASN N 273 -26.91 -4.34 36.86
N ARG N 274 -25.95 -4.97 36.19
CA ARG N 274 -25.79 -4.79 34.76
C ARG N 274 -26.98 -5.38 34.00
N SER N 275 -27.40 -6.58 34.38
CA SER N 275 -28.53 -7.22 33.72
C SER N 275 -29.82 -6.50 34.10
N MET N 276 -29.88 -6.01 35.33
CA MET N 276 -31.06 -5.27 35.78
C MET N 276 -31.23 -4.01 34.93
N ARG N 277 -30.13 -3.36 34.57
CA ARG N 277 -30.20 -2.15 33.74
C ARG N 277 -30.62 -2.46 32.30
N ALA N 278 -30.10 -3.54 31.75
CA ALA N 278 -30.43 -3.93 30.39
C ALA N 278 -31.91 -4.25 30.31
N LEU N 279 -32.45 -4.86 31.37
CA LEU N 279 -33.86 -5.21 31.40
C LEU N 279 -34.71 -3.96 31.38
N ALA N 280 -34.43 -3.03 32.28
CA ALA N 280 -35.18 -1.76 32.35
C ALA N 280 -35.20 -1.12 30.96
N LYS N 281 -34.01 -1.07 30.36
CA LYS N 281 -33.85 -0.47 29.03
C LYS N 281 -34.81 -1.07 28.00
N THR N 282 -35.01 -2.38 28.04
CA THR N 282 -35.91 -3.04 27.09
C THR N 282 -37.34 -2.59 27.34
N LYS N 283 -37.61 -2.12 28.55
CA LYS N 283 -38.95 -1.67 28.91
C LYS N 283 -39.08 -0.16 29.08
N GLY N 284 -38.31 0.57 28.29
CA GLY N 284 -38.34 2.03 28.34
C GLY N 284 -38.08 2.64 29.70
N MET N 285 -37.22 1.99 30.48
CA MET N 285 -36.87 2.49 31.81
C MET N 285 -35.37 2.48 32.02
N SER N 286 -34.94 3.08 33.12
CA SER N 286 -33.53 3.13 33.49
C SER N 286 -33.48 2.89 34.98
N LEU N 287 -32.42 2.25 35.45
CA LEU N 287 -32.25 1.97 36.86
C LEU N 287 -30.87 2.38 37.34
N SER N 288 -30.84 3.18 38.41
CA SER N 288 -29.59 3.65 38.99
C SER N 288 -29.71 3.46 40.50
N GLU N 289 -28.73 3.97 41.24
CA GLU N 289 -28.75 3.86 42.68
C GLU N 289 -29.78 4.83 43.25
N HIS N 290 -30.17 5.82 42.43
CA HIS N 290 -31.15 6.81 42.85
C HIS N 290 -32.59 6.36 42.65
N ALA N 291 -32.89 5.78 41.49
CA ALA N 291 -34.25 5.37 41.22
C ALA N 291 -34.44 4.62 39.91
N LEU N 292 -35.67 4.14 39.74
CA LEU N 292 -36.12 3.46 38.54
C LEU N 292 -36.99 4.54 37.91
N SER N 293 -36.79 4.83 36.64
CA SER N 293 -37.60 5.85 36.01
C SER N 293 -37.81 5.60 34.52
N THR N 294 -38.74 6.34 33.92
CA THR N 294 -39.01 6.20 32.50
C THR N 294 -37.82 6.75 31.73
N ALA N 295 -37.63 6.25 30.51
CA ALA N 295 -36.52 6.65 29.65
C ALA N 295 -36.36 8.16 29.49
N VAL N 296 -35.12 8.60 29.31
CA VAL N 296 -34.79 10.00 29.13
C VAL N 296 -35.34 10.50 27.79
N VAL N 297 -35.75 11.77 27.77
CA VAL N 297 -36.30 12.36 26.55
C VAL N 297 -35.17 12.84 25.64
N ARG N 298 -35.19 12.36 24.40
CA ARG N 298 -34.17 12.74 23.42
C ARG N 298 -34.79 13.46 22.22
N ASN N 299 -34.03 14.34 21.58
CA ASN N 299 -34.52 15.08 20.43
C ASN N 299 -34.18 14.40 19.11
N THR N 300 -34.23 15.15 18.02
CA THR N 300 -33.92 14.63 16.69
C THR N 300 -32.48 14.17 16.59
N HIS N 301 -31.55 15.02 17.03
CA HIS N 301 -30.12 14.68 16.98
C HIS N 301 -29.80 13.52 17.92
N GLY N 302 -30.74 13.19 18.80
CA GLY N 302 -30.53 12.10 19.74
C GLY N 302 -30.00 12.58 21.07
N CYS N 303 -29.98 13.89 21.25
CA CYS N 303 -29.49 14.51 22.49
C CYS N 303 -30.54 14.39 23.60
N LYS N 304 -30.07 14.28 24.84
CA LYS N 304 -30.96 14.19 25.99
C LYS N 304 -31.52 15.56 26.31
N VAL N 305 -32.75 15.81 25.90
CA VAL N 305 -33.41 17.09 26.13
C VAL N 305 -33.83 17.24 27.59
N GLY N 306 -34.43 16.19 28.14
CA GLY N 306 -34.88 16.24 29.52
C GLY N 306 -34.74 14.92 30.26
N PRO N 307 -34.93 14.91 31.59
CA PRO N 307 -34.83 13.69 32.41
C PRO N 307 -36.12 12.90 32.40
N GLY N 308 -36.02 11.61 32.74
CA GLY N 308 -37.21 10.77 32.78
C GLY N 308 -38.00 11.05 34.05
N ARG N 309 -39.08 10.30 34.26
CA ARG N 309 -39.90 10.49 35.44
C ARG N 309 -39.70 9.34 36.42
N VAL N 310 -39.38 9.68 37.67
CA VAL N 310 -39.16 8.66 38.69
C VAL N 310 -40.42 7.86 39.04
N LEU N 311 -40.25 6.55 39.18
CA LEU N 311 -41.35 5.66 39.53
C LEU N 311 -41.11 5.22 40.98
N PRO N 312 -41.80 5.85 41.94
CA PRO N 312 -41.65 5.53 43.36
C PRO N 312 -41.59 4.05 43.66
N THR N 313 -40.52 3.66 44.37
CA THR N 313 -40.29 2.28 44.77
C THR N 313 -39.89 2.28 46.24
N PRO N 314 -40.88 2.09 47.13
CA PRO N 314 -40.64 2.06 48.57
C PRO N 314 -39.68 0.95 48.98
N THR N 315 -39.78 -0.19 48.30
CA THR N 315 -38.95 -1.36 48.62
C THR N 315 -38.38 -1.99 47.38
N GLU N 316 -37.37 -2.84 47.55
CA GLU N 316 -36.76 -3.54 46.42
C GLU N 316 -37.84 -4.23 45.60
N LYS N 317 -38.69 -4.98 46.28
CA LYS N 317 -39.80 -5.70 45.66
C LYS N 317 -40.57 -4.84 44.68
N ASP N 318 -40.65 -3.54 44.95
CA ASP N 318 -41.36 -2.62 44.07
C ASP N 318 -40.60 -2.39 42.77
N VAL N 319 -39.27 -2.50 42.80
CA VAL N 319 -38.48 -2.31 41.60
C VAL N 319 -38.66 -3.51 40.67
N PHE N 320 -38.62 -4.71 41.25
CA PHE N 320 -38.81 -5.93 40.47
C PHE N 320 -40.22 -5.92 39.87
N ARG N 321 -41.19 -5.62 40.72
CA ARG N 321 -42.59 -5.58 40.30
C ARG N 321 -42.80 -4.70 39.08
N LEU N 322 -42.37 -3.45 39.15
CA LEU N 322 -42.54 -2.52 38.04
C LEU N 322 -41.75 -2.96 36.81
N LEU N 323 -40.66 -3.69 37.03
CA LEU N 323 -39.85 -4.19 35.92
C LEU N 323 -40.46 -5.47 35.38
N GLY N 324 -41.44 -6.01 36.11
CA GLY N 324 -42.11 -7.24 35.72
C GLY N 324 -41.26 -8.47 35.96
N LEU N 325 -40.65 -8.55 37.14
CA LEU N 325 -39.80 -9.69 37.49
C LEU N 325 -40.09 -10.27 38.86
N PRO N 326 -39.80 -11.56 39.06
CA PRO N 326 -40.05 -12.17 40.37
C PRO N 326 -38.92 -11.69 41.28
N TYR N 327 -39.27 -11.13 42.44
CA TYR N 327 -38.26 -10.64 43.38
C TYR N 327 -37.20 -11.70 43.65
N ARG N 328 -35.94 -11.35 43.43
CA ARG N 328 -34.86 -12.29 43.67
C ARG N 328 -34.12 -11.99 44.97
N GLU N 329 -34.05 -12.99 45.85
CA GLU N 329 -33.37 -12.85 47.13
C GLU N 329 -31.92 -12.44 46.88
N PRO N 330 -31.36 -11.59 47.76
CA PRO N 330 -29.97 -11.13 47.61
C PRO N 330 -28.98 -12.26 47.36
N ALA N 331 -29.17 -13.39 48.06
CA ALA N 331 -28.28 -14.53 47.92
C ALA N 331 -28.32 -15.18 46.53
N GLU N 332 -29.23 -14.72 45.69
CA GLU N 332 -29.36 -15.27 44.34
C GLU N 332 -28.93 -14.26 43.28
N ARG N 333 -28.34 -13.14 43.72
CA ARG N 333 -27.92 -12.09 42.80
C ARG N 333 -26.43 -12.11 42.46
N ASP N 334 -25.91 -13.28 42.08
CA ASP N 334 -24.50 -13.36 41.74
C ASP N 334 -24.26 -12.98 40.28
N TRP N 335 -25.19 -13.37 39.41
CA TRP N 335 -25.08 -13.06 37.98
C TRP N 335 -26.38 -12.43 37.48
N THR O 10 -15.17 -26.69 -9.62
CA THR O 10 -15.97 -27.89 -9.23
C THR O 10 -16.70 -27.67 -7.90
N ASN O 11 -17.92 -28.19 -7.80
CA ASN O 11 -18.72 -28.05 -6.59
C ASN O 11 -18.70 -29.34 -5.78
N HIS O 12 -18.08 -29.29 -4.60
CA HIS O 12 -17.97 -30.45 -3.74
C HIS O 12 -19.14 -30.60 -2.76
N ASN O 13 -20.09 -29.67 -2.80
CA ASN O 13 -21.23 -29.70 -1.89
C ASN O 13 -22.54 -29.50 -2.62
N LEU O 14 -22.71 -30.19 -3.75
CA LEU O 14 -23.92 -30.05 -4.55
C LEU O 14 -25.18 -30.59 -3.88
N HIS O 15 -25.05 -31.65 -3.09
CA HIS O 15 -26.22 -32.24 -2.42
C HIS O 15 -26.75 -31.31 -1.32
N ILE O 16 -26.03 -30.22 -1.08
CA ILE O 16 -26.41 -29.24 -0.09
C ILE O 16 -26.88 -27.97 -0.79
N THR O 17 -26.03 -27.43 -1.66
CA THR O 17 -26.36 -26.22 -2.40
C THR O 17 -27.67 -26.33 -3.18
N GLU O 18 -27.94 -27.51 -3.74
CA GLU O 18 -29.16 -27.70 -4.51
C GLU O 18 -30.41 -27.58 -3.63
N LYS O 19 -30.25 -27.88 -2.34
CA LYS O 19 -31.36 -27.78 -1.41
C LYS O 19 -31.52 -26.34 -0.93
N LEU O 20 -30.39 -25.68 -0.69
CA LEU O 20 -30.42 -24.30 -0.24
C LEU O 20 -30.98 -23.41 -1.34
N GLU O 21 -30.63 -23.72 -2.59
CA GLU O 21 -31.10 -22.96 -3.74
C GLU O 21 -32.61 -22.99 -3.88
N VAL O 22 -33.21 -24.15 -3.65
CA VAL O 22 -34.66 -24.29 -3.74
C VAL O 22 -35.31 -23.46 -2.65
N LEU O 23 -34.60 -23.31 -1.54
CA LEU O 23 -35.10 -22.53 -0.41
C LEU O 23 -34.85 -21.03 -0.66
N ALA O 24 -33.70 -20.69 -1.25
CA ALA O 24 -33.36 -19.30 -1.54
C ALA O 24 -34.33 -18.74 -2.59
N LYS O 25 -34.65 -19.56 -3.59
CA LYS O 25 -35.58 -19.19 -4.67
C LYS O 25 -36.99 -18.89 -4.08
N ALA O 26 -37.37 -19.67 -3.07
CA ALA O 26 -38.66 -19.52 -2.39
C ALA O 26 -38.78 -18.17 -1.66
N TYR O 27 -37.74 -17.77 -0.95
CA TYR O 27 -37.77 -16.48 -0.26
C TYR O 27 -37.82 -15.35 -1.28
N SER O 28 -37.10 -15.52 -2.38
CA SER O 28 -37.05 -14.51 -3.43
C SER O 28 -38.43 -14.19 -4.01
N VAL O 29 -39.12 -15.22 -4.52
CA VAL O 29 -40.45 -15.02 -5.11
C VAL O 29 -41.48 -14.54 -4.10
N GLN O 30 -41.15 -14.63 -2.81
CA GLN O 30 -42.07 -14.19 -1.76
C GLN O 30 -41.74 -12.76 -1.32
N GLY O 31 -40.73 -12.16 -1.95
CA GLY O 31 -40.37 -10.80 -1.61
C GLY O 31 -39.37 -10.60 -0.49
N ASP O 32 -38.76 -11.67 -0.01
CA ASP O 32 -37.77 -11.56 1.06
C ASP O 32 -36.39 -11.44 0.41
N LYS O 33 -36.23 -10.38 -0.40
CA LYS O 33 -35.01 -10.11 -1.16
C LYS O 33 -33.69 -10.28 -0.39
N TRP O 34 -33.60 -9.66 0.78
CA TRP O 34 -32.39 -9.70 1.59
C TRP O 34 -32.02 -11.07 2.15
N ARG O 35 -33.00 -11.82 2.63
CA ARG O 35 -32.72 -13.14 3.16
C ARG O 35 -32.26 -14.02 2.00
N ALA O 36 -32.89 -13.84 0.85
CA ALA O 36 -32.53 -14.63 -0.33
C ALA O 36 -31.08 -14.34 -0.73
N LEU O 37 -30.62 -13.11 -0.49
CA LEU O 37 -29.26 -12.76 -0.82
C LEU O 37 -28.32 -13.59 0.03
N GLY O 38 -28.49 -13.51 1.36
CA GLY O 38 -27.66 -14.27 2.27
C GLY O 38 -27.50 -15.71 1.83
N TYR O 39 -28.62 -16.31 1.40
CA TYR O 39 -28.62 -17.69 0.93
C TYR O 39 -27.77 -17.85 -0.33
N ALA O 40 -28.02 -17.00 -1.32
CA ALA O 40 -27.26 -17.05 -2.56
C ALA O 40 -25.77 -16.86 -2.27
N LYS O 41 -25.45 -16.02 -1.29
CA LYS O 41 -24.05 -15.77 -0.94
C LYS O 41 -23.44 -16.95 -0.19
N ALA O 42 -24.26 -17.62 0.61
CA ALA O 42 -23.80 -18.79 1.36
C ALA O 42 -23.58 -19.93 0.36
N ILE O 43 -24.44 -19.97 -0.66
CA ILE O 43 -24.38 -20.98 -1.70
C ILE O 43 -23.09 -20.84 -2.51
N ASN O 44 -22.80 -19.61 -2.96
CA ASN O 44 -21.60 -19.36 -3.74
C ASN O 44 -20.36 -19.68 -2.91
N ALA O 45 -20.51 -19.68 -1.60
CA ALA O 45 -19.41 -19.98 -0.69
C ALA O 45 -19.17 -21.49 -0.63
N LEU O 46 -20.25 -22.25 -0.40
CA LEU O 46 -20.14 -23.71 -0.32
C LEU O 46 -19.60 -24.28 -1.62
N LYS O 47 -20.06 -23.73 -2.74
CA LYS O 47 -19.60 -24.19 -4.05
C LYS O 47 -18.10 -24.04 -4.22
N SER O 48 -17.61 -22.81 -4.05
CA SER O 48 -16.20 -22.53 -4.21
C SER O 48 -15.32 -23.06 -3.08
N PHE O 49 -15.90 -23.86 -2.18
CA PHE O 49 -15.12 -24.42 -1.08
C PHE O 49 -14.25 -25.54 -1.66
N HIS O 50 -13.02 -25.66 -1.17
CA HIS O 50 -12.09 -26.67 -1.67
C HIS O 50 -12.32 -28.10 -1.18
N LYS O 51 -13.46 -28.36 -0.55
CA LYS O 51 -13.75 -29.71 -0.06
C LYS O 51 -15.17 -29.85 0.49
N PRO O 52 -15.64 -31.08 0.69
CA PRO O 52 -16.98 -31.33 1.21
C PRO O 52 -17.06 -30.95 2.69
N VAL O 53 -18.10 -30.21 3.07
CA VAL O 53 -18.25 -29.81 4.47
C VAL O 53 -18.61 -31.04 5.30
N THR O 54 -17.79 -31.32 6.30
CA THR O 54 -17.97 -32.49 7.15
C THR O 54 -18.66 -32.26 8.49
N SER O 55 -18.56 -31.06 9.04
CA SER O 55 -19.18 -30.79 10.33
C SER O 55 -19.72 -29.39 10.51
N TYR O 56 -20.36 -29.17 11.66
CA TYR O 56 -20.94 -27.88 11.99
C TYR O 56 -19.83 -26.83 12.11
N GLN O 57 -18.77 -27.16 12.86
CA GLN O 57 -17.67 -26.24 13.07
C GLN O 57 -16.97 -25.81 11.78
N GLU O 58 -16.76 -26.76 10.87
CA GLU O 58 -16.10 -26.43 9.62
C GLU O 58 -16.97 -25.45 8.85
N ALA O 59 -18.27 -25.70 8.86
CA ALA O 59 -19.22 -24.84 8.17
C ALA O 59 -19.09 -23.42 8.72
N CYS O 60 -19.06 -23.30 10.05
CA CYS O 60 -18.95 -21.99 10.70
C CYS O 60 -17.67 -21.20 10.37
N SER O 61 -16.66 -21.85 9.82
CA SER O 61 -15.41 -21.16 9.49
C SER O 61 -15.47 -20.53 8.10
N ILE O 62 -16.42 -20.99 7.28
CA ILE O 62 -16.58 -20.46 5.92
C ILE O 62 -17.25 -19.09 5.92
N PRO O 63 -16.57 -18.08 5.38
CA PRO O 63 -17.16 -16.73 5.34
C PRO O 63 -18.49 -16.78 4.57
N GLY O 64 -19.53 -16.19 5.14
CA GLY O 64 -20.83 -16.19 4.49
C GLY O 64 -21.73 -17.26 5.05
N ILE O 65 -21.25 -17.98 6.07
CA ILE O 65 -22.03 -19.03 6.68
C ILE O 65 -22.04 -18.90 8.20
N GLY O 66 -23.13 -18.36 8.72
CA GLY O 66 -23.27 -18.18 10.15
C GLY O 66 -23.93 -19.38 10.80
N LYS O 67 -24.12 -19.31 12.11
CA LYS O 67 -24.73 -20.41 12.86
C LYS O 67 -26.00 -20.91 12.20
N ARG O 68 -26.87 -19.96 11.83
CA ARG O 68 -28.15 -20.27 11.19
C ARG O 68 -27.99 -21.12 9.94
N MET O 69 -27.10 -20.72 9.04
CA MET O 69 -26.88 -21.45 7.80
C MET O 69 -26.14 -22.75 8.05
N ALA O 70 -25.21 -22.74 9.00
CA ALA O 70 -24.43 -23.93 9.33
C ALA O 70 -25.33 -24.99 9.96
N GLU O 71 -26.44 -24.55 10.54
CA GLU O 71 -27.38 -25.45 11.19
C GLU O 71 -28.19 -26.23 10.16
N LYS O 72 -28.52 -25.58 9.05
CA LYS O 72 -29.27 -26.21 7.97
C LYS O 72 -28.35 -27.20 7.27
N ILE O 73 -27.11 -26.78 7.06
CA ILE O 73 -26.10 -27.62 6.42
C ILE O 73 -25.97 -28.96 7.12
N ILE O 74 -25.82 -28.93 8.44
CA ILE O 74 -25.67 -30.14 9.24
C ILE O 74 -26.94 -31.02 9.25
N GLU O 75 -28.11 -30.41 9.09
CA GLU O 75 -29.35 -31.18 9.08
C GLU O 75 -29.35 -32.04 7.83
N ILE O 76 -29.00 -31.42 6.71
CA ILE O 76 -28.96 -32.12 5.43
C ILE O 76 -27.89 -33.20 5.47
N LEU O 77 -26.78 -32.87 6.10
CA LEU O 77 -25.67 -33.79 6.21
C LEU O 77 -26.04 -34.96 7.09
N GLU O 78 -27.05 -34.80 7.94
CA GLU O 78 -27.45 -35.90 8.82
C GLU O 78 -28.86 -36.40 8.55
N SER O 79 -29.43 -35.98 7.43
CA SER O 79 -30.79 -36.35 7.07
C SER O 79 -30.95 -36.56 5.57
N GLY O 80 -30.26 -35.73 4.79
CA GLY O 80 -30.37 -35.82 3.35
C GLY O 80 -31.63 -35.03 3.01
N HIS O 81 -32.31 -34.59 4.06
CA HIS O 81 -33.54 -33.82 3.96
C HIS O 81 -33.42 -32.47 4.66
N LEU O 82 -34.40 -31.61 4.46
CA LEU O 82 -34.42 -30.28 5.07
C LEU O 82 -35.85 -29.92 5.40
N ARG O 83 -36.26 -30.22 6.63
CA ARG O 83 -37.61 -29.96 7.11
C ARG O 83 -38.25 -28.69 6.54
N LYS O 84 -37.49 -27.61 6.44
CA LYS O 84 -38.02 -26.35 5.91
C LYS O 84 -38.55 -26.47 4.48
N LEU O 85 -37.98 -27.39 3.71
CA LEU O 85 -38.40 -27.58 2.32
C LEU O 85 -39.76 -28.27 2.19
N ASP O 86 -40.28 -28.78 3.30
CA ASP O 86 -41.57 -29.47 3.28
C ASP O 86 -42.71 -28.59 3.77
N HIS O 87 -42.37 -27.42 4.29
CA HIS O 87 -43.38 -26.51 4.81
C HIS O 87 -43.42 -25.21 4.00
N ILE O 88 -43.00 -25.29 2.74
CA ILE O 88 -43.01 -24.12 1.87
C ILE O 88 -44.43 -23.87 1.37
N SER O 89 -44.90 -22.63 1.57
CA SER O 89 -46.25 -22.25 1.15
C SER O 89 -46.57 -22.76 -0.25
N GLU O 90 -47.80 -23.23 -0.42
CA GLU O 90 -48.25 -23.77 -1.70
C GLU O 90 -48.31 -22.73 -2.82
N SER O 91 -48.26 -21.45 -2.44
CA SER O 91 -48.33 -20.37 -3.42
C SER O 91 -47.03 -20.11 -4.19
N VAL O 92 -45.90 -20.49 -3.61
CA VAL O 92 -44.59 -20.28 -4.24
C VAL O 92 -44.53 -20.72 -5.70
N PRO O 93 -45.06 -21.91 -6.02
CA PRO O 93 -45.01 -22.32 -7.43
C PRO O 93 -45.67 -21.32 -8.38
N VAL O 94 -46.89 -20.89 -8.01
CA VAL O 94 -47.64 -19.92 -8.81
C VAL O 94 -46.93 -18.56 -8.84
N LEU O 95 -46.40 -18.14 -7.70
CA LEU O 95 -45.67 -16.88 -7.58
C LEU O 95 -44.49 -16.90 -8.54
N GLU O 96 -43.72 -17.99 -8.50
CA GLU O 96 -42.56 -18.14 -9.36
C GLU O 96 -43.00 -18.07 -10.83
N LEU O 97 -44.08 -18.78 -11.14
CA LEU O 97 -44.63 -18.80 -12.49
C LEU O 97 -44.87 -17.36 -13.00
N PHE O 98 -45.58 -16.56 -12.20
CA PHE O 98 -45.88 -15.19 -12.55
C PHE O 98 -44.63 -14.33 -12.66
N SER O 99 -43.65 -14.63 -11.81
CA SER O 99 -42.39 -13.92 -11.81
C SER O 99 -41.58 -14.15 -13.09
N ASN O 100 -41.78 -15.30 -13.72
CA ASN O 100 -41.04 -15.60 -14.95
C ASN O 100 -41.44 -14.63 -16.06
N ILE O 101 -42.51 -13.87 -15.83
CA ILE O 101 -42.98 -12.90 -16.80
C ILE O 101 -42.12 -11.63 -16.65
N TRP O 102 -41.48 -11.21 -17.75
CA TRP O 102 -40.62 -10.02 -17.71
C TRP O 102 -41.48 -8.80 -17.41
N GLY O 103 -41.13 -8.10 -16.32
CA GLY O 103 -41.87 -6.92 -15.95
C GLY O 103 -42.72 -7.12 -14.71
N ALA O 104 -42.88 -8.38 -14.32
CA ALA O 104 -43.65 -8.69 -13.12
C ALA O 104 -42.68 -9.20 -12.06
N GLY O 105 -42.69 -8.56 -10.90
CA GLY O 105 -41.81 -8.96 -9.82
C GLY O 105 -42.65 -9.64 -8.76
N THR O 106 -42.09 -9.77 -7.56
CA THR O 106 -42.79 -10.41 -6.45
C THR O 106 -44.10 -9.68 -6.11
N LYS O 107 -44.06 -8.35 -6.15
CA LYS O 107 -45.24 -7.55 -5.84
C LYS O 107 -46.39 -7.78 -6.80
N THR O 108 -46.09 -7.86 -8.10
CA THR O 108 -47.12 -8.10 -9.09
C THR O 108 -47.66 -9.51 -8.95
N ALA O 109 -46.78 -10.45 -8.63
CA ALA O 109 -47.17 -11.86 -8.46
C ALA O 109 -48.16 -12.03 -7.31
N GLN O 110 -47.78 -11.50 -6.15
CA GLN O 110 -48.61 -11.57 -4.95
C GLN O 110 -49.98 -10.94 -5.22
N MET O 111 -50.00 -9.85 -5.97
CA MET O 111 -51.25 -9.17 -6.27
C MET O 111 -52.13 -10.06 -7.14
N TRP O 112 -51.51 -10.77 -8.09
CA TRP O 112 -52.25 -11.67 -8.97
C TRP O 112 -52.78 -12.90 -8.23
N TYR O 113 -52.02 -13.35 -7.23
CA TYR O 113 -52.43 -14.50 -6.45
C TYR O 113 -53.63 -14.10 -5.60
N GLN O 114 -53.55 -12.94 -4.97
CA GLN O 114 -54.65 -12.43 -4.15
C GLN O 114 -55.91 -12.26 -5.02
N GLN O 115 -55.70 -12.07 -6.32
CA GLN O 115 -56.81 -11.88 -7.25
C GLN O 115 -57.41 -13.19 -7.73
N GLY O 116 -56.84 -14.32 -7.27
CA GLY O 116 -57.35 -15.62 -7.66
C GLY O 116 -56.70 -16.25 -8.87
N PHE O 117 -55.76 -15.53 -9.49
CA PHE O 117 -55.05 -16.04 -10.67
C PHE O 117 -54.07 -17.14 -10.25
N ARG O 118 -53.98 -18.19 -11.06
CA ARG O 118 -53.10 -19.31 -10.76
C ARG O 118 -52.30 -19.78 -11.98
N SER O 119 -52.85 -19.61 -13.17
CA SER O 119 -52.15 -20.04 -14.39
C SER O 119 -51.88 -18.86 -15.32
N LEU O 120 -50.94 -19.04 -16.25
CA LEU O 120 -50.62 -17.99 -17.20
C LEU O 120 -51.88 -17.68 -17.99
N GLU O 121 -52.69 -18.70 -18.20
CA GLU O 121 -53.95 -18.55 -18.92
C GLU O 121 -54.85 -17.56 -18.18
N ASP O 122 -54.82 -17.60 -16.84
CA ASP O 122 -55.62 -16.69 -16.02
C ASP O 122 -55.12 -15.25 -16.20
N ILE O 123 -53.81 -15.10 -16.25
CA ILE O 123 -53.19 -13.79 -16.41
C ILE O 123 -53.51 -13.15 -17.77
N ARG O 124 -53.46 -13.96 -18.83
CA ARG O 124 -53.70 -13.48 -20.18
C ARG O 124 -55.16 -13.08 -20.43
N SER O 125 -56.09 -13.76 -19.77
CA SER O 125 -57.50 -13.47 -19.98
C SER O 125 -58.13 -12.52 -18.98
N GLN O 126 -57.61 -12.47 -17.76
CA GLN O 126 -58.21 -11.64 -16.73
C GLN O 126 -57.39 -10.47 -16.15
N ALA O 127 -56.09 -10.69 -15.95
CA ALA O 127 -55.23 -9.66 -15.38
C ALA O 127 -54.98 -8.49 -16.32
N SER O 128 -54.75 -7.31 -15.74
CA SER O 128 -54.44 -6.14 -16.53
C SER O 128 -52.92 -6.09 -16.48
N LEU O 129 -52.31 -5.95 -17.65
CA LEU O 129 -50.85 -5.94 -17.73
C LEU O 129 -50.30 -4.60 -18.21
N THR O 130 -49.09 -4.27 -17.76
CA THR O 130 -48.45 -3.05 -18.22
C THR O 130 -47.97 -3.41 -19.62
N THR O 131 -47.58 -2.41 -20.40
CA THR O 131 -47.10 -2.66 -21.74
C THR O 131 -45.96 -3.69 -21.79
N GLN O 132 -45.04 -3.61 -20.82
CA GLN O 132 -43.90 -4.53 -20.78
C GLN O 132 -44.32 -5.93 -20.38
N GLN O 133 -45.30 -6.04 -19.50
CA GLN O 133 -45.78 -7.33 -19.04
C GLN O 133 -46.48 -8.09 -20.17
N ALA O 134 -47.27 -7.38 -20.96
CA ALA O 134 -47.96 -8.00 -22.08
C ALA O 134 -46.92 -8.63 -23.00
N ILE O 135 -45.85 -7.89 -23.27
CA ILE O 135 -44.79 -8.39 -24.13
C ILE O 135 -44.07 -9.58 -23.47
N GLY O 136 -43.85 -9.47 -22.16
CA GLY O 136 -43.19 -10.53 -21.43
C GLY O 136 -44.03 -11.80 -21.42
N LEU O 137 -45.36 -11.63 -21.45
CA LEU O 137 -46.26 -12.77 -21.44
C LEU O 137 -46.29 -13.41 -22.83
N LYS O 138 -46.46 -12.59 -23.86
CA LYS O 138 -46.52 -13.07 -25.24
C LYS O 138 -45.35 -13.99 -25.58
N HIS O 139 -44.16 -13.63 -25.10
CA HIS O 139 -42.95 -14.42 -25.36
C HIS O 139 -42.49 -15.19 -24.13
N TYR O 140 -43.43 -15.56 -23.26
CA TYR O 140 -43.09 -16.28 -22.03
C TYR O 140 -42.16 -17.47 -22.27
N SER O 141 -42.58 -18.42 -23.09
CA SER O 141 -41.78 -19.61 -23.36
C SER O 141 -40.43 -19.28 -23.97
N ASP O 142 -40.44 -18.44 -25.00
CA ASP O 142 -39.22 -18.02 -25.69
C ASP O 142 -38.17 -17.42 -24.76
N PHE O 143 -38.62 -16.52 -23.87
CA PHE O 143 -37.70 -15.87 -22.95
C PHE O 143 -37.19 -16.78 -21.84
N LEU O 144 -37.97 -17.81 -21.51
CA LEU O 144 -37.61 -18.73 -20.44
C LEU O 144 -36.56 -19.78 -20.84
N GLU O 145 -36.30 -19.92 -22.13
CA GLU O 145 -35.33 -20.89 -22.61
C GLU O 145 -34.00 -20.24 -22.97
N ARG O 146 -32.90 -20.83 -22.50
CA ARG O 146 -31.57 -20.32 -22.78
C ARG O 146 -31.29 -20.60 -24.25
N MET O 147 -30.79 -19.60 -24.97
CA MET O 147 -30.48 -19.77 -26.39
C MET O 147 -29.04 -20.26 -26.54
N PRO O 148 -28.78 -21.09 -27.58
CA PRO O 148 -27.43 -21.62 -27.81
C PRO O 148 -26.46 -20.47 -28.09
N ARG O 149 -25.22 -20.63 -27.64
CA ARG O 149 -24.19 -19.61 -27.83
C ARG O 149 -24.10 -19.15 -29.29
N GLU O 150 -24.11 -20.12 -30.20
CA GLU O 150 -24.02 -19.83 -31.63
C GLU O 150 -25.06 -18.79 -32.05
N GLU O 151 -26.26 -18.89 -31.48
CA GLU O 151 -27.33 -17.95 -31.80
C GLU O 151 -27.03 -16.54 -31.31
N ALA O 152 -26.51 -16.45 -30.10
CA ALA O 152 -26.16 -15.14 -29.52
C ALA O 152 -25.16 -14.48 -30.45
N THR O 153 -24.25 -15.29 -30.99
CA THR O 153 -23.24 -14.78 -31.90
C THR O 153 -23.89 -14.17 -33.13
N GLU O 154 -24.83 -14.89 -33.74
CA GLU O 154 -25.50 -14.36 -34.93
C GLU O 154 -26.19 -13.03 -34.60
N ILE O 155 -26.79 -12.97 -33.42
CA ILE O 155 -27.47 -11.76 -32.98
C ILE O 155 -26.47 -10.61 -32.81
N GLU O 156 -25.34 -10.90 -32.16
CA GLU O 156 -24.30 -9.89 -31.96
C GLU O 156 -23.88 -9.39 -33.34
N GLN O 157 -23.63 -10.33 -34.25
CA GLN O 157 -23.21 -10.02 -35.62
C GLN O 157 -24.22 -9.13 -36.34
N THR O 158 -25.50 -9.47 -36.21
CA THR O 158 -26.55 -8.68 -36.86
C THR O 158 -26.42 -7.23 -36.42
N VAL O 159 -26.29 -7.02 -35.11
CA VAL O 159 -26.17 -5.69 -34.54
C VAL O 159 -24.88 -5.01 -34.97
N GLN O 160 -23.77 -5.73 -34.87
CA GLN O 160 -22.48 -5.15 -35.24
C GLN O 160 -22.41 -4.73 -36.71
N LYS O 161 -22.83 -5.62 -37.60
CA LYS O 161 -22.81 -5.29 -39.02
C LYS O 161 -23.66 -4.06 -39.28
N ALA O 162 -24.82 -3.98 -38.61
CA ALA O 162 -25.72 -2.86 -38.78
C ALA O 162 -25.12 -1.54 -38.29
N ALA O 163 -24.45 -1.57 -37.15
CA ALA O 163 -23.84 -0.38 -36.57
C ALA O 163 -22.58 0.05 -37.33
N GLN O 164 -21.68 -0.89 -37.59
CA GLN O 164 -20.45 -0.58 -38.30
C GLN O 164 -20.74 -0.03 -39.68
N ALA O 165 -21.98 -0.18 -40.13
CA ALA O 165 -22.39 0.33 -41.43
C ALA O 165 -22.36 1.85 -41.36
N PHE O 166 -22.80 2.41 -40.23
CA PHE O 166 -22.82 3.85 -40.03
C PHE O 166 -21.42 4.36 -39.75
N ASN O 167 -20.63 3.55 -39.07
CA ASN O 167 -19.26 3.91 -38.74
C ASN O 167 -18.46 2.63 -38.50
N SER O 168 -17.52 2.36 -39.39
CA SER O 168 -16.68 1.17 -39.31
C SER O 168 -15.69 1.22 -38.16
N GLY O 169 -15.58 2.38 -37.51
CA GLY O 169 -14.67 2.53 -36.40
C GLY O 169 -15.27 2.13 -35.07
N LEU O 170 -16.57 1.87 -35.06
CA LEU O 170 -17.26 1.47 -33.84
C LEU O 170 -16.80 0.10 -33.35
N LEU O 171 -16.85 -0.09 -32.03
CA LEU O 171 -16.45 -1.33 -31.40
C LEU O 171 -17.66 -1.95 -30.68
N CYS O 172 -18.02 -3.17 -31.06
CA CYS O 172 -19.17 -3.86 -30.49
C CYS O 172 -18.77 -5.15 -29.77
N VAL O 173 -19.26 -5.32 -28.55
CA VAL O 173 -18.93 -6.52 -27.78
C VAL O 173 -20.13 -7.09 -27.03
N ALA O 174 -20.37 -8.39 -27.22
CA ALA O 174 -21.46 -9.05 -26.54
C ALA O 174 -20.93 -9.39 -25.14
N CYS O 175 -21.63 -8.92 -24.10
CA CYS O 175 -21.20 -9.16 -22.73
C CYS O 175 -22.04 -10.24 -22.07
N GLY O 176 -22.44 -10.02 -20.82
CA GLY O 176 -23.27 -10.99 -20.11
C GLY O 176 -22.68 -12.39 -20.02
N SER O 177 -23.56 -13.38 -19.91
CA SER O 177 -23.13 -14.76 -19.81
C SER O 177 -22.37 -15.19 -21.05
N TYR O 178 -22.64 -14.52 -22.17
CA TYR O 178 -21.95 -14.84 -23.42
C TYR O 178 -20.45 -14.60 -23.27
N ARG O 179 -20.08 -13.39 -22.83
CA ARG O 179 -18.68 -13.05 -22.66
C ARG O 179 -18.04 -13.88 -21.53
N ARG O 180 -18.86 -14.34 -20.59
CA ARG O 180 -18.34 -15.17 -19.49
C ARG O 180 -18.18 -16.62 -19.93
N GLY O 181 -18.22 -16.83 -21.25
CA GLY O 181 -18.05 -18.16 -21.82
C GLY O 181 -19.04 -19.25 -21.43
N LYS O 182 -20.33 -18.98 -21.56
CA LYS O 182 -21.33 -19.99 -21.21
C LYS O 182 -21.83 -20.65 -22.48
N ALA O 183 -22.22 -21.92 -22.37
CA ALA O 183 -22.71 -22.66 -23.53
C ALA O 183 -24.03 -22.07 -24.02
N THR O 184 -24.89 -21.70 -23.09
CA THR O 184 -26.19 -21.12 -23.43
C THR O 184 -26.29 -19.71 -22.83
N CYS O 185 -27.30 -18.96 -23.25
CA CYS O 185 -27.49 -17.60 -22.77
C CYS O 185 -28.97 -17.23 -22.65
N GLY O 186 -29.32 -16.52 -21.58
CA GLY O 186 -30.70 -16.12 -21.38
C GLY O 186 -31.01 -14.85 -22.14
N ASP O 187 -29.98 -14.18 -22.64
CA ASP O 187 -30.14 -12.93 -23.38
C ASP O 187 -28.82 -12.55 -24.05
N VAL O 188 -28.81 -11.40 -24.71
CA VAL O 188 -27.62 -10.91 -25.41
C VAL O 188 -27.49 -9.41 -25.15
N ASP O 189 -26.32 -9.00 -24.67
CA ASP O 189 -26.04 -7.60 -24.35
C ASP O 189 -24.87 -7.11 -25.19
N VAL O 190 -25.17 -6.22 -26.13
CA VAL O 190 -24.13 -5.70 -27.00
C VAL O 190 -23.68 -4.29 -26.64
N LEU O 191 -22.45 -4.18 -26.16
CA LEU O 191 -21.88 -2.89 -25.78
C LEU O 191 -21.19 -2.27 -26.98
N ILE O 192 -21.40 -0.97 -27.18
CA ILE O 192 -20.80 -0.29 -28.33
C ILE O 192 -20.16 1.05 -27.94
N THR O 193 -19.01 1.33 -28.56
CA THR O 193 -18.30 2.58 -28.32
C THR O 193 -17.39 2.88 -29.49
N HIS O 194 -16.69 4.01 -29.41
CA HIS O 194 -15.75 4.40 -30.47
C HIS O 194 -14.51 4.99 -29.79
N PRO O 195 -13.32 4.57 -30.25
CA PRO O 195 -12.01 5.01 -29.75
C PRO O 195 -11.77 6.51 -29.71
N ASP O 196 -12.29 7.24 -30.70
CA ASP O 196 -12.09 8.68 -30.73
C ASP O 196 -12.81 9.39 -29.59
N GLY O 197 -13.74 8.69 -28.95
CA GLY O 197 -14.48 9.26 -27.84
C GLY O 197 -15.66 10.17 -28.18
N ARG O 198 -15.94 10.38 -29.46
CA ARG O 198 -17.04 11.24 -29.84
C ARG O 198 -17.99 10.65 -30.89
N SER O 199 -17.42 9.98 -31.88
CA SER O 199 -18.19 9.38 -32.97
C SER O 199 -19.25 8.36 -32.55
N HIS O 200 -19.31 8.04 -31.26
CA HIS O 200 -20.31 7.09 -30.79
C HIS O 200 -21.65 7.82 -30.65
N ARG O 201 -21.58 9.15 -30.67
CA ARG O 201 -22.77 9.98 -30.54
C ARG O 201 -23.66 9.99 -31.78
N GLY O 202 -24.97 9.86 -31.55
CA GLY O 202 -25.92 9.86 -32.66
C GLY O 202 -26.08 8.50 -33.33
N ILE O 203 -25.36 7.50 -32.83
CA ILE O 203 -25.43 6.15 -33.39
C ILE O 203 -26.64 5.35 -32.88
N PHE O 204 -26.91 5.46 -31.59
CA PHE O 204 -28.02 4.75 -30.94
C PHE O 204 -29.33 4.80 -31.73
N SER O 205 -29.90 6.00 -31.82
CA SER O 205 -31.16 6.19 -32.53
C SER O 205 -31.14 5.63 -33.95
N ARG O 206 -30.08 5.95 -34.70
CA ARG O 206 -29.98 5.45 -36.07
C ARG O 206 -29.90 3.92 -36.10
N LEU O 207 -29.07 3.34 -35.24
CA LEU O 207 -28.91 1.89 -35.18
C LEU O 207 -30.21 1.15 -34.88
N LEU O 208 -31.00 1.69 -33.95
CA LEU O 208 -32.26 1.08 -33.55
C LEU O 208 -33.32 1.08 -34.65
N ASP O 209 -33.45 2.22 -35.35
CA ASP O 209 -34.42 2.34 -36.43
C ASP O 209 -34.05 1.39 -37.56
N SER O 210 -32.75 1.32 -37.84
CA SER O 210 -32.25 0.45 -38.87
C SER O 210 -32.69 -0.99 -38.64
N LEU O 211 -32.37 -1.51 -37.46
CA LEU O 211 -32.71 -2.88 -37.09
C LEU O 211 -34.22 -3.11 -36.98
N ARG O 212 -34.96 -2.05 -36.68
CA ARG O 212 -36.40 -2.14 -36.53
C ARG O 212 -37.09 -2.08 -37.90
N GLN O 213 -36.34 -1.66 -38.91
CA GLN O 213 -36.85 -1.57 -40.28
C GLN O 213 -36.55 -2.89 -41.00
N GLU O 214 -35.43 -3.49 -40.61
CA GLU O 214 -34.97 -4.75 -41.17
C GLU O 214 -35.80 -5.90 -40.59
N GLY O 215 -36.71 -5.57 -39.68
CA GLY O 215 -37.55 -6.58 -39.08
C GLY O 215 -36.87 -7.38 -37.97
N PHE O 216 -35.67 -6.97 -37.60
CA PHE O 216 -34.91 -7.66 -36.55
C PHE O 216 -35.51 -7.45 -35.15
N LEU O 217 -35.77 -6.20 -34.79
CA LEU O 217 -36.36 -5.87 -33.50
C LEU O 217 -37.87 -6.08 -33.61
N THR O 218 -38.38 -7.00 -32.81
CA THR O 218 -39.80 -7.34 -32.82
C THR O 218 -40.62 -6.57 -31.79
N ASP O 219 -40.05 -6.34 -30.62
CA ASP O 219 -40.75 -5.60 -29.56
C ASP O 219 -39.79 -4.68 -28.82
N ASP O 220 -40.34 -3.65 -28.19
CA ASP O 220 -39.56 -2.69 -27.42
C ASP O 220 -40.04 -2.68 -25.97
N LEU O 221 -39.14 -3.02 -25.04
CA LEU O 221 -39.47 -3.03 -23.62
C LEU O 221 -39.17 -1.64 -23.06
N VAL O 222 -37.99 -1.13 -23.40
CA VAL O 222 -37.55 0.20 -23.01
C VAL O 222 -36.79 0.72 -24.23
N SER O 223 -37.47 1.55 -25.02
N SER O 223 -37.48 1.54 -25.01
CA SER O 223 -36.89 2.14 -26.21
CA SER O 223 -36.93 2.15 -26.21
C SER O 223 -35.57 2.84 -25.92
C SER O 223 -35.61 2.85 -25.93
N GLN O 224 -35.54 3.61 -24.84
CA GLN O 224 -34.33 4.35 -24.47
C GLN O 224 -34.18 4.71 -22.99
N GLU O 225 -32.99 4.44 -22.45
CA GLU O 225 -32.68 4.76 -21.06
C GLU O 225 -31.39 5.58 -21.08
N GLU O 226 -31.48 6.84 -20.70
CA GLU O 226 -30.27 7.67 -20.68
C GLU O 226 -29.75 7.79 -19.26
N ASN O 227 -28.63 7.13 -19.03
CA ASN O 227 -27.96 7.11 -17.72
C ASN O 227 -26.62 7.78 -17.94
N GLY O 228 -26.53 9.06 -17.62
CA GLY O 228 -25.29 9.77 -17.85
C GLY O 228 -25.11 9.80 -19.36
N GLN O 229 -23.89 9.59 -19.82
CA GLN O 229 -23.64 9.62 -21.25
C GLN O 229 -23.88 8.28 -21.94
N GLN O 230 -24.47 7.34 -21.19
CA GLN O 230 -24.78 6.02 -21.73
C GLN O 230 -26.24 5.91 -22.21
N GLN O 231 -26.42 5.24 -23.34
CA GLN O 231 -27.75 5.03 -23.92
C GLN O 231 -27.98 3.54 -23.97
N LYS O 232 -29.09 3.08 -23.40
CA LYS O 232 -29.38 1.65 -23.39
C LYS O 232 -30.73 1.31 -24.03
N TYR O 233 -30.80 0.13 -24.63
CA TYR O 233 -32.02 -0.35 -25.25
C TYR O 233 -32.34 -1.73 -24.70
N LEU O 234 -33.60 -1.92 -24.32
CA LEU O 234 -34.07 -3.20 -23.80
C LEU O 234 -35.21 -3.62 -24.71
N GLY O 235 -34.98 -4.63 -25.54
CA GLY O 235 -36.03 -5.07 -26.45
C GLY O 235 -36.04 -6.55 -26.81
N VAL O 236 -36.71 -6.86 -27.92
CA VAL O 236 -36.82 -8.23 -28.38
C VAL O 236 -36.36 -8.34 -29.83
N CYS O 237 -35.79 -9.49 -30.19
CA CYS O 237 -35.31 -9.70 -31.55
C CYS O 237 -35.57 -11.14 -31.98
N ARG O 238 -35.46 -11.37 -33.29
CA ARG O 238 -35.66 -12.70 -33.86
C ARG O 238 -34.90 -12.75 -35.17
N LEU O 239 -34.05 -13.77 -35.32
CA LEU O 239 -33.27 -13.94 -36.54
C LEU O 239 -34.13 -14.29 -37.75
N PRO O 240 -33.84 -13.71 -38.93
CA PRO O 240 -34.62 -14.01 -40.13
C PRO O 240 -34.61 -15.51 -40.44
N GLY O 241 -35.74 -16.00 -40.93
CA GLY O 241 -35.84 -17.41 -41.26
C GLY O 241 -36.82 -18.17 -40.39
N PRO O 242 -37.16 -19.42 -40.77
CA PRO O 242 -38.10 -20.28 -40.04
C PRO O 242 -37.54 -20.87 -38.75
N GLY O 243 -38.44 -21.21 -37.83
CA GLY O 243 -38.03 -21.77 -36.56
C GLY O 243 -37.11 -20.85 -35.77
N ARG O 244 -37.54 -19.59 -35.63
CA ARG O 244 -36.74 -18.60 -34.91
C ARG O 244 -37.47 -18.03 -33.70
N ARG O 245 -36.91 -18.29 -32.53
CA ARG O 245 -37.46 -17.82 -31.26
C ARG O 245 -37.22 -16.32 -31.08
N HIS O 246 -37.99 -15.71 -30.20
CA HIS O 246 -37.82 -14.29 -29.88
C HIS O 246 -36.83 -14.28 -28.71
N ARG O 247 -35.74 -13.53 -28.85
CA ARG O 247 -34.73 -13.46 -27.81
C ARG O 247 -34.56 -12.07 -27.22
N ARG O 248 -34.25 -12.02 -25.92
CA ARG O 248 -34.02 -10.78 -25.22
C ARG O 248 -32.72 -10.15 -25.70
N LEU O 249 -32.81 -8.90 -26.15
CA LEU O 249 -31.63 -8.18 -26.64
C LEU O 249 -31.46 -6.83 -25.99
N ASP O 250 -30.22 -6.57 -25.55
CA ASP O 250 -29.88 -5.30 -24.92
C ASP O 250 -28.78 -4.65 -25.75
N ILE O 251 -28.90 -3.34 -25.97
CA ILE O 251 -27.92 -2.59 -26.72
C ILE O 251 -27.51 -1.37 -25.92
N ILE O 252 -26.22 -1.29 -25.59
CA ILE O 252 -25.72 -0.17 -24.82
C ILE O 252 -24.64 0.57 -25.62
N VAL O 253 -24.73 1.89 -25.64
CA VAL O 253 -23.75 2.73 -26.33
C VAL O 253 -23.20 3.64 -25.25
N VAL O 254 -21.88 3.66 -25.12
CA VAL O 254 -21.21 4.47 -24.10
C VAL O 254 -20.01 5.23 -24.64
N PRO O 255 -19.60 6.30 -23.93
CA PRO O 255 -18.42 7.04 -24.40
C PRO O 255 -17.19 6.18 -24.12
N TYR O 256 -16.18 6.27 -24.98
CA TYR O 256 -14.98 5.46 -24.85
C TYR O 256 -14.30 5.43 -23.47
N SER O 257 -14.23 6.55 -22.78
CA SER O 257 -13.58 6.57 -21.46
C SER O 257 -14.24 5.70 -20.39
N GLU O 258 -15.49 5.29 -20.64
CA GLU O 258 -16.22 4.45 -19.68
C GLU O 258 -16.34 3.03 -20.20
N PHE O 259 -15.70 2.76 -21.34
CA PHE O 259 -15.76 1.45 -21.95
C PHE O 259 -15.36 0.31 -21.01
N ALA O 260 -14.22 0.46 -20.33
CA ALA O 260 -13.74 -0.57 -19.42
C ALA O 260 -14.75 -0.93 -18.32
N CYS O 261 -15.27 0.10 -17.65
CA CYS O 261 -16.24 -0.12 -16.59
C CYS O 261 -17.57 -0.67 -17.11
N ALA O 262 -17.97 -0.22 -18.31
CA ALA O 262 -19.20 -0.71 -18.90
C ALA O 262 -19.05 -2.21 -19.18
N LEU O 263 -17.89 -2.58 -19.73
CA LEU O 263 -17.60 -3.99 -20.03
C LEU O 263 -17.67 -4.82 -18.77
N LEU O 264 -17.03 -4.32 -17.73
CA LEU O 264 -16.99 -5.01 -16.45
C LEU O 264 -18.39 -5.12 -15.86
N TYR O 265 -19.10 -4.00 -15.84
CA TYR O 265 -20.44 -3.96 -15.30
C TYR O 265 -21.43 -4.89 -16.02
N PHE O 266 -21.49 -4.78 -17.34
CA PHE O 266 -22.42 -5.60 -18.11
C PHE O 266 -22.00 -7.04 -18.33
N THR O 267 -20.77 -7.37 -17.98
CA THR O 267 -20.30 -8.75 -18.12
C THR O 267 -20.76 -9.49 -16.86
N GLY O 268 -20.81 -8.78 -15.74
CA GLY O 268 -21.24 -9.39 -14.50
C GLY O 268 -20.37 -10.57 -14.13
N SER O 269 -20.94 -11.58 -13.49
CA SER O 269 -22.35 -11.64 -13.13
C SER O 269 -22.76 -10.59 -12.07
N ALA O 270 -24.02 -10.67 -11.65
CA ALA O 270 -24.56 -9.77 -10.65
C ALA O 270 -23.87 -9.98 -9.30
N HIS O 271 -23.52 -11.23 -9.00
CA HIS O 271 -22.84 -11.54 -7.75
C HIS O 271 -21.43 -10.96 -7.78
N PHE O 272 -20.77 -11.11 -8.92
CA PHE O 272 -19.42 -10.60 -9.09
C PHE O 272 -19.38 -9.08 -8.96
N ASN O 273 -20.32 -8.38 -9.59
CA ASN O 273 -20.37 -6.92 -9.51
C ASN O 273 -20.57 -6.50 -8.06
N ARG O 274 -21.43 -7.21 -7.35
CA ARG O 274 -21.70 -6.91 -5.95
C ARG O 274 -20.38 -7.01 -5.17
N SER O 275 -19.67 -8.13 -5.35
CA SER O 275 -18.40 -8.35 -4.67
C SER O 275 -17.44 -7.20 -4.94
N MET O 276 -17.39 -6.77 -6.20
CA MET O 276 -16.52 -5.68 -6.61
C MET O 276 -16.87 -4.38 -5.89
N ARG O 277 -18.16 -4.07 -5.83
CA ARG O 277 -18.61 -2.85 -5.16
C ARG O 277 -18.21 -2.88 -3.68
N ALA O 278 -18.40 -4.03 -3.05
CA ALA O 278 -18.05 -4.17 -1.64
C ALA O 278 -16.54 -3.93 -1.42
N LEU O 279 -15.70 -4.47 -2.30
CA LEU O 279 -14.27 -4.28 -2.15
C LEU O 279 -13.92 -2.80 -2.33
N ALA O 280 -14.39 -2.20 -3.43
CA ALA O 280 -14.13 -0.79 -3.69
C ALA O 280 -14.50 0.04 -2.47
N LYS O 281 -15.59 -0.35 -1.81
CA LYS O 281 -16.05 0.35 -0.63
C LYS O 281 -15.03 0.29 0.51
N THR O 282 -14.45 -0.89 0.75
CA THR O 282 -13.46 -1.03 1.81
C THR O 282 -12.23 -0.17 1.50
N LYS O 283 -11.92 -0.02 0.21
CA LYS O 283 -10.78 0.78 -0.23
C LYS O 283 -11.18 2.25 -0.42
N GLY O 284 -12.34 2.61 0.13
CA GLY O 284 -12.82 3.99 0.01
C GLY O 284 -13.14 4.45 -1.41
N MET O 285 -13.60 3.51 -2.24
CA MET O 285 -13.95 3.83 -3.63
C MET O 285 -15.34 3.32 -3.99
N SER O 286 -15.81 3.69 -5.18
CA SER O 286 -17.11 3.24 -5.67
C SER O 286 -16.94 2.75 -7.10
N LEU O 287 -17.75 1.77 -7.48
CA LEU O 287 -17.69 1.20 -8.82
C LEU O 287 -19.07 1.06 -9.44
N SER O 288 -19.21 1.52 -10.68
CA SER O 288 -20.47 1.44 -11.40
C SER O 288 -20.23 1.13 -12.88
N GLU O 289 -21.28 1.26 -13.68
CA GLU O 289 -21.21 1.02 -15.12
C GLU O 289 -20.43 2.15 -15.78
N HIS O 290 -20.27 3.28 -15.06
CA HIS O 290 -19.56 4.45 -15.58
C HIS O 290 -18.08 4.54 -15.24
N ALA O 291 -17.75 4.30 -13.98
CA ALA O 291 -16.38 4.45 -13.51
C ALA O 291 -16.07 3.88 -12.15
N LEU O 292 -14.77 3.91 -11.84
CA LEU O 292 -14.26 3.52 -10.53
C LEU O 292 -13.96 4.92 -10.00
N SER O 293 -14.53 5.30 -8.85
CA SER O 293 -14.31 6.63 -8.31
C SER O 293 -13.92 6.65 -6.84
N THR O 294 -13.44 7.80 -6.38
CA THR O 294 -13.08 7.94 -4.98
C THR O 294 -14.44 8.12 -4.32
N ALA O 295 -14.58 7.63 -3.09
CA ALA O 295 -15.84 7.75 -2.37
C ALA O 295 -16.37 9.19 -2.38
N VAL O 296 -17.69 9.34 -2.39
CA VAL O 296 -18.31 10.67 -2.39
C VAL O 296 -18.08 11.41 -1.08
N VAL O 297 -17.91 12.74 -1.18
CA VAL O 297 -17.68 13.58 -0.01
C VAL O 297 -18.96 13.90 0.73
N ARG O 298 -19.04 13.47 1.98
CA ARG O 298 -20.20 13.70 2.82
C ARG O 298 -20.07 14.99 3.62
N ASN O 299 -20.98 15.19 4.56
CA ASN O 299 -20.96 16.38 5.42
C ASN O 299 -21.09 15.98 6.88
N THR O 300 -21.41 16.96 7.73
CA THR O 300 -21.56 16.72 9.16
C THR O 300 -22.75 15.79 9.44
N HIS O 301 -23.79 15.89 8.61
CA HIS O 301 -24.98 15.06 8.75
C HIS O 301 -24.78 13.67 8.14
N GLY O 302 -23.86 13.58 7.19
CA GLY O 302 -23.59 12.30 6.55
C GLY O 302 -24.20 12.21 5.17
N CYS O 303 -24.75 13.32 4.69
CA CYS O 303 -25.38 13.38 3.38
C CYS O 303 -24.34 13.67 2.30
N LYS O 304 -24.54 13.10 1.11
CA LYS O 304 -23.62 13.32 0.00
C LYS O 304 -23.66 14.80 -0.37
N VAL O 305 -22.57 15.51 -0.08
CA VAL O 305 -22.47 16.93 -0.40
C VAL O 305 -21.85 17.14 -1.77
N GLY O 306 -20.98 16.23 -2.17
CA GLY O 306 -20.34 16.36 -3.47
C GLY O 306 -19.88 15.02 -4.01
N PRO O 307 -19.67 14.91 -5.34
CA PRO O 307 -19.22 13.66 -5.94
C PRO O 307 -17.72 13.40 -5.78
N GLY O 308 -17.31 12.18 -6.07
CA GLY O 308 -15.91 11.82 -5.96
C GLY O 308 -15.17 12.03 -7.28
N ARG O 309 -13.95 11.55 -7.35
CA ARG O 309 -13.16 11.68 -8.56
C ARG O 309 -13.09 10.37 -9.34
N VAL O 310 -13.29 10.47 -10.64
CA VAL O 310 -13.25 9.31 -11.52
C VAL O 310 -11.79 8.91 -11.74
N LEU O 311 -11.46 7.67 -11.43
CA LEU O 311 -10.10 7.19 -11.63
C LEU O 311 -9.97 6.62 -13.04
N PRO O 312 -9.09 7.21 -13.86
CA PRO O 312 -8.86 6.78 -15.25
C PRO O 312 -8.64 5.27 -15.40
N THR O 313 -9.50 4.62 -16.16
CA THR O 313 -9.41 3.18 -16.38
C THR O 313 -9.74 2.83 -17.83
N PRO O 314 -8.75 2.87 -18.72
CA PRO O 314 -8.97 2.56 -20.13
C PRO O 314 -9.31 1.09 -20.42
N THR O 315 -8.82 0.19 -19.58
CA THR O 315 -9.09 -1.25 -19.76
C THR O 315 -9.55 -1.84 -18.43
N GLU O 316 -10.08 -3.07 -18.48
CA GLU O 316 -10.56 -3.77 -17.28
C GLU O 316 -9.44 -4.06 -16.25
N LYS O 317 -8.29 -4.51 -16.75
CA LYS O 317 -7.16 -4.82 -15.88
C LYS O 317 -6.83 -3.61 -15.02
N ASP O 318 -7.06 -2.42 -15.56
CA ASP O 318 -6.81 -1.18 -14.86
C ASP O 318 -7.67 -1.07 -13.61
N VAL O 319 -8.90 -1.61 -13.68
CA VAL O 319 -9.82 -1.56 -12.55
C VAL O 319 -9.40 -2.53 -11.45
N PHE O 320 -9.03 -3.75 -11.83
CA PHE O 320 -8.60 -4.75 -10.84
C PHE O 320 -7.33 -4.24 -10.15
N ARG O 321 -6.50 -3.54 -10.93
CA ARG O 321 -5.24 -2.99 -10.45
C ARG O 321 -5.43 -1.92 -9.38
N LEU O 322 -6.15 -0.85 -9.72
CA LEU O 322 -6.40 0.24 -8.79
C LEU O 322 -7.11 -0.26 -7.54
N LEU O 323 -7.70 -1.45 -7.63
CA LEU O 323 -8.39 -2.07 -6.50
C LEU O 323 -7.50 -3.08 -5.77
N GLY O 324 -6.25 -3.20 -6.23
CA GLY O 324 -5.32 -4.13 -5.62
C GLY O 324 -5.89 -5.55 -5.67
N LEU O 325 -6.48 -5.90 -6.80
CA LEU O 325 -7.09 -7.21 -6.98
C LEU O 325 -6.49 -7.87 -8.21
N PRO O 326 -6.37 -9.21 -8.20
CA PRO O 326 -5.79 -9.85 -9.39
C PRO O 326 -6.81 -9.87 -10.53
N TYR O 327 -6.34 -9.62 -11.75
CA TYR O 327 -7.26 -9.64 -12.89
C TYR O 327 -7.92 -11.00 -13.01
N ARG O 328 -9.24 -11.01 -13.22
CA ARG O 328 -9.94 -12.26 -13.36
C ARG O 328 -10.60 -12.37 -14.73
N GLU O 329 -10.47 -13.54 -15.35
CA GLU O 329 -11.05 -13.80 -16.67
C GLU O 329 -12.57 -13.88 -16.64
N PRO O 330 -13.24 -13.37 -17.69
CA PRO O 330 -14.70 -13.37 -17.78
C PRO O 330 -15.34 -14.72 -17.42
N ALA O 331 -14.62 -15.81 -17.68
CA ALA O 331 -15.14 -17.15 -17.38
C ALA O 331 -15.03 -17.46 -15.90
N GLU O 332 -14.20 -16.69 -15.20
CA GLU O 332 -14.00 -16.88 -13.77
C GLU O 332 -14.87 -15.90 -12.98
N ARG O 333 -15.69 -15.14 -13.69
CA ARG O 333 -16.55 -14.14 -13.05
C ARG O 333 -17.98 -14.58 -12.74
N ASP O 334 -18.17 -15.85 -12.39
CA ASP O 334 -19.51 -16.32 -12.05
C ASP O 334 -19.94 -15.74 -10.70
N TRP O 335 -18.94 -15.35 -9.91
CA TRP O 335 -19.16 -14.74 -8.60
C TRP O 335 -17.83 -14.38 -7.97
N THR P 10 11.02 41.68 -33.22
CA THR P 10 11.33 43.11 -33.51
C THR P 10 12.01 43.78 -32.32
N ASN P 11 13.33 43.85 -32.37
CA ASN P 11 14.14 44.47 -31.30
C ASN P 11 14.12 45.99 -31.39
N HIS P 12 13.33 46.63 -30.53
CA HIS P 12 13.23 48.08 -30.49
C HIS P 12 14.37 48.69 -29.69
N ASN P 13 15.27 47.85 -29.19
CA ASN P 13 16.38 48.35 -28.39
C ASN P 13 17.75 47.91 -28.89
N LEU P 14 17.84 47.76 -30.21
CA LEU P 14 19.07 47.32 -30.86
C LEU P 14 20.26 48.23 -30.54
N HIS P 15 20.03 49.53 -30.57
CA HIS P 15 21.09 50.49 -30.30
C HIS P 15 21.71 50.28 -28.93
N ILE P 16 20.99 49.56 -28.07
CA ILE P 16 21.49 49.28 -26.74
C ILE P 16 22.02 47.87 -26.63
N THR P 17 21.21 46.88 -27.03
CA THR P 17 21.62 45.48 -26.95
C THR P 17 22.94 45.19 -27.65
N GLU P 18 23.21 45.90 -28.76
CA GLU P 18 24.46 45.69 -29.48
C GLU P 18 25.67 45.94 -28.59
N LYS P 19 25.70 47.10 -27.95
CA LYS P 19 26.81 47.46 -27.08
C LYS P 19 26.92 46.50 -25.89
N LEU P 20 25.77 46.22 -25.27
CA LEU P 20 25.74 45.33 -24.12
C LEU P 20 26.28 43.96 -24.50
N GLU P 21 25.87 43.46 -25.66
CA GLU P 21 26.30 42.16 -26.14
C GLU P 21 27.82 42.06 -26.23
N VAL P 22 28.49 43.17 -26.54
CA VAL P 22 29.95 43.16 -26.61
C VAL P 22 30.50 42.85 -25.21
N LEU P 23 29.96 43.50 -24.19
CA LEU P 23 30.38 43.29 -22.82
C LEU P 23 30.10 41.89 -22.29
N ALA P 24 28.91 41.36 -22.55
CA ALA P 24 28.56 40.03 -22.10
C ALA P 24 29.61 39.05 -22.58
N LYS P 25 29.93 39.15 -23.88
CA LYS P 25 30.91 38.27 -24.50
C LYS P 25 32.27 38.51 -23.88
N ALA P 26 32.58 39.76 -23.60
CA ALA P 26 33.84 40.12 -23.00
C ALA P 26 33.96 39.44 -21.63
N TYR P 27 32.90 39.49 -20.84
CA TYR P 27 32.92 38.86 -19.52
C TYR P 27 32.94 37.34 -19.64
N SER P 28 32.28 36.82 -20.66
CA SER P 28 32.23 35.40 -20.84
C SER P 28 33.60 34.79 -21.06
N VAL P 29 34.34 35.33 -22.02
CA VAL P 29 35.65 34.77 -22.31
C VAL P 29 36.67 34.99 -21.22
N GLN P 30 36.49 36.03 -20.40
CA GLN P 30 37.43 36.27 -19.32
C GLN P 30 37.10 35.38 -18.14
N GLY P 31 36.00 34.65 -18.23
CA GLY P 31 35.64 33.73 -17.16
C GLY P 31 34.61 34.18 -16.15
N ASP P 32 34.07 35.39 -16.29
CA ASP P 32 33.07 35.88 -15.36
C ASP P 32 31.70 35.36 -15.80
N LYS P 33 31.50 34.05 -15.64
CA LYS P 33 30.27 33.38 -16.04
C LYS P 33 28.94 33.96 -15.58
N TRP P 34 28.83 34.26 -14.27
CA TRP P 34 27.58 34.77 -13.72
C TRP P 34 27.25 36.19 -14.15
N ARG P 35 28.26 37.04 -14.24
CA ARG P 35 28.06 38.40 -14.68
C ARG P 35 27.60 38.30 -16.13
N ALA P 36 28.20 37.36 -16.85
CA ALA P 36 27.85 37.14 -18.25
C ALA P 36 26.37 36.76 -18.35
N LEU P 37 25.94 35.82 -17.50
CA LEU P 37 24.54 35.39 -17.53
C LEU P 37 23.64 36.59 -17.28
N GLY P 38 24.04 37.42 -16.32
CA GLY P 38 23.26 38.60 -15.99
C GLY P 38 23.04 39.47 -17.20
N TYR P 39 24.10 39.75 -17.94
CA TYR P 39 23.95 40.56 -19.13
C TYR P 39 23.05 39.88 -20.16
N ALA P 40 23.29 38.59 -20.37
CA ALA P 40 22.51 37.84 -21.32
C ALA P 40 21.00 37.95 -21.08
N LYS P 41 20.60 37.85 -19.82
CA LYS P 41 19.19 37.94 -19.47
C LYS P 41 18.65 39.35 -19.69
N ALA P 42 19.46 40.36 -19.38
CA ALA P 42 19.05 41.74 -19.57
C ALA P 42 18.85 42.00 -21.06
N ILE P 43 19.81 41.53 -21.86
CA ILE P 43 19.73 41.71 -23.30
C ILE P 43 18.44 41.08 -23.83
N ASN P 44 18.16 39.84 -23.42
CA ASN P 44 16.96 39.17 -23.86
C ASN P 44 15.70 39.94 -23.48
N ALA P 45 15.69 40.49 -22.26
CA ALA P 45 14.55 41.26 -21.79
C ALA P 45 14.44 42.51 -22.66
N LEU P 46 15.59 43.09 -22.99
CA LEU P 46 15.60 44.27 -23.83
C LEU P 46 15.05 43.93 -25.22
N LYS P 47 15.53 42.84 -25.79
CA LYS P 47 15.07 42.44 -27.12
C LYS P 47 13.58 42.21 -27.24
N SER P 48 12.94 41.70 -26.19
CA SER P 48 11.52 41.45 -26.31
C SER P 48 10.59 42.53 -25.75
N PHE P 49 11.16 43.62 -25.22
CA PHE P 49 10.32 44.68 -24.68
C PHE P 49 9.53 45.30 -25.84
N HIS P 50 8.24 45.56 -25.62
CA HIS P 50 7.35 46.10 -26.66
C HIS P 50 7.70 47.45 -27.26
N LYS P 51 8.53 48.24 -26.60
CA LYS P 51 8.89 49.56 -27.12
C LYS P 51 10.34 49.88 -26.75
N PRO P 52 10.91 50.95 -27.31
CA PRO P 52 12.28 51.30 -26.97
C PRO P 52 12.27 51.78 -25.53
N VAL P 53 13.29 51.44 -24.76
CA VAL P 53 13.34 51.89 -23.37
C VAL P 53 13.76 53.36 -23.38
N THR P 54 12.89 54.21 -22.83
CA THR P 54 13.14 55.64 -22.82
C THR P 54 13.45 56.28 -21.46
N SER P 55 13.47 55.49 -20.39
CA SER P 55 13.80 56.07 -19.09
C SER P 55 14.40 55.08 -18.11
N TYR P 56 15.09 55.62 -17.11
CA TYR P 56 15.71 54.81 -16.08
C TYR P 56 14.64 54.05 -15.31
N GLN P 57 13.56 54.73 -14.94
CA GLN P 57 12.49 54.09 -14.21
C GLN P 57 11.90 52.92 -15.01
N GLU P 58 11.56 53.17 -16.26
CA GLU P 58 10.98 52.12 -17.09
C GLU P 58 11.94 50.93 -17.14
N ALA P 59 13.22 51.21 -17.38
CA ALA P 59 14.23 50.16 -17.43
C ALA P 59 14.16 49.26 -16.18
N CYS P 60 14.19 49.89 -15.00
CA CYS P 60 14.15 49.16 -13.74
C CYS P 60 12.85 48.39 -13.51
N SER P 61 11.79 48.74 -14.22
CA SER P 61 10.52 48.04 -14.06
C SER P 61 10.55 46.71 -14.81
N ILE P 62 11.56 46.54 -15.65
CA ILE P 62 11.73 45.31 -16.43
C ILE P 62 12.50 44.21 -15.68
N PRO P 63 11.88 43.04 -15.49
CA PRO P 63 12.54 41.94 -14.79
C PRO P 63 13.80 41.55 -15.54
N GLY P 64 14.93 41.59 -14.86
CA GLY P 64 16.17 41.24 -15.53
C GLY P 64 17.05 42.47 -15.63
N ILE P 65 16.45 43.62 -15.34
CA ILE P 65 17.19 44.88 -15.40
C ILE P 65 17.16 45.58 -14.06
N GLY P 66 18.33 45.78 -13.47
CA GLY P 66 18.42 46.48 -12.19
C GLY P 66 19.07 47.84 -12.35
N LYS P 67 19.40 48.48 -11.22
CA LYS P 67 20.02 49.79 -11.25
C LYS P 67 21.24 49.89 -12.17
N ARG P 68 22.18 48.97 -12.03
CA ARG P 68 23.39 48.99 -12.85
C ARG P 68 23.11 48.92 -14.34
N MET P 69 22.29 47.96 -14.74
CA MET P 69 21.95 47.79 -16.13
C MET P 69 21.23 49.05 -16.60
N ALA P 70 20.40 49.62 -15.73
CA ALA P 70 19.67 50.82 -16.06
C ALA P 70 20.63 51.96 -16.34
N GLU P 71 21.69 52.08 -15.54
CA GLU P 71 22.67 53.13 -15.76
C GLU P 71 23.28 53.07 -17.15
N LYS P 72 23.62 51.86 -17.56
CA LYS P 72 24.22 51.67 -18.88
C LYS P 72 23.23 52.07 -19.95
N ILE P 73 22.00 51.57 -19.81
CA ILE P 73 20.95 51.90 -20.75
C ILE P 73 20.84 53.41 -20.91
N ILE P 74 20.76 54.11 -19.77
CA ILE P 74 20.68 55.56 -19.82
C ILE P 74 21.94 56.18 -20.41
N GLU P 75 23.12 55.71 -19.98
CA GLU P 75 24.37 56.26 -20.49
C GLU P 75 24.39 56.20 -22.01
N ILE P 76 23.92 55.09 -22.55
CA ILE P 76 23.90 54.92 -23.99
C ILE P 76 22.87 55.86 -24.58
N LEU P 77 21.65 55.80 -24.04
CA LEU P 77 20.58 56.64 -24.51
C LEU P 77 20.99 58.11 -24.57
N GLU P 78 21.85 58.56 -23.64
CA GLU P 78 22.28 59.95 -23.59
C GLU P 78 23.53 60.31 -24.40
N SER P 79 24.59 59.52 -24.27
CA SER P 79 25.84 59.81 -24.97
C SER P 79 26.02 59.05 -26.27
N GLY P 80 25.20 58.03 -26.50
CA GLY P 80 25.34 57.26 -27.71
C GLY P 80 26.48 56.26 -27.60
N HIS P 81 27.18 56.29 -26.46
CA HIS P 81 28.30 55.38 -26.23
C HIS P 81 28.28 54.76 -24.85
N LEU P 82 29.13 53.77 -24.66
CA LEU P 82 29.26 53.09 -23.38
C LEU P 82 30.75 53.05 -23.06
N ARG P 83 31.20 54.02 -22.27
CA ARG P 83 32.62 54.12 -21.92
C ARG P 83 33.24 52.80 -21.48
N LYS P 84 32.44 51.93 -20.86
CA LYS P 84 32.92 50.65 -20.38
C LYS P 84 33.68 49.85 -21.45
N LEU P 85 33.20 49.91 -22.69
CA LEU P 85 33.82 49.19 -23.78
C LEU P 85 35.25 49.66 -24.08
N ASP P 86 35.47 50.97 -23.97
CA ASP P 86 36.79 51.56 -24.22
C ASP P 86 37.81 51.09 -23.20
N HIS P 87 37.39 50.19 -22.33
CA HIS P 87 38.29 49.66 -21.29
C HIS P 87 38.33 48.14 -21.24
N ILE P 88 37.94 47.49 -22.32
CA ILE P 88 37.96 46.03 -22.38
C ILE P 88 39.39 45.55 -22.59
N SER P 89 39.86 44.65 -21.74
CA SER P 89 41.23 44.15 -21.86
C SER P 89 41.59 43.80 -23.30
N GLU P 90 42.80 44.19 -23.72
CA GLU P 90 43.26 43.93 -25.08
C GLU P 90 43.43 42.43 -25.37
N SER P 91 43.25 41.60 -24.35
CA SER P 91 43.39 40.16 -24.52
C SER P 91 42.09 39.45 -24.93
N VAL P 92 40.96 40.08 -24.63
CA VAL P 92 39.64 39.50 -24.95
C VAL P 92 39.53 38.92 -26.36
N PRO P 93 40.00 39.63 -27.38
CA PRO P 93 39.89 39.08 -28.73
C PRO P 93 40.61 37.75 -28.86
N VAL P 94 41.79 37.66 -28.25
CA VAL P 94 42.57 36.43 -28.31
C VAL P 94 41.88 35.31 -27.54
N LEU P 95 41.36 35.63 -26.36
CA LEU P 95 40.69 34.63 -25.56
C LEU P 95 39.51 34.11 -26.37
N GLU P 96 38.87 35.01 -27.13
CA GLU P 96 37.72 34.62 -27.94
C GLU P 96 38.16 33.66 -29.05
N LEU P 97 39.24 34.00 -29.72
CA LEU P 97 39.78 33.18 -30.78
C LEU P 97 40.08 31.77 -30.23
N PHE P 98 40.69 31.71 -29.06
CA PHE P 98 41.03 30.42 -28.46
C PHE P 98 39.81 29.63 -27.97
N SER P 99 38.86 30.31 -27.34
CA SER P 99 37.70 29.61 -26.84
C SER P 99 36.76 29.19 -27.97
N ASN P 100 37.00 29.69 -29.18
CA ASN P 100 36.19 29.30 -30.32
C ASN P 100 36.52 27.87 -30.74
N ILE P 101 37.58 27.30 -30.17
CA ILE P 101 37.96 25.92 -30.47
C ILE P 101 37.08 24.99 -29.62
N TRP P 102 36.34 24.10 -30.26
CA TRP P 102 35.48 23.18 -29.52
C TRP P 102 36.34 22.45 -28.52
N GLY P 103 35.96 22.48 -27.25
CA GLY P 103 36.74 21.78 -26.25
C GLY P 103 37.66 22.71 -25.46
N ALA P 104 37.79 23.96 -25.90
CA ALA P 104 38.63 24.92 -25.20
C ALA P 104 37.69 25.96 -24.60
N GLY P 105 37.70 26.07 -23.27
CA GLY P 105 36.85 27.01 -22.58
C GLY P 105 37.64 28.21 -22.12
N THR P 106 37.11 28.95 -21.15
CA THR P 106 37.80 30.12 -20.65
C THR P 106 39.12 29.82 -19.91
N LYS P 107 39.17 28.74 -19.15
CA LYS P 107 40.41 28.41 -18.43
C LYS P 107 41.55 28.07 -19.37
N THR P 108 41.27 27.26 -20.37
CA THR P 108 42.26 26.86 -21.34
C THR P 108 42.76 28.07 -22.10
N ALA P 109 41.83 28.92 -22.54
CA ALA P 109 42.22 30.12 -23.26
C ALA P 109 43.16 30.97 -22.41
N GLN P 110 42.82 31.16 -21.14
CA GLN P 110 43.65 31.96 -20.25
C GLN P 110 45.03 31.34 -20.12
N MET P 111 45.08 30.02 -20.00
CA MET P 111 46.36 29.33 -19.88
C MET P 111 47.20 29.59 -21.13
N TRP P 112 46.66 29.31 -22.31
CA TRP P 112 47.39 29.53 -23.55
C TRP P 112 47.89 30.99 -23.67
N TYR P 113 47.04 31.94 -23.31
CA TYR P 113 47.42 33.34 -23.37
C TYR P 113 48.60 33.60 -22.43
N GLN P 114 48.54 33.11 -21.20
CA GLN P 114 49.64 33.30 -20.27
C GLN P 114 50.94 32.68 -20.79
N GLN P 115 50.82 31.64 -21.61
CA GLN P 115 52.00 30.99 -22.14
C GLN P 115 52.55 31.74 -23.34
N GLY P 116 51.95 32.90 -23.63
CA GLY P 116 52.40 33.72 -24.74
C GLY P 116 51.80 33.43 -26.11
N PHE P 117 50.84 32.51 -26.19
CA PHE P 117 50.22 32.18 -27.47
C PHE P 117 49.23 33.28 -27.89
N ARG P 118 49.24 33.62 -29.18
CA ARG P 118 48.37 34.67 -29.65
C ARG P 118 47.60 34.31 -30.92
N SER P 119 47.97 33.21 -31.56
CA SER P 119 47.32 32.84 -32.81
C SER P 119 46.99 31.36 -32.88
N LEU P 120 46.11 31.01 -33.81
CA LEU P 120 45.72 29.62 -33.99
C LEU P 120 46.93 28.80 -34.45
N GLU P 121 47.88 29.46 -35.12
CA GLU P 121 49.10 28.79 -35.58
C GLU P 121 49.97 28.46 -34.36
N ASP P 122 49.95 29.36 -33.37
CA ASP P 122 50.69 29.13 -32.13
C ASP P 122 50.13 27.89 -31.45
N ILE P 123 48.81 27.82 -31.35
CA ILE P 123 48.14 26.70 -30.71
C ILE P 123 48.53 25.42 -31.42
N ARG P 124 48.40 25.41 -32.74
CA ARG P 124 48.73 24.21 -33.51
C ARG P 124 50.16 23.72 -33.32
N SER P 125 51.12 24.63 -33.37
CA SER P 125 52.51 24.23 -33.27
C SER P 125 53.15 24.09 -31.91
N GLN P 126 52.61 24.78 -30.90
CA GLN P 126 53.23 24.73 -29.57
C GLN P 126 52.36 24.32 -28.38
N ALA P 127 51.06 24.51 -28.49
CA ALA P 127 50.19 24.20 -27.37
C ALA P 127 49.93 22.72 -27.15
N SER P 128 49.66 22.39 -25.90
CA SER P 128 49.33 21.03 -25.53
C SER P 128 47.82 20.98 -25.82
N LEU P 129 47.39 19.97 -26.57
CA LEU P 129 45.97 19.87 -26.92
C LEU P 129 45.38 18.54 -26.52
N THR P 130 44.14 18.55 -26.08
CA THR P 130 43.46 17.31 -25.72
C THR P 130 42.91 16.70 -27.03
N THR P 131 42.40 15.49 -26.95
CA THR P 131 41.87 14.83 -28.13
C THR P 131 40.77 15.68 -28.76
N GLN P 132 39.87 16.22 -27.93
CA GLN P 132 38.76 17.01 -28.48
C GLN P 132 39.23 18.33 -29.06
N GLN P 133 40.12 19.01 -28.35
CA GLN P 133 40.62 20.28 -28.82
C GLN P 133 41.33 20.10 -30.17
N ALA P 134 42.04 19.00 -30.34
CA ALA P 134 42.74 18.75 -31.59
C ALA P 134 41.72 18.66 -32.70
N ILE P 135 40.60 18.00 -32.44
CA ILE P 135 39.54 17.85 -33.44
C ILE P 135 38.92 19.21 -33.69
N GLY P 136 38.67 19.97 -32.62
CA GLY P 136 38.08 21.28 -32.76
C GLY P 136 38.95 22.22 -33.59
N LEU P 137 40.26 22.11 -33.40
CA LEU P 137 41.19 22.96 -34.13
C LEU P 137 41.24 22.67 -35.64
N LYS P 138 41.37 21.39 -36.01
CA LYS P 138 41.44 21.06 -37.43
C LYS P 138 40.13 21.35 -38.16
N HIS P 139 39.06 21.60 -37.42
CA HIS P 139 37.78 21.92 -38.04
C HIS P 139 37.34 23.31 -37.60
N TYR P 140 38.30 24.12 -37.15
CA TYR P 140 38.01 25.45 -36.68
C TYR P 140 37.05 26.24 -37.60
N SER P 141 37.50 26.54 -38.82
CA SER P 141 36.67 27.30 -39.76
C SER P 141 35.28 26.71 -39.96
N ASP P 142 35.21 25.42 -40.26
CA ASP P 142 33.92 24.77 -40.45
C ASP P 142 32.99 24.96 -39.26
N PHE P 143 33.47 24.63 -38.06
CA PHE P 143 32.63 24.75 -36.88
C PHE P 143 32.15 26.16 -36.55
N LEU P 144 32.86 27.19 -37.00
CA LEU P 144 32.43 28.54 -36.71
C LEU P 144 31.27 28.97 -37.58
N GLU P 145 31.07 28.24 -38.67
CA GLU P 145 30.04 28.54 -39.63
C GLU P 145 28.68 27.93 -39.29
N ARG P 146 27.60 28.61 -39.66
CA ARG P 146 26.29 28.04 -39.39
C ARG P 146 25.91 27.45 -40.74
N MET P 147 25.27 26.27 -40.74
CA MET P 147 24.90 25.66 -42.01
C MET P 147 23.45 26.01 -42.37
N PRO P 148 23.13 26.05 -43.67
CA PRO P 148 21.74 26.37 -44.03
C PRO P 148 20.90 25.22 -43.50
N ARG P 149 19.63 25.48 -43.18
CA ARG P 149 18.84 24.40 -42.63
C ARG P 149 18.59 23.25 -43.58
N GLU P 150 18.73 23.48 -44.89
CA GLU P 150 18.51 22.39 -45.83
C GLU P 150 19.58 21.34 -45.57
N GLU P 151 20.79 21.82 -45.28
CA GLU P 151 21.87 20.90 -45.00
C GLU P 151 21.56 20.14 -43.70
N ALA P 152 20.98 20.85 -42.73
CA ALA P 152 20.65 20.21 -41.48
C ALA P 152 19.67 19.08 -41.77
N THR P 153 18.79 19.32 -42.73
CA THR P 153 17.78 18.35 -43.13
C THR P 153 18.40 17.09 -43.71
N GLU P 154 19.33 17.24 -44.64
CA GLU P 154 19.99 16.07 -45.23
C GLU P 154 20.69 15.26 -44.13
N ILE P 155 21.26 15.95 -43.15
CA ILE P 155 21.95 15.28 -42.06
C ILE P 155 20.97 14.50 -41.20
N GLU P 156 19.84 15.11 -40.87
CA GLU P 156 18.82 14.44 -40.07
C GLU P 156 18.40 13.21 -40.84
N GLN P 157 18.12 13.41 -42.13
CA GLN P 157 17.68 12.33 -43.01
C GLN P 157 18.72 11.22 -43.08
N THR P 158 19.98 11.62 -43.21
CA THR P 158 21.04 10.63 -43.28
C THR P 158 21.00 9.75 -42.03
N VAL P 159 20.86 10.37 -40.88
CA VAL P 159 20.81 9.63 -39.64
C VAL P 159 19.55 8.80 -39.54
N GLN P 160 18.42 9.38 -39.95
CA GLN P 160 17.14 8.69 -39.88
C GLN P 160 17.05 7.44 -40.76
N LYS P 161 17.58 7.52 -41.98
CA LYS P 161 17.54 6.36 -42.86
C LYS P 161 18.34 5.23 -42.23
N ALA P 162 19.56 5.53 -41.78
CA ALA P 162 20.39 4.51 -41.17
C ALA P 162 19.73 3.90 -39.94
N ALA P 163 18.98 4.69 -39.19
CA ALA P 163 18.33 4.14 -38.00
C ALA P 163 17.13 3.26 -38.34
N GLN P 164 16.27 3.74 -39.24
CA GLN P 164 15.08 3.00 -39.60
C GLN P 164 15.39 1.69 -40.30
N ALA P 165 16.61 1.55 -40.78
CA ALA P 165 17.01 0.33 -41.44
C ALA P 165 17.08 -0.78 -40.40
N PHE P 166 17.21 -0.40 -39.13
CA PHE P 166 17.26 -1.39 -38.05
C PHE P 166 15.87 -1.62 -37.49
N ASN P 167 15.04 -0.60 -37.52
CA ASN P 167 13.67 -0.71 -37.03
C ASN P 167 12.90 0.44 -37.63
N SER P 168 12.03 0.11 -38.58
CA SER P 168 11.23 1.12 -39.27
C SER P 168 10.32 1.90 -38.34
N GLY P 169 10.07 1.37 -37.15
CA GLY P 169 9.20 2.05 -36.20
C GLY P 169 9.88 3.17 -35.42
N LEU P 170 11.20 3.28 -35.52
CA LEU P 170 11.93 4.31 -34.80
C LEU P 170 11.50 5.72 -35.19
N LEU P 171 11.48 6.62 -34.22
CA LEU P 171 11.12 8.01 -34.48
C LEU P 171 12.40 8.85 -34.36
N CYS P 172 12.65 9.69 -35.35
CA CYS P 172 13.83 10.54 -35.31
C CYS P 172 13.43 12.00 -35.52
N VAL P 173 13.97 12.90 -34.70
CA VAL P 173 13.65 14.31 -34.84
C VAL P 173 14.89 15.14 -34.60
N ALA P 174 15.12 16.14 -35.45
CA ALA P 174 16.26 17.01 -35.29
C ALA P 174 15.76 18.13 -34.38
N CYS P 175 16.52 18.45 -33.32
CA CYS P 175 16.08 19.49 -32.39
C CYS P 175 16.85 20.80 -32.52
N GLY P 176 17.27 21.36 -31.38
CA GLY P 176 18.04 22.59 -31.39
C GLY P 176 17.45 23.76 -32.17
N SER P 177 18.33 24.61 -32.68
CA SER P 177 17.92 25.77 -33.44
C SER P 177 17.14 25.31 -34.66
N TYR P 178 17.50 24.16 -35.21
CA TYR P 178 16.81 23.65 -36.38
C TYR P 178 15.32 23.54 -36.10
N ARG P 179 14.96 22.80 -35.03
CA ARG P 179 13.56 22.63 -34.70
C ARG P 179 12.90 23.96 -34.39
N ARG P 180 13.69 24.94 -33.96
CA ARG P 180 13.14 26.26 -33.65
C ARG P 180 13.01 27.11 -34.92
N GLY P 181 13.11 26.46 -36.07
CA GLY P 181 12.96 27.13 -37.34
C GLY P 181 13.96 28.17 -37.84
N LYS P 182 15.19 28.15 -37.36
CA LYS P 182 16.15 29.12 -37.85
C LYS P 182 16.55 28.77 -39.28
N ALA P 183 16.99 29.76 -40.04
CA ALA P 183 17.39 29.53 -41.42
C ALA P 183 18.75 28.83 -41.48
N THR P 184 19.55 28.99 -40.43
CA THR P 184 20.88 28.39 -40.36
C THR P 184 21.07 27.74 -38.98
N CYS P 185 21.92 26.71 -38.91
CA CYS P 185 22.15 25.99 -37.66
C CYS P 185 23.61 25.74 -37.32
N GLY P 186 23.97 26.00 -36.06
CA GLY P 186 25.33 25.78 -35.62
C GLY P 186 25.68 24.30 -35.60
N ASP P 187 24.68 23.46 -35.40
CA ASP P 187 24.90 22.03 -35.37
C ASP P 187 23.59 21.31 -35.57
N VAL P 188 23.61 19.99 -35.46
CA VAL P 188 22.38 19.24 -35.60
C VAL P 188 22.32 18.21 -34.49
N ASP P 189 21.16 18.11 -33.85
CA ASP P 189 20.97 17.19 -32.74
C ASP P 189 19.79 16.29 -33.06
N VAL P 190 20.08 15.02 -33.34
CA VAL P 190 19.03 14.08 -33.69
C VAL P 190 18.58 13.25 -32.49
N LEU P 191 17.31 13.43 -32.13
CA LEU P 191 16.71 12.71 -31.01
C LEU P 191 15.98 11.50 -31.53
N ILE P 192 16.24 10.35 -30.91
CA ILE P 192 15.62 9.11 -31.36
C ILE P 192 14.95 8.31 -30.24
N THR P 193 13.80 7.74 -30.55
CA THR P 193 13.06 6.92 -29.60
C THR P 193 12.15 5.97 -30.38
N HIS P 194 11.43 5.15 -29.63
CA HIS P 194 10.50 4.19 -30.23
C HIS P 194 9.26 4.10 -29.35
N PRO P 195 8.06 4.13 -29.95
CA PRO P 195 6.77 4.05 -29.28
C PRO P 195 6.49 2.83 -28.39
N ASP P 196 7.04 1.67 -28.75
CA ASP P 196 6.79 0.49 -27.95
C ASP P 196 7.49 0.50 -26.61
N GLY P 197 8.37 1.48 -26.41
CA GLY P 197 9.07 1.59 -25.14
C GLY P 197 10.26 0.68 -24.89
N ARG P 198 10.66 -0.12 -25.87
CA ARG P 198 11.79 -1.01 -25.64
C ARG P 198 12.69 -1.24 -26.84
N SER P 199 12.18 -1.07 -28.05
CA SER P 199 13.00 -1.31 -29.23
C SER P 199 14.04 -0.24 -29.54
N HIS P 200 14.21 0.73 -28.66
CA HIS P 200 15.22 1.76 -28.87
C HIS P 200 16.52 1.20 -28.33
N ARG P 201 16.41 0.20 -27.47
CA ARG P 201 17.58 -0.43 -26.88
C ARG P 201 18.34 -1.20 -27.93
N GLY P 202 19.67 -1.10 -27.90
CA GLY P 202 20.49 -1.81 -28.86
C GLY P 202 20.65 -1.12 -30.22
N ILE P 203 20.10 0.07 -30.38
CA ILE P 203 20.19 0.78 -31.64
C ILE P 203 21.44 1.68 -31.73
N PHE P 204 21.63 2.49 -30.70
CA PHE P 204 22.75 3.43 -30.61
C PHE P 204 24.05 2.96 -31.24
N SER P 205 24.62 1.90 -30.69
CA SER P 205 25.88 1.34 -31.21
C SER P 205 25.82 0.91 -32.66
N ARG P 206 24.76 0.23 -33.05
CA ARG P 206 24.62 -0.22 -34.43
C ARG P 206 24.50 0.96 -35.37
N LEU P 207 23.76 1.98 -34.95
CA LEU P 207 23.57 3.17 -35.76
C LEU P 207 24.91 3.87 -35.96
N LEU P 208 25.72 3.97 -34.91
CA LEU P 208 27.01 4.63 -35.07
C LEU P 208 27.91 3.83 -36.01
N ASP P 209 27.92 2.50 -35.88
CA ASP P 209 28.75 1.67 -36.77
C ASP P 209 28.37 1.85 -38.23
N SER P 210 27.06 1.85 -38.48
CA SER P 210 26.55 2.02 -39.82
C SER P 210 26.93 3.40 -40.38
N LEU P 211 26.74 4.46 -39.60
CA LEU P 211 27.07 5.79 -40.09
C LEU P 211 28.57 5.89 -40.32
N ARG P 212 29.33 5.22 -39.48
CA ARG P 212 30.77 5.22 -39.58
C ARG P 212 31.19 4.46 -40.84
N GLN P 213 30.52 3.34 -41.11
CA GLN P 213 30.84 2.54 -42.27
C GLN P 213 30.65 3.25 -43.61
N GLU P 214 29.72 4.21 -43.68
CA GLU P 214 29.52 4.92 -44.94
C GLU P 214 30.36 6.18 -45.06
N GLY P 215 31.27 6.38 -44.10
CA GLY P 215 32.11 7.55 -44.15
C GLY P 215 31.42 8.83 -43.72
N PHE P 216 30.24 8.74 -43.12
CA PHE P 216 29.51 9.94 -42.69
C PHE P 216 30.10 10.56 -41.43
N LEU P 217 30.47 9.74 -40.46
CA LEU P 217 31.07 10.25 -39.21
C LEU P 217 32.58 10.30 -39.40
N THR P 218 33.16 11.48 -39.30
CA THR P 218 34.60 11.59 -39.51
C THR P 218 35.44 11.68 -38.25
N ASP P 219 34.81 12.05 -37.14
CA ASP P 219 35.51 12.17 -35.85
C ASP P 219 34.55 12.05 -34.67
N ASP P 220 35.02 11.44 -33.59
CA ASP P 220 34.20 11.31 -32.38
C ASP P 220 34.73 12.27 -31.32
N LEU P 221 33.85 13.06 -30.72
CA LEU P 221 34.26 13.96 -29.64
C LEU P 221 34.00 13.17 -28.35
N VAL P 222 32.81 12.60 -28.25
CA VAL P 222 32.46 11.73 -27.12
C VAL P 222 31.72 10.57 -27.77
N SER P 223 32.42 9.45 -27.92
CA SER P 223 31.81 8.31 -28.59
C SER P 223 30.56 7.80 -27.89
N GLN P 224 30.53 7.91 -26.56
CA GLN P 224 29.34 7.49 -25.83
C GLN P 224 29.25 8.11 -24.46
N GLU P 225 28.04 8.49 -24.09
CA GLU P 225 27.76 9.10 -22.81
C GLU P 225 26.43 8.55 -22.32
N GLU P 226 26.43 7.89 -21.17
CA GLU P 226 25.21 7.30 -20.63
C GLU P 226 24.65 8.13 -19.50
N ASN P 227 23.52 8.78 -19.75
CA ASN P 227 22.89 9.58 -18.71
C ASN P 227 21.56 8.86 -18.41
N GLY P 228 21.52 8.10 -17.31
CA GLY P 228 20.32 7.33 -17.02
C GLY P 228 20.10 6.39 -18.21
N GLN P 229 18.88 6.36 -18.74
CA GLN P 229 18.60 5.49 -19.87
C GLN P 229 18.84 6.14 -21.23
N GLN P 230 19.39 7.35 -21.21
CA GLN P 230 19.68 8.06 -22.44
C GLN P 230 21.13 7.86 -22.89
N GLN P 231 21.30 7.53 -24.17
CA GLN P 231 22.62 7.32 -24.75
C GLN P 231 22.87 8.51 -25.68
N LYS P 232 24.04 9.13 -25.55
CA LYS P 232 24.36 10.29 -26.38
C LYS P 232 25.70 10.23 -27.09
N TYR P 233 25.69 10.64 -28.36
CA TYR P 233 26.89 10.68 -29.16
C TYR P 233 27.20 12.13 -29.53
N LEU P 234 28.45 12.54 -29.37
CA LEU P 234 28.86 13.90 -29.73
C LEU P 234 29.99 13.69 -30.72
N GLY P 235 29.75 14.06 -31.98
CA GLY P 235 30.79 13.84 -32.98
C GLY P 235 30.85 14.80 -34.15
N VAL P 236 31.46 14.34 -35.23
CA VAL P 236 31.62 15.17 -36.42
C VAL P 236 31.16 14.40 -37.64
N CYS P 237 30.34 15.03 -38.48
CA CYS P 237 29.86 14.38 -39.69
C CYS P 237 30.09 15.20 -40.96
N ARG P 238 29.96 14.56 -42.10
CA ARG P 238 30.14 15.21 -43.39
C ARG P 238 29.29 14.56 -44.47
N LEU P 239 28.38 15.33 -45.06
CA LEU P 239 27.53 14.77 -46.10
C LEU P 239 28.38 14.38 -47.30
N PRO P 240 27.90 13.42 -48.09
CA PRO P 240 28.67 13.02 -49.27
C PRO P 240 28.58 14.16 -50.26
N GLY P 241 29.51 14.20 -51.21
CA GLY P 241 29.48 15.27 -52.19
C GLY P 241 30.76 16.06 -52.09
N PRO P 242 31.19 16.69 -53.20
CA PRO P 242 32.43 17.47 -53.20
C PRO P 242 32.35 18.78 -52.44
N GLY P 243 33.42 19.07 -51.70
CA GLY P 243 33.52 20.31 -50.97
C GLY P 243 32.61 20.53 -49.78
N ARG P 244 32.00 19.47 -49.26
CA ARG P 244 31.13 19.63 -48.10
C ARG P 244 31.97 19.96 -46.88
N ARG P 245 31.40 20.72 -45.95
CA ARG P 245 32.12 21.05 -44.74
C ARG P 245 31.85 19.98 -43.67
N HIS P 246 32.68 19.97 -42.63
CA HIS P 246 32.49 19.05 -41.54
C HIS P 246 31.49 19.74 -40.60
N ARG P 247 30.56 18.97 -40.05
CA ARG P 247 29.56 19.55 -39.18
C ARG P 247 29.46 18.85 -37.85
N ARG P 248 29.12 19.66 -36.87
CA ARG P 248 28.97 19.23 -35.51
C ARG P 248 27.63 18.47 -35.38
N LEU P 249 27.70 17.16 -35.10
CA LEU P 249 26.52 16.30 -34.98
C LEU P 249 26.37 15.59 -33.63
N ASP P 250 25.15 15.61 -33.10
CA ASP P 250 24.83 14.93 -31.84
C ASP P 250 23.66 13.98 -32.08
N ILE P 251 23.76 12.79 -31.51
CA ILE P 251 22.71 11.80 -31.65
C ILE P 251 22.31 11.37 -30.24
N ILE P 252 21.02 11.38 -29.96
CA ILE P 252 20.55 10.98 -28.64
C ILE P 252 19.42 9.99 -28.76
N VAL P 253 19.59 8.83 -28.12
CA VAL P 253 18.57 7.78 -28.13
C VAL P 253 18.00 7.68 -26.71
N VAL P 254 16.69 7.81 -26.59
CA VAL P 254 16.02 7.77 -25.29
C VAL P 254 14.79 6.88 -25.29
N PRO P 255 14.37 6.41 -24.12
CA PRO P 255 13.19 5.54 -24.04
C PRO P 255 11.94 6.43 -24.23
N TYR P 256 10.90 5.86 -24.81
CA TYR P 256 9.68 6.62 -25.09
C TYR P 256 9.10 7.47 -23.97
N SER P 257 9.07 6.96 -22.74
CA SER P 257 8.50 7.73 -21.65
C SER P 257 9.20 9.07 -21.41
N GLU P 258 10.43 9.21 -21.90
CA GLU P 258 11.20 10.45 -21.71
C GLU P 258 11.27 11.31 -22.97
N PHE P 259 10.57 10.88 -24.01
CA PHE P 259 10.61 11.60 -25.28
C PHE P 259 10.21 13.08 -25.18
N ALA P 260 9.07 13.36 -24.54
CA ALA P 260 8.60 14.72 -24.42
C ALA P 260 9.63 15.63 -23.75
N CYS P 261 10.19 15.19 -22.63
CA CYS P 261 11.17 16.02 -21.95
C CYS P 261 12.50 16.10 -22.71
N ALA P 262 12.86 15.03 -23.41
CA ALA P 262 14.09 15.05 -24.18
C ALA P 262 13.93 16.08 -25.28
N LEU P 263 12.79 16.02 -25.98
CA LEU P 263 12.48 16.93 -27.07
C LEU P 263 12.58 18.36 -26.60
N LEU P 264 11.92 18.61 -25.47
CA LEU P 264 11.89 19.94 -24.89
C LEU P 264 13.30 20.42 -24.56
N TYR P 265 14.04 19.58 -23.83
CA TYR P 265 15.40 19.91 -23.43
C TYR P 265 16.35 20.15 -24.59
N PHE P 266 16.35 19.26 -25.57
CA PHE P 266 17.25 19.44 -26.69
C PHE P 266 16.77 20.44 -27.71
N THR P 267 15.52 20.90 -27.59
CA THR P 267 15.05 21.91 -28.50
C THR P 267 15.52 23.27 -27.96
N GLY P 268 15.66 23.37 -26.64
CA GLY P 268 16.11 24.62 -26.05
C GLY P 268 15.16 25.78 -26.38
N SER P 269 15.67 27.01 -26.44
CA SER P 269 17.09 27.32 -26.26
C SER P 269 17.57 27.15 -24.82
N ALA P 270 18.88 27.30 -24.62
CA ALA P 270 19.45 27.20 -23.30
C ALA P 270 18.77 28.20 -22.36
N HIS P 271 18.50 29.41 -22.84
CA HIS P 271 17.83 30.42 -22.02
C HIS P 271 16.43 29.97 -21.65
N PHE P 272 15.69 29.48 -22.63
CA PHE P 272 14.33 29.02 -22.42
C PHE P 272 14.29 27.90 -21.39
N ASN P 273 15.27 26.99 -21.48
CA ASN P 273 15.39 25.88 -20.54
C ASN P 273 15.64 26.42 -19.13
N ARG P 274 16.52 27.42 -19.04
CA ARG P 274 16.85 28.04 -17.75
C ARG P 274 15.55 28.54 -17.10
N SER P 275 14.74 29.24 -17.88
CA SER P 275 13.48 29.78 -17.38
C SER P 275 12.54 28.67 -16.92
N MET P 276 12.49 27.60 -17.70
CA MET P 276 11.64 26.49 -17.37
C MET P 276 12.02 25.84 -16.04
N ARG P 277 13.32 25.66 -15.78
CA ARG P 277 13.73 25.09 -14.50
C ARG P 277 13.34 26.06 -13.39
N ALA P 278 13.59 27.36 -13.60
CA ALA P 278 13.23 28.36 -12.59
C ALA P 278 11.72 28.31 -12.25
N LEU P 279 10.87 28.22 -13.26
CA LEU P 279 9.44 28.18 -13.02
C LEU P 279 9.11 26.89 -12.28
N ALA P 280 9.62 25.77 -12.77
CA ALA P 280 9.38 24.48 -12.13
C ALA P 280 9.70 24.55 -10.64
N LYS P 281 10.77 25.26 -10.31
CA LYS P 281 11.18 25.40 -8.94
C LYS P 281 10.10 26.13 -8.13
N THR P 282 9.63 27.25 -8.63
CA THR P 282 8.61 28.01 -7.91
C THR P 282 7.40 27.14 -7.58
N LYS P 283 7.18 26.08 -8.34
CA LYS P 283 6.04 25.20 -8.08
C LYS P 283 6.44 23.89 -7.44
N GLY P 284 7.62 23.89 -6.83
CA GLY P 284 8.11 22.70 -6.16
C GLY P 284 8.29 21.49 -7.07
N MET P 285 8.82 21.74 -8.27
CA MET P 285 9.08 20.70 -9.26
C MET P 285 10.46 20.91 -9.87
N SER P 286 10.93 19.89 -10.57
CA SER P 286 12.23 19.96 -11.24
C SER P 286 12.04 19.51 -12.67
N LEU P 287 12.87 20.05 -13.56
CA LEU P 287 12.78 19.70 -14.98
C LEU P 287 14.15 19.38 -15.54
N SER P 288 14.29 18.20 -16.13
CA SER P 288 15.54 17.75 -16.70
C SER P 288 15.23 17.14 -18.07
N GLU P 289 16.26 16.67 -18.78
CA GLU P 289 16.02 16.06 -20.08
C GLU P 289 15.31 14.72 -19.89
N HIS P 290 15.25 14.29 -18.64
CA HIS P 290 14.59 12.99 -18.34
C HIS P 290 13.14 13.21 -17.92
N ALA P 291 12.91 14.16 -17.01
CA ALA P 291 11.54 14.33 -16.54
C ALA P 291 11.14 15.60 -15.77
N LEU P 292 9.82 15.74 -15.61
CA LEU P 292 9.24 16.82 -14.83
C LEU P 292 8.91 16.02 -13.58
N SER P 293 9.55 16.37 -12.48
CA SER P 293 9.32 15.64 -11.23
C SER P 293 8.95 16.58 -10.10
N THR P 294 8.38 16.01 -9.03
CA THR P 294 8.03 16.79 -7.86
C THR P 294 9.38 17.03 -7.18
N ALA P 295 9.41 17.93 -6.21
CA ALA P 295 10.64 18.26 -5.51
C ALA P 295 11.23 17.08 -4.72
N VAL P 296 12.55 17.00 -4.72
CA VAL P 296 13.27 15.95 -4.00
C VAL P 296 13.13 16.18 -2.49
N VAL P 297 12.94 15.10 -1.74
CA VAL P 297 12.78 15.20 -0.30
C VAL P 297 14.11 15.45 0.39
N ARG P 298 14.15 16.47 1.24
CA ARG P 298 15.36 16.83 1.97
C ARG P 298 15.24 16.70 3.49
N ASN P 299 16.30 16.20 4.13
CA ASN P 299 16.30 16.01 5.57
C ASN P 299 16.38 17.36 6.31
N THR P 300 16.62 17.30 7.61
CA THR P 300 16.71 18.49 8.46
C THR P 300 17.88 19.38 8.06
N HIS P 301 18.98 18.75 7.65
CA HIS P 301 20.16 19.48 7.21
C HIS P 301 19.86 20.09 5.84
N GLY P 302 18.70 19.74 5.31
CA GLY P 302 18.29 20.26 4.01
C GLY P 302 19.08 19.63 2.89
N CYS P 303 19.00 18.32 2.76
CA CYS P 303 19.74 17.62 1.72
C CYS P 303 19.00 16.44 1.10
N LYS P 304 19.37 16.14 -0.14
CA LYS P 304 18.77 15.05 -0.90
C LYS P 304 18.80 13.74 -0.13
N VAL P 305 17.64 13.30 0.31
CA VAL P 305 17.50 12.06 1.04
C VAL P 305 16.53 11.16 0.29
N GLY P 306 16.17 11.59 -0.92
CA GLY P 306 15.26 10.82 -1.75
C GLY P 306 14.88 11.56 -3.02
N PRO P 307 14.63 10.84 -4.14
CA PRO P 307 14.26 11.47 -5.40
C PRO P 307 12.79 11.83 -5.41
N GLY P 308 12.44 12.76 -6.31
CA GLY P 308 11.06 13.20 -6.47
C GLY P 308 10.31 12.16 -7.26
N ARG P 309 9.04 12.40 -7.46
CA ARG P 309 8.23 11.45 -8.18
C ARG P 309 8.03 11.90 -9.65
N VAL P 310 8.37 11.04 -10.61
CA VAL P 310 8.23 11.45 -12.00
C VAL P 310 6.79 11.75 -12.42
N LEU P 311 6.51 12.96 -12.96
CA LEU P 311 5.17 13.26 -13.42
C LEU P 311 5.05 12.85 -14.89
N PRO P 312 4.14 11.93 -15.21
CA PRO P 312 3.97 11.50 -16.59
C PRO P 312 3.75 12.69 -17.53
N THR P 313 4.49 12.72 -18.64
CA THR P 313 4.36 13.80 -19.63
C THR P 313 4.47 13.21 -21.03
N PRO P 314 3.36 12.70 -21.57
CA PRO P 314 3.34 12.09 -22.91
C PRO P 314 3.81 12.98 -24.05
N THR P 315 3.49 14.27 -23.95
CA THR P 315 3.85 15.22 -25.00
C THR P 315 4.37 16.50 -24.38
N GLU P 316 4.98 17.34 -25.20
CA GLU P 316 5.48 18.62 -24.71
C GLU P 316 4.37 19.41 -24.05
N LYS P 317 3.18 19.39 -24.64
CA LYS P 317 2.06 20.12 -24.07
C LYS P 317 1.80 19.73 -22.62
N ASP P 318 1.92 18.45 -22.32
CA ASP P 318 1.71 17.96 -20.97
C ASP P 318 2.65 18.59 -19.96
N VAL P 319 3.86 18.93 -20.39
CA VAL P 319 4.82 19.56 -19.49
C VAL P 319 4.35 20.97 -19.19
N PHE P 320 3.95 21.69 -20.24
CA PHE P 320 3.48 23.04 -20.04
C PHE P 320 2.21 23.03 -19.20
N ARG P 321 1.30 22.10 -19.48
CA ARG P 321 0.06 22.00 -18.73
C ARG P 321 0.32 21.85 -17.23
N LEU P 322 1.18 20.90 -16.88
CA LEU P 322 1.51 20.67 -15.48
C LEU P 322 2.24 21.83 -14.83
N LEU P 323 2.92 22.64 -15.63
CA LEU P 323 3.62 23.80 -15.08
C LEU P 323 2.69 24.98 -15.11
N GLY P 324 1.47 24.75 -15.60
CA GLY P 324 0.49 25.81 -15.69
C GLY P 324 0.88 26.94 -16.62
N LEU P 325 1.53 26.60 -17.72
CA LEU P 325 1.95 27.60 -18.71
C LEU P 325 1.30 27.33 -20.05
N PRO P 326 1.12 28.39 -20.85
CA PRO P 326 0.51 28.16 -22.16
C PRO P 326 1.56 27.47 -23.02
N TYR P 327 1.12 26.61 -23.93
CA TYR P 327 2.08 25.93 -24.78
C TYR P 327 2.76 26.93 -25.67
N ARG P 328 4.07 26.76 -25.82
CA ARG P 328 4.85 27.63 -26.68
C ARG P 328 5.38 26.85 -27.83
N GLU P 329 5.16 27.38 -29.02
CA GLU P 329 5.61 26.76 -30.23
C GLU P 329 7.14 26.86 -30.24
N PRO P 330 7.82 25.81 -30.71
CA PRO P 330 9.28 25.73 -30.80
C PRO P 330 9.92 27.02 -31.30
N ALA P 331 9.29 27.66 -32.28
CA ALA P 331 9.81 28.89 -32.86
C ALA P 331 9.84 30.08 -31.88
N GLU P 332 9.07 29.98 -30.81
CA GLU P 332 9.03 31.06 -29.83
C GLU P 332 9.86 30.73 -28.61
N ARG P 333 10.78 29.78 -28.72
CA ARG P 333 11.59 29.39 -27.57
C ARG P 333 13.02 29.93 -27.57
N ASP P 334 13.24 31.10 -28.15
CA ASP P 334 14.57 31.67 -28.18
C ASP P 334 15.00 31.98 -26.76
N TRP P 335 14.03 32.27 -25.92
CA TRP P 335 14.27 32.55 -24.51
C TRP P 335 12.95 32.65 -23.77
#